data_7TJ8
#
_entry.id   7TJ8
#
_cell.length_a   1.00
_cell.length_b   1.00
_cell.length_c   1.00
_cell.angle_alpha   90.00
_cell.angle_beta   90.00
_cell.angle_gamma   90.00
#
_symmetry.space_group_name_H-M   'P 1'
#
loop_
_entity.id
_entity.type
_entity.pdbx_description
1 polymer 'Sodium channel protein type 7 subunit alpha'
2 polymer 'Sodium channel subunit beta-3'
3 non-polymer '(1S)-2-{[(2-AMINOETHOXY)(HYDROXY)PHOSPHORYL]OXY}-1-[(PALMITOYLOXY)METHYL]ETHYL STEARATE'
4 non-polymer '(2S)-3-(hexadecanoyloxy)-2-[(9Z)-octadec-9-enoyloxy]propyl 2-(trimethylammonio)ethyl phosphate'
5 non-polymer 'PALMITIC ACID'
6 non-polymer 2-acetamido-2-deoxy-beta-D-glucopyranose
7 non-polymer CHOLESTEROL
#
loop_
_entity_poly.entity_id
_entity_poly.type
_entity_poly.pdbx_seq_one_letter_code
_entity_poly.pdbx_strand_id
1 'polypeptide(L)'
;MWSHPQFEKGGGSGGGSGGSAWSHPQFEKFFSFFDYKDDDDKGGSGGDYKDDDDKMLASPEPKGLVPFTKESFELIKQHI
AKTHNEDHEEEDLKPTPDLEVGKKLPFIYGNLSQGMVSEPLEDVDPYYYKKKNTFIVLNKNRTIFRFNAASILCTLSPFN
CIRRTTIKVLVHPFFQLFILISVLIDCVFMSLTNLPKWRPVLENTLLGIYTFEILVKLFARGVWAGSFSFLGDPWNWLDF
SVTVFEVIIRYSPLDFIPTLQTARTLRILKIIPLNQGLKSLVGVLIHCLKQLIGVIILTLFFLSIFSLIGMGLFMGNLKH
KCFRWPQENENETLHNRTGNPYYIRETENFYYLEGERYALLCGNRTDAGQCPEGYVCVKAGINPDQGFTNFDSFGWALFA
LFRLMAQDYPEVLYHQILYASGKVYMIFFVVVSFLFSFYMASLFLGILAMAYEEEKQRVGEISKKIEPKFQQTGKELQEG
NETDEAKTIQIEMKKRSPISTDTSLDVLEDATLRHKEELEKSKKICPLYWYKFAKTFLIWNCSPCWLKLKEFVHRIIMAP
FTDLFLIICIILNVCFLTLEHYPMSKQTNTLLNIGNLVFIGIFTAEMIFKIIAMHPYGYFQVGWNIFDSMIVFHGLIELC
LANVAGMALLRLFRMLRIFKLGKYWPTFQILMWSLSNSWVALKDLVLLLFTFIFFSAAFGMKLFGKNYEEFVCHIDKDCQ
LPRWHMHDFFHSFLNVFRILCGEWVETLWDCMEVAGQSWCIPFYLMVILIGNLLVLYLFLALVSSFSSCKDVTAEENNEA
KNLQLAVARIKKGINYVLLKILCKTQNVPKDTMDHVNEVYVKEDISDHTLSELSNTQDFLKDKEKSSGTEKNATENESQS
LIPSPSVSETVPIASGESDIENLDNKEIQSKSGDGGSKEKIKQSSSSECSTVDIAISEEEEMFYGGERSKHLKNGCRRGS
SLGQISGASKKGKIWQNIRKTCCKIVENNWFKCFIGLVTLLSTGTLAFEDIYMDQRKTIKILLEYADMIFTYIFILEMLL
KWMAYGFKAYFSNGWYRLDFVVVIVFCLSLIGKTREELKPLISMKFLRPLRVLSQFERMKVVVRALIKTTLPTLNVFLVC
LMIWLIFSIMGVDLFAGRFYECIDPTSGERFPSSEVMNKSRCESLLFNESMLWENAKMNFDNVGNGFLSLLQVATFNGWI
TIMNSAIDSVAVNIQPHFEVNIYMYCYFINFIIFGVFLPLSMLITVIIDNFNKHKIKLGGSNIFITVKQRKQYRRLKKLM
YEDSQRPVPRPLNKLQGFIFDVVTSQAFNVIVMVLICFQAIAMMIDTDVQSLQMSIALYWINSIFVMLYTMECILKLIAF
RCFYFTIAWNIFDFMVVIFSITGLCLPMTVGSYLVPPSLVQLILLSRIIHMLRLGKGPKVFHNLMLPLMLSLPALLNIIL
LIFLVMFIYAVFGMYNFAYVKKEAGINDVSNFETFGNSMLCLFQVAIFAGWDGMLDAIFNSKWSDCDPDKINPGTQVRGD
CGNPSVGIFYFVSYILISWLIIVNMYIVVVMEFLNIASKKKNKTLSEDDFRKFFQVWKRFDPDRTQYIDSSKLSDFAAAL
DPPLFMAKPNKGQLIALDLPMAVGDRIHCLDILLAFTKRVMGQDVRMEKVVSEIESGFLLANPFKITCEPITTTLKRKQE
AVSATIIQRAYKNYRLRRNDKNTSDIHMIDGDRDVHATKEGAYFDKAKEKSPIQSQI
;
A
2 'polypeptide(L)'
;MPAFNRLFPLASLVLIYWVSVCFPVCVEVPSETEAVQGNPMKLRCISCMKREEVEATTVVEWFYRPEGGKDFLIYEYRNG
HQEVESPFQGRLQWNGSKDLQDVSITVLNVTLNDSGLYTCNVSREFEFEAHRPFVKTTRLIPLRVTEEAGEDFTSVVSEI
MMYILLVFLTLWLLIEMIYCYRKVSKAEEAAQENASDYLAIPSENKENSAVPVEE
;
B
#
loop_
_chem_comp.id
_chem_comp.type
_chem_comp.name
_chem_comp.formula
CLR non-polymer CHOLESTEROL 'C27 H46 O'
NAG D-saccharide, beta linking 2-acetamido-2-deoxy-beta-D-glucopyranose 'C8 H15 N O6'
PEV non-polymer '(1S)-2-{[(2-AMINOETHOXY)(HYDROXY)PHOSPHORYL]OXY}-1-[(PALMITOYLOXY)METHYL]ETHYL STEARATE' 'C39 H78 N O8 P'
PLM non-polymer 'PALMITIC ACID' 'C16 H32 O2'
POV non-polymer '(2S)-3-(hexadecanoyloxy)-2-[(9Z)-octadec-9-enoyloxy]propyl 2-(trimethylammonio)ethyl phosphate' 'C42 H82 N O8 P'
#
# COMPACT_ATOMS: atom_id res chain seq x y z
N ILE A 162 20.87 -58.84 26.52
CA ILE A 162 20.26 -57.75 27.27
C ILE A 162 20.18 -56.49 26.40
N ARG A 163 21.33 -55.88 26.10
CA ARG A 163 21.39 -54.71 25.24
C ARG A 163 22.18 -54.96 23.96
N ARG A 164 22.53 -56.21 23.67
CA ARG A 164 23.34 -56.51 22.50
C ARG A 164 22.53 -56.48 21.21
N THR A 165 21.48 -57.29 21.13
CA THR A 165 20.73 -57.44 19.89
C THR A 165 20.06 -56.15 19.44
N THR A 166 19.87 -55.19 20.35
CA THR A 166 19.23 -53.92 20.01
C THR A 166 19.82 -53.29 18.74
N ILE A 167 21.14 -53.29 18.60
CA ILE A 167 21.78 -52.60 17.49
C ILE A 167 21.37 -53.20 16.15
N LYS A 168 21.30 -54.53 16.08
CA LYS A 168 20.93 -55.22 14.85
C LYS A 168 19.54 -54.85 14.36
N VAL A 169 18.71 -54.25 15.22
CA VAL A 169 17.45 -53.68 14.80
C VAL A 169 17.69 -52.20 14.50
N LEU A 170 18.20 -51.48 15.50
CA LEU A 170 18.17 -50.03 15.48
C LEU A 170 18.85 -49.46 14.25
N VAL A 171 19.85 -50.15 13.69
CA VAL A 171 20.62 -49.61 12.58
C VAL A 171 20.26 -50.22 11.24
N HIS A 172 19.51 -51.31 11.21
CA HIS A 172 19.00 -51.84 9.93
C HIS A 172 18.00 -50.85 9.34
N PRO A 173 18.08 -50.55 8.03
CA PRO A 173 17.31 -49.40 7.49
C PRO A 173 15.80 -49.57 7.58
N PHE A 174 15.30 -50.81 7.62
CA PHE A 174 13.87 -51.01 7.65
C PHE A 174 13.26 -50.51 8.95
N PHE A 175 14.02 -50.51 10.04
CA PHE A 175 13.50 -49.91 11.27
C PHE A 175 13.27 -48.42 11.12
N GLN A 176 14.01 -47.77 10.22
CA GLN A 176 13.70 -46.39 9.87
C GLN A 176 12.48 -46.30 8.96
N LEU A 177 12.49 -47.05 7.86
CA LEU A 177 11.42 -46.94 6.87
C LEU A 177 10.06 -47.33 7.43
N PHE A 178 10.02 -48.34 8.29
CA PHE A 178 8.75 -48.83 8.84
C PHE A 178 8.09 -47.76 9.70
N ILE A 179 8.88 -47.08 10.54
CA ILE A 179 8.33 -46.02 11.37
C ILE A 179 7.98 -44.79 10.53
N LEU A 180 8.75 -44.50 9.50
CA LEU A 180 8.37 -43.39 8.61
C LEU A 180 7.00 -43.65 8.01
N ILE A 181 6.80 -44.85 7.45
CA ILE A 181 5.50 -45.24 6.90
C ILE A 181 4.42 -45.13 7.98
N SER A 182 4.73 -45.58 9.19
CA SER A 182 3.74 -45.55 10.27
C SER A 182 3.32 -44.12 10.61
N VAL A 183 4.29 -43.21 10.69
CA VAL A 183 3.96 -41.82 10.97
C VAL A 183 3.14 -41.22 9.84
N LEU A 184 3.50 -41.53 8.59
CA LEU A 184 2.71 -40.97 7.49
C LEU A 184 1.29 -41.52 7.46
N ILE A 185 1.11 -42.74 7.95
CA ILE A 185 -0.25 -43.29 8.09
C ILE A 185 -0.98 -42.55 9.20
N ASP A 186 -0.31 -42.38 10.34
CA ASP A 186 -0.97 -41.71 11.46
C ASP A 186 -1.42 -40.32 11.04
N CYS A 187 -0.53 -39.56 10.42
CA CYS A 187 -0.82 -38.16 10.13
C CYS A 187 -1.82 -38.00 8.99
N VAL A 188 -1.89 -38.95 8.06
CA VAL A 188 -2.95 -38.90 7.06
C VAL A 188 -4.29 -39.25 7.68
N PHE A 189 -4.36 -40.39 8.38
CA PHE A 189 -5.62 -40.87 8.93
C PHE A 189 -6.15 -39.98 10.05
N MET A 190 -5.30 -39.19 10.69
CA MET A 190 -5.76 -38.24 11.69
C MET A 190 -6.44 -37.03 11.07
N SER A 191 -6.11 -36.69 9.82
CA SER A 191 -6.29 -35.33 9.35
C SER A 191 -7.05 -35.27 8.04
N LEU A 192 -6.52 -35.90 6.99
CA LEU A 192 -7.20 -35.89 5.70
C LEU A 192 -8.34 -36.91 5.66
N THR A 193 -8.98 -37.16 6.80
CA THR A 193 -10.04 -38.17 6.87
C THR A 193 -10.87 -37.92 8.10
N ASN A 194 -12.17 -38.17 7.99
CA ASN A 194 -13.10 -38.20 9.13
C ASN A 194 -13.95 -39.46 9.08
N LEU A 195 -13.30 -40.60 8.80
CA LEU A 195 -13.94 -41.89 8.73
C LEU A 195 -13.80 -42.58 10.09
N PRO A 196 -14.87 -42.66 10.90
CA PRO A 196 -14.72 -43.30 12.22
C PRO A 196 -15.11 -44.77 12.23
N LYS A 197 -15.14 -45.35 13.43
CA LYS A 197 -15.41 -46.75 13.74
C LYS A 197 -14.14 -47.55 13.50
N TRP A 198 -13.04 -46.90 13.12
CA TRP A 198 -11.73 -47.54 13.06
C TRP A 198 -10.66 -46.80 13.85
N ARG A 199 -10.99 -45.64 14.42
CA ARG A 199 -10.03 -44.87 15.21
C ARG A 199 -9.87 -45.44 16.62
N PRO A 200 -10.69 -46.39 17.07
CA PRO A 200 -10.40 -47.07 18.33
C PRO A 200 -9.58 -48.33 18.16
N VAL A 201 -9.24 -48.67 16.92
CA VAL A 201 -8.37 -49.80 16.60
C VAL A 201 -7.00 -49.32 16.16
N LEU A 202 -6.95 -48.30 15.30
CA LEU A 202 -5.68 -47.82 14.77
C LEU A 202 -4.79 -47.22 15.85
N GLU A 203 -5.36 -46.38 16.71
CA GLU A 203 -4.56 -45.72 17.74
C GLU A 203 -3.98 -46.73 18.73
N ASN A 204 -4.75 -47.76 19.07
CA ASN A 204 -4.22 -48.82 19.93
C ASN A 204 -3.17 -49.67 19.23
N THR A 205 -3.08 -49.62 17.91
CA THR A 205 -1.98 -50.25 17.17
C THR A 205 -0.72 -49.38 17.20
N LEU A 206 -0.89 -48.09 16.88
CA LEU A 206 0.28 -47.22 16.81
C LEU A 206 0.87 -46.96 18.19
N LEU A 207 0.05 -46.93 19.24
CA LEU A 207 0.59 -46.93 20.60
C LEU A 207 1.36 -48.20 20.93
N GLY A 208 1.17 -49.27 20.16
CA GLY A 208 2.06 -50.41 20.22
C GLY A 208 3.37 -50.18 19.50
N ILE A 209 3.28 -49.68 18.27
CA ILE A 209 4.48 -49.47 17.47
C ILE A 209 5.42 -48.47 18.15
N TYR A 210 4.91 -47.30 18.53
CA TYR A 210 5.77 -46.29 19.14
C TYR A 210 6.35 -46.75 20.49
N THR A 211 5.70 -47.68 21.16
CA THR A 211 6.28 -48.23 22.38
C THR A 211 7.32 -49.28 22.07
N PHE A 212 7.14 -50.04 20.98
CA PHE A 212 8.23 -50.87 20.48
C PHE A 212 9.44 -50.00 20.14
N GLU A 213 9.20 -48.81 19.60
CA GLU A 213 10.32 -47.91 19.29
C GLU A 213 11.03 -47.48 20.56
N ILE A 214 10.29 -47.06 21.58
CA ILE A 214 10.92 -46.60 22.80
C ILE A 214 11.68 -47.75 23.46
N LEU A 215 11.04 -48.91 23.59
CA LEU A 215 11.66 -50.02 24.29
C LEU A 215 12.76 -50.71 23.50
N VAL A 216 12.89 -50.42 22.20
CA VAL A 216 14.13 -50.72 21.50
C VAL A 216 15.18 -49.67 21.79
N LYS A 217 14.90 -48.42 21.43
CA LYS A 217 15.95 -47.40 21.38
C LYS A 217 16.53 -47.13 22.76
N LEU A 218 15.71 -47.19 23.82
CA LEU A 218 16.20 -46.89 25.16
C LEU A 218 17.07 -48.00 25.73
N PHE A 219 17.08 -49.19 25.13
CA PHE A 219 18.00 -50.23 25.58
C PHE A 219 19.40 -50.07 24.98
N ALA A 220 19.50 -49.55 23.76
CA ALA A 220 20.81 -49.39 23.13
C ALA A 220 21.64 -48.35 23.86
N ARG A 221 21.05 -47.18 24.12
CA ARG A 221 21.77 -46.07 24.73
C ARG A 221 21.44 -45.95 26.21
N PHE A 230 19.81 -42.28 26.59
CA PHE A 230 18.71 -42.18 25.64
C PHE A 230 18.42 -40.69 25.44
N LEU A 231 18.54 -39.92 26.51
CA LEU A 231 18.29 -38.48 26.53
C LEU A 231 19.42 -37.67 25.91
N GLY A 232 20.35 -38.31 25.18
CA GLY A 232 21.48 -37.59 24.63
C GLY A 232 21.10 -36.67 23.48
N ASP A 233 19.96 -36.91 22.84
CA ASP A 233 19.49 -36.11 21.73
C ASP A 233 18.15 -35.49 22.11
N PRO A 234 17.98 -34.18 21.97
CA PRO A 234 16.75 -33.55 22.47
C PRO A 234 15.48 -34.03 21.79
N TRP A 235 15.57 -34.55 20.56
CA TRP A 235 14.38 -35.12 19.92
C TRP A 235 13.80 -36.27 20.71
N ASN A 236 14.63 -36.99 21.46
CA ASN A 236 14.15 -38.08 22.30
C ASN A 236 13.34 -37.62 23.50
N TRP A 237 13.39 -36.33 23.85
CA TRP A 237 12.49 -35.84 24.89
C TRP A 237 11.05 -35.80 24.40
N LEU A 238 10.85 -35.36 23.15
CA LEU A 238 9.51 -35.35 22.57
C LEU A 238 8.94 -36.76 22.46
N ASP A 239 9.70 -37.66 21.82
CA ASP A 239 9.25 -39.02 21.60
C ASP A 239 8.82 -39.70 22.90
N PHE A 240 9.57 -39.49 23.98
CA PHE A 240 9.24 -40.14 25.24
C PHE A 240 8.14 -39.40 25.98
N SER A 241 8.22 -38.07 26.02
CA SER A 241 7.30 -37.30 26.85
C SER A 241 5.88 -37.29 26.28
N VAL A 242 5.72 -37.43 24.96
CA VAL A 242 4.38 -37.56 24.39
C VAL A 242 3.78 -38.93 24.75
N THR A 243 4.55 -40.00 24.51
CA THR A 243 4.00 -41.34 24.62
C THR A 243 3.78 -41.77 26.06
N VAL A 244 4.60 -41.27 26.99
CA VAL A 244 4.35 -41.58 28.40
C VAL A 244 3.06 -40.90 28.87
N PHE A 245 2.79 -39.69 28.37
CA PHE A 245 1.57 -38.99 28.77
C PHE A 245 0.34 -39.68 28.17
N GLU A 246 0.44 -40.10 26.91
CA GLU A 246 -0.66 -40.86 26.31
C GLU A 246 -0.91 -42.15 27.08
N VAL A 247 0.16 -42.88 27.42
CA VAL A 247 -0.01 -44.13 28.15
C VAL A 247 -0.57 -43.89 29.54
N ILE A 248 -0.23 -42.75 30.17
CA ILE A 248 -0.87 -42.40 31.43
C ILE A 248 -2.36 -42.16 31.24
N ILE A 249 -2.77 -41.63 30.09
CA ILE A 249 -4.20 -41.39 29.87
C ILE A 249 -4.96 -42.69 29.61
N ARG A 250 -4.79 -43.25 28.40
CA ARG A 250 -5.78 -44.19 27.86
C ARG A 250 -6.22 -45.26 28.85
N TYR A 251 -5.31 -45.78 29.65
CA TYR A 251 -5.62 -46.93 30.51
C TYR A 251 -5.89 -46.57 31.96
N SER A 252 -5.78 -45.32 32.35
CA SER A 252 -6.05 -44.89 33.71
C SER A 252 -7.41 -44.21 33.79
N PRO A 253 -7.90 -43.91 35.00
CA PRO A 253 -9.15 -43.15 35.11
C PRO A 253 -9.11 -41.76 34.49
N LEU A 254 -7.94 -41.19 34.23
CA LEU A 254 -7.91 -39.86 33.61
C LEU A 254 -8.52 -39.93 32.21
N ASP A 255 -9.06 -38.79 31.76
CA ASP A 255 -9.74 -38.76 30.47
C ASP A 255 -9.81 -37.36 29.88
N PHE A 256 -8.69 -36.65 29.84
CA PHE A 256 -8.62 -35.35 29.19
C PHE A 256 -8.65 -35.52 27.67
N ILE A 257 -9.68 -36.20 27.17
CA ILE A 257 -9.68 -36.64 25.77
C ILE A 257 -9.31 -35.52 24.81
N PRO A 258 -9.86 -34.31 24.90
CA PRO A 258 -9.45 -33.26 23.96
C PRO A 258 -7.97 -32.94 24.00
N THR A 259 -7.34 -33.05 25.17
CA THR A 259 -5.91 -32.77 25.28
C THR A 259 -5.08 -33.91 24.68
N LEU A 260 -5.52 -35.15 24.86
CA LEU A 260 -4.83 -36.29 24.27
C LEU A 260 -4.69 -36.14 22.76
N GLN A 261 -5.80 -35.84 22.08
CA GLN A 261 -5.75 -35.71 20.63
C GLN A 261 -4.93 -34.51 20.17
N THR A 262 -4.71 -33.52 21.03
CA THR A 262 -3.81 -32.43 20.68
C THR A 262 -2.36 -32.90 20.67
N ALA A 263 -1.95 -33.62 21.72
CA ALA A 263 -0.55 -34.01 21.83
C ALA A 263 -0.11 -34.89 20.67
N ARG A 264 -1.00 -35.77 20.19
CA ARG A 264 -0.63 -36.66 19.10
C ARG A 264 -0.24 -35.90 17.84
N THR A 265 -0.74 -34.68 17.67
CA THR A 265 -0.30 -33.87 16.53
C THR A 265 1.18 -33.57 16.57
N LEU A 266 1.81 -33.63 17.75
CA LEU A 266 3.24 -33.42 17.87
C LEU A 266 4.06 -34.50 17.16
N ARG A 267 3.49 -35.68 16.93
CA ARG A 267 4.22 -36.74 16.25
C ARG A 267 4.65 -36.33 14.84
N ILE A 268 3.88 -35.44 14.20
CA ILE A 268 4.20 -35.02 12.84
C ILE A 268 5.65 -34.54 12.74
N LEU A 269 6.13 -33.84 13.77
CA LEU A 269 7.49 -33.30 13.74
C LEU A 269 8.58 -34.37 13.68
N LYS A 270 8.27 -35.63 13.93
CA LYS A 270 9.27 -36.69 13.79
C LYS A 270 9.90 -36.77 12.40
N ILE A 271 9.23 -36.26 11.36
CA ILE A 271 9.83 -36.31 10.03
C ILE A 271 11.18 -35.60 10.00
N ILE A 272 11.42 -34.66 10.92
CA ILE A 272 12.70 -33.95 10.96
C ILE A 272 13.83 -34.90 11.36
N PRO A 273 13.83 -35.48 12.57
CA PRO A 273 14.95 -36.36 12.94
C PRO A 273 15.01 -37.65 12.14
N LEU A 274 13.91 -38.12 11.57
CA LEU A 274 13.93 -39.34 10.78
C LEU A 274 14.45 -39.12 9.36
N ASN A 275 14.77 -37.89 8.99
CA ASN A 275 15.41 -37.58 7.71
C ASN A 275 16.67 -36.77 7.99
N GLN A 276 17.83 -37.43 7.93
CA GLN A 276 19.07 -36.83 8.40
C GLN A 276 19.34 -35.49 7.73
N GLY A 277 18.98 -35.37 6.45
CA GLY A 277 19.13 -34.08 5.78
C GLY A 277 18.44 -32.95 6.51
N LEU A 278 17.17 -33.15 6.84
CA LEU A 278 16.42 -32.12 7.55
C LEU A 278 16.94 -31.94 8.97
N LYS A 279 17.35 -33.03 9.61
CA LYS A 279 17.88 -32.91 10.97
C LYS A 279 19.12 -32.03 11.00
N SER A 280 20.00 -32.16 10.01
CA SER A 280 21.18 -31.32 9.95
C SER A 280 20.85 -29.90 9.51
N LEU A 281 19.93 -29.75 8.57
CA LEU A 281 19.56 -28.41 8.12
C LEU A 281 18.98 -27.60 9.29
N VAL A 282 18.04 -28.19 10.02
CA VAL A 282 17.49 -27.52 11.20
C VAL A 282 18.57 -27.31 12.25
N GLY A 283 19.54 -28.23 12.34
CA GLY A 283 20.63 -28.02 13.28
C GLY A 283 21.44 -26.77 12.99
N VAL A 284 21.82 -26.58 11.72
CA VAL A 284 22.64 -25.42 11.38
C VAL A 284 21.79 -24.15 11.40
N LEU A 285 20.50 -24.26 11.13
CA LEU A 285 19.63 -23.09 11.21
C LEU A 285 19.46 -22.62 12.66
N ILE A 286 19.29 -23.56 13.59
CA ILE A 286 19.15 -23.18 15.00
C ILE A 286 20.48 -22.71 15.55
N HIS A 287 21.61 -23.28 15.07
CA HIS A 287 22.91 -22.75 15.48
C HIS A 287 23.05 -21.30 15.06
N CYS A 288 22.79 -21.00 13.78
CA CYS A 288 22.94 -19.64 13.29
C CYS A 288 21.89 -18.68 13.85
N LEU A 289 20.82 -19.18 14.46
CA LEU A 289 19.83 -18.30 15.08
C LEU A 289 20.42 -17.38 16.15
N LYS A 290 21.49 -17.79 16.83
CA LYS A 290 22.08 -16.98 17.89
C LYS A 290 22.73 -15.68 17.40
N GLN A 291 22.88 -15.48 16.09
CA GLN A 291 23.37 -14.19 15.60
C GLN A 291 22.35 -13.07 15.68
N LEU A 292 21.07 -13.37 15.89
CA LEU A 292 20.01 -12.37 15.79
C LEU A 292 19.74 -11.58 17.07
N ILE A 293 20.25 -12.01 18.23
CA ILE A 293 19.73 -11.49 19.50
C ILE A 293 19.82 -9.97 19.57
N GLY A 294 20.86 -9.37 18.99
CA GLY A 294 20.98 -7.92 19.03
C GLY A 294 19.84 -7.21 18.35
N VAL A 295 19.50 -7.64 17.13
CA VAL A 295 18.49 -6.96 16.35
C VAL A 295 17.11 -7.09 17.00
N ILE A 296 16.83 -8.24 17.61
CA ILE A 296 15.52 -8.45 18.21
C ILE A 296 15.32 -7.52 19.39
N ILE A 297 16.37 -7.31 20.19
CA ILE A 297 16.28 -6.42 21.33
C ILE A 297 16.17 -4.97 20.86
N LEU A 298 16.99 -4.57 19.88
CA LEU A 298 16.90 -3.21 19.39
C LEU A 298 15.51 -2.92 18.83
N THR A 299 14.92 -3.91 18.15
CA THR A 299 13.57 -3.75 17.61
C THR A 299 12.54 -3.60 18.72
N LEU A 300 12.66 -4.40 19.79
CA LEU A 300 11.68 -4.29 20.87
C LEU A 300 11.84 -2.98 21.63
N PHE A 301 13.08 -2.52 21.78
CA PHE A 301 13.37 -1.20 22.34
C PHE A 301 12.67 -0.09 21.55
N PHE A 302 12.87 -0.08 20.23
CA PHE A 302 12.23 0.95 19.41
C PHE A 302 10.71 0.84 19.42
N LEU A 303 10.17 -0.38 19.38
CA LEU A 303 8.72 -0.52 19.49
C LEU A 303 8.19 0.03 20.81
N SER A 304 8.95 -0.14 21.89
CA SER A 304 8.50 0.40 23.17
C SER A 304 8.53 1.93 23.16
N ILE A 305 9.55 2.52 22.56
CA ILE A 305 9.63 3.98 22.53
C ILE A 305 8.50 4.54 21.68
N PHE A 306 8.36 4.06 20.45
CA PHE A 306 7.32 4.60 19.59
C PHE A 306 5.93 4.28 20.10
N SER A 307 5.73 3.23 20.91
CA SER A 307 4.41 3.01 21.48
C SER A 307 4.15 3.93 22.66
N LEU A 308 5.20 4.36 23.37
CA LEU A 308 5.01 5.44 24.34
C LEU A 308 4.64 6.74 23.62
N ILE A 309 5.27 7.00 22.48
CA ILE A 309 4.91 8.19 21.71
C ILE A 309 3.47 8.09 21.23
N GLY A 310 3.07 6.92 20.74
CA GLY A 310 1.69 6.72 20.31
C GLY A 310 0.69 6.93 21.43
N MET A 311 1.01 6.47 22.64
CA MET A 311 0.15 6.77 23.78
C MET A 311 0.14 8.26 24.09
N GLY A 312 1.24 8.96 23.76
CA GLY A 312 1.25 10.40 23.94
C GLY A 312 0.30 11.11 23.00
N LEU A 313 0.40 10.81 21.70
CA LEU A 313 -0.35 11.55 20.70
C LEU A 313 -1.83 11.19 20.63
N PHE A 314 -2.19 9.91 20.81
CA PHE A 314 -3.50 9.41 20.38
C PHE A 314 -4.35 8.78 21.46
N MET A 315 -3.89 8.74 22.71
CA MET A 315 -4.63 8.02 23.74
C MET A 315 -6.01 8.62 23.95
N GLY A 316 -7.05 7.78 23.81
CA GLY A 316 -8.43 8.20 24.00
C GLY A 316 -9.16 8.67 22.76
N ASN A 317 -8.46 8.97 21.67
CA ASN A 317 -9.10 9.66 20.55
C ASN A 317 -10.18 8.82 19.87
N LEU A 318 -9.97 7.51 19.76
CA LEU A 318 -10.89 6.65 19.03
C LEU A 318 -12.18 6.32 19.79
N LYS A 319 -12.44 6.96 20.93
CA LYS A 319 -13.77 6.94 21.52
C LYS A 319 -14.67 8.07 21.03
N HIS A 320 -14.17 8.95 20.17
CA HIS A 320 -14.99 10.04 19.66
C HIS A 320 -16.13 9.53 18.80
N LYS A 321 -17.29 10.16 18.93
CA LYS A 321 -18.46 9.85 18.12
C LYS A 321 -19.26 11.12 17.93
N CYS A 322 -20.24 11.06 17.03
CA CYS A 322 -21.26 12.10 16.88
C CYS A 322 -22.43 11.76 17.80
N PHE A 323 -22.61 12.55 18.85
CA PHE A 323 -23.66 12.32 19.84
C PHE A 323 -24.85 13.22 19.51
N ARG A 324 -26.04 12.62 19.44
CA ARG A 324 -27.26 13.38 19.20
C ARG A 324 -27.45 14.45 20.27
N TRP A 325 -27.82 15.66 19.83
CA TRP A 325 -27.98 16.78 20.76
C TRP A 325 -28.93 17.78 20.12
N PRO A 326 -29.85 18.39 20.90
CA PRO A 326 -30.16 18.11 22.30
C PRO A 326 -30.68 16.70 22.49
N GLN A 327 -30.51 16.15 23.69
CA GLN A 327 -31.10 14.87 24.03
C GLN A 327 -32.59 15.05 24.29
N GLU A 328 -33.40 14.14 23.73
CA GLU A 328 -34.85 14.18 23.89
C GLU A 328 -35.36 12.81 24.31
N ASN A 329 -36.39 12.82 25.15
CA ASN A 329 -37.10 11.61 25.51
C ASN A 329 -38.29 11.37 24.60
N THR A 338 -34.28 -5.96 18.56
CA THR A 338 -34.09 -7.39 18.64
C THR A 338 -33.29 -7.89 17.45
N GLY A 339 -32.63 -9.03 17.61
CA GLY A 339 -31.80 -9.59 16.55
C GLY A 339 -30.71 -10.45 17.15
N ASN A 340 -29.60 -10.53 16.43
CA ASN A 340 -28.37 -11.08 16.98
C ASN A 340 -27.83 -10.14 18.05
N PRO A 341 -27.75 -10.56 19.32
CA PRO A 341 -27.33 -9.62 20.38
C PRO A 341 -25.96 -9.00 20.14
N TYR A 342 -25.10 -9.61 19.34
CA TYR A 342 -23.74 -9.12 19.14
C TYR A 342 -23.61 -8.17 17.95
N TYR A 343 -24.73 -7.71 17.41
CA TYR A 343 -24.73 -6.75 16.30
C TYR A 343 -25.74 -5.63 16.50
N ILE A 344 -26.38 -5.52 17.67
CA ILE A 344 -27.27 -4.39 17.91
C ILE A 344 -26.48 -3.10 17.87
N ARG A 345 -27.06 -2.10 17.20
CA ARG A 345 -26.51 -0.77 17.09
C ARG A 345 -27.37 0.21 17.88
N GLU A 346 -26.72 1.23 18.43
CA GLU A 346 -27.41 2.24 19.24
C GLU A 346 -27.74 3.47 18.39
N THR A 347 -28.46 3.22 17.30
CA THR A 347 -28.69 4.25 16.29
C THR A 347 -29.59 5.37 16.79
N GLU A 348 -30.29 5.18 17.92
CA GLU A 348 -31.04 6.27 18.53
C GLU A 348 -30.13 7.34 19.12
N ASN A 349 -28.90 6.99 19.48
CA ASN A 349 -28.01 7.89 20.20
C ASN A 349 -26.81 8.36 19.38
N PHE A 350 -26.33 7.55 18.44
CA PHE A 350 -25.15 7.87 17.67
C PHE A 350 -25.46 7.69 16.19
N TYR A 351 -24.63 8.31 15.35
CA TYR A 351 -24.85 8.35 13.91
C TYR A 351 -23.99 7.31 13.20
N TYR A 352 -24.62 6.50 12.35
CA TYR A 352 -23.94 5.48 11.58
C TYR A 352 -24.14 5.70 10.09
N LEU A 353 -23.10 5.40 9.31
CA LEU A 353 -23.21 5.41 7.85
C LEU A 353 -24.10 4.24 7.39
N GLU A 354 -24.22 4.10 6.07
CA GLU A 354 -25.26 3.24 5.51
C GLU A 354 -25.10 1.79 5.94
N GLY A 355 -23.87 1.27 5.89
CA GLY A 355 -23.66 -0.15 6.11
C GLY A 355 -22.64 -0.50 7.17
N GLU A 356 -22.06 0.50 7.84
CA GLU A 356 -20.92 0.22 8.68
C GLU A 356 -21.38 -0.24 10.06
N ARG A 357 -20.50 -0.98 10.72
CA ARG A 357 -20.82 -1.57 12.02
C ARG A 357 -20.57 -0.61 13.18
N TYR A 358 -19.68 0.37 13.01
CA TYR A 358 -19.25 1.24 14.09
C TYR A 358 -19.59 2.69 13.77
N ALA A 359 -19.80 3.47 14.83
CA ALA A 359 -20.19 4.86 14.67
C ALA A 359 -19.10 5.68 13.98
N LEU A 360 -19.52 6.80 13.38
CA LEU A 360 -18.62 7.68 12.66
C LEU A 360 -17.67 8.38 13.63
N LEU A 361 -16.37 8.25 13.37
CA LEU A 361 -15.37 9.01 14.10
C LEU A 361 -15.40 10.49 13.70
N CYS A 362 -15.06 11.36 14.64
CA CYS A 362 -15.04 12.80 14.40
C CYS A 362 -14.13 13.45 15.44
N GLY A 363 -13.85 14.74 15.22
CA GLY A 363 -13.01 15.49 16.13
C GLY A 363 -13.26 16.98 16.05
N ASN A 364 -12.82 17.70 17.09
CA ASN A 364 -13.08 19.14 17.18
C ASN A 364 -12.22 19.95 16.22
N ARG A 365 -11.07 19.42 15.80
CA ARG A 365 -10.13 20.16 14.98
C ARG A 365 -10.71 20.57 13.62
N THR A 366 -10.11 21.62 13.06
CA THR A 366 -10.59 22.18 11.79
C THR A 366 -10.59 21.14 10.67
N ASP A 367 -9.60 20.24 10.67
CA ASP A 367 -9.40 19.29 9.58
C ASP A 367 -9.73 17.86 9.96
N ALA A 368 -10.38 17.65 11.11
CA ALA A 368 -10.82 16.32 11.49
C ALA A 368 -12.08 15.97 10.71
N GLY A 369 -12.76 14.89 11.14
CA GLY A 369 -14.09 14.62 10.63
C GLY A 369 -15.06 15.70 11.01
N GLN A 370 -16.25 15.61 10.42
CA GLN A 370 -17.28 16.63 10.58
C GLN A 370 -18.61 15.95 10.87
N CYS A 371 -19.33 16.49 11.85
CA CYS A 371 -20.61 15.91 12.22
C CYS A 371 -21.67 16.26 11.18
N PRO A 372 -22.68 15.40 11.01
CA PRO A 372 -23.92 15.86 10.40
C PRO A 372 -24.58 16.91 11.28
N GLU A 373 -25.52 17.64 10.69
CA GLU A 373 -26.20 18.70 11.42
C GLU A 373 -27.06 18.10 12.53
N GLY A 374 -27.07 18.77 13.69
CA GLY A 374 -27.78 18.30 14.86
C GLY A 374 -27.03 17.31 15.73
N TYR A 375 -25.72 17.10 15.50
CA TYR A 375 -24.89 16.25 16.33
C TYR A 375 -23.68 17.02 16.83
N VAL A 376 -23.18 16.62 18.01
CA VAL A 376 -22.00 17.22 18.61
C VAL A 376 -20.99 16.14 18.96
N CYS A 377 -19.71 16.50 18.91
CA CYS A 377 -18.62 15.57 19.18
C CYS A 377 -18.48 15.34 20.68
N VAL A 378 -18.37 14.07 21.07
CA VAL A 378 -18.22 13.68 22.47
C VAL A 378 -17.35 12.44 22.53
N LYS A 379 -16.68 12.23 23.66
CA LYS A 379 -15.97 10.98 23.94
C LYS A 379 -16.88 10.06 24.72
N ALA A 380 -17.31 8.97 24.11
CA ALA A 380 -18.21 8.05 24.79
C ALA A 380 -18.08 6.65 24.21
N GLY A 381 -18.36 5.67 25.06
CA GLY A 381 -18.53 4.27 24.68
C GLY A 381 -17.29 3.51 24.22
N ILE A 382 -17.58 2.44 23.48
CA ILE A 382 -16.59 1.43 23.13
C ILE A 382 -15.72 1.90 21.97
N ASN A 383 -14.52 1.32 21.89
CA ASN A 383 -13.65 1.49 20.73
C ASN A 383 -14.14 0.64 19.57
N PRO A 384 -13.59 0.85 18.38
CA PRO A 384 -13.88 -0.05 17.25
C PRO A 384 -13.41 -1.49 17.49
N ASP A 385 -13.64 -2.35 16.49
CA ASP A 385 -12.98 -3.65 16.40
C ASP A 385 -13.06 -4.42 17.71
N GLN A 386 -14.23 -4.40 18.32
CA GLN A 386 -14.49 -5.08 19.59
C GLN A 386 -13.54 -4.63 20.70
N GLY A 387 -12.91 -3.47 20.55
CA GLY A 387 -11.97 -2.98 21.53
C GLY A 387 -10.51 -3.20 21.19
N PHE A 388 -10.20 -4.06 20.22
CA PHE A 388 -8.82 -4.47 19.99
C PHE A 388 -7.99 -3.40 19.29
N THR A 389 -8.61 -2.36 18.73
CA THR A 389 -7.88 -1.27 18.08
C THR A 389 -8.01 -0.02 18.94
N ASN A 390 -6.97 0.26 19.73
CA ASN A 390 -6.96 1.43 20.60
C ASN A 390 -5.51 1.73 20.97
N PHE A 391 -5.30 2.93 21.53
CA PHE A 391 -4.05 3.31 22.15
C PHE A 391 -4.23 3.63 23.63
N ASP A 392 -5.26 3.10 24.26
CA ASP A 392 -5.66 3.52 25.60
C ASP A 392 -4.79 2.90 26.69
N SER A 393 -3.86 2.03 26.33
CA SER A 393 -2.89 1.51 27.30
C SER A 393 -1.70 0.96 26.54
N PHE A 394 -0.58 0.84 27.25
CA PHE A 394 0.50 -0.03 26.80
C PHE A 394 -0.04 -1.45 26.60
N GLY A 395 0.72 -2.26 25.88
CA GLY A 395 0.20 -3.52 25.39
C GLY A 395 -0.54 -3.39 24.08
N TRP A 396 -1.78 -2.89 24.10
CA TRP A 396 -2.51 -2.71 22.85
C TRP A 396 -1.81 -1.72 21.92
N ALA A 397 -1.14 -0.70 22.47
CA ALA A 397 -0.32 0.17 21.62
C ALA A 397 0.83 -0.60 20.98
N LEU A 398 1.39 -1.58 21.71
CA LEU A 398 2.46 -2.39 21.14
C LEU A 398 1.91 -3.31 20.07
N PHE A 399 0.66 -3.76 20.24
CA PHE A 399 -0.03 -4.52 19.20
C PHE A 399 -0.21 -3.67 17.95
N ALA A 400 -0.58 -2.40 18.13
CA ALA A 400 -0.77 -1.52 16.99
C ALA A 400 0.54 -1.25 16.27
N LEU A 401 1.63 -1.06 17.01
CA LEU A 401 2.90 -0.83 16.34
C LEU A 401 3.45 -2.08 15.69
N PHE A 402 3.22 -3.26 16.27
CA PHE A 402 3.62 -4.48 15.57
C PHE A 402 2.82 -4.65 14.29
N ARG A 403 1.55 -4.21 14.32
CA ARG A 403 0.74 -4.24 13.11
C ARG A 403 1.30 -3.30 12.06
N LEU A 404 1.72 -2.11 12.47
CA LEU A 404 2.27 -1.13 11.53
C LEU A 404 3.62 -1.56 10.99
N MET A 405 4.44 -2.25 11.79
CA MET A 405 5.72 -2.73 11.29
C MET A 405 5.54 -3.71 10.15
N ALA A 406 4.60 -4.65 10.30
CA ALA A 406 4.19 -5.51 9.20
C ALA A 406 3.45 -4.76 8.11
N GLN A 407 3.04 -3.52 8.37
CA GLN A 407 2.08 -2.79 7.53
C GLN A 407 1.03 -3.74 6.95
N ASP A 408 0.30 -4.39 7.85
CA ASP A 408 -0.76 -5.31 7.50
C ASP A 408 -2.10 -4.61 7.64
N TYR A 409 -2.84 -4.51 6.53
CA TYR A 409 -4.17 -3.92 6.51
C TYR A 409 -4.19 -2.59 7.28
N PRO A 410 -3.25 -1.68 6.99
CA PRO A 410 -3.09 -0.47 7.81
C PRO A 410 -4.06 0.65 7.49
N GLU A 411 -4.54 0.70 6.25
CA GLU A 411 -5.20 1.92 5.76
C GLU A 411 -6.47 2.25 6.53
N VAL A 412 -7.13 1.25 7.13
CA VAL A 412 -8.29 1.57 7.95
C VAL A 412 -7.86 2.23 9.25
N LEU A 413 -6.65 1.93 9.71
CA LEU A 413 -6.16 2.59 10.92
C LEU A 413 -5.80 4.04 10.61
N TYR A 414 -5.17 4.27 9.46
CA TYR A 414 -4.92 5.65 9.02
C TYR A 414 -6.24 6.41 8.91
N HIS A 415 -7.25 5.80 8.29
CA HIS A 415 -8.54 6.47 8.17
C HIS A 415 -9.12 6.81 9.54
N GLN A 416 -9.06 5.88 10.50
CA GLN A 416 -9.65 6.15 11.80
C GLN A 416 -8.89 7.24 12.54
N ILE A 417 -7.56 7.20 12.48
CA ILE A 417 -6.78 8.23 13.17
C ILE A 417 -6.99 9.59 12.53
N LEU A 418 -7.02 9.66 11.19
CA LEU A 418 -7.20 10.92 10.50
C LEU A 418 -8.64 11.40 10.54
N TYR A 419 -9.57 10.58 11.03
CA TYR A 419 -10.91 11.07 11.33
C TYR A 419 -11.03 11.53 12.78
N ALA A 420 -10.28 10.90 13.68
CA ALA A 420 -10.29 11.32 15.08
C ALA A 420 -9.37 12.49 15.35
N SER A 421 -8.44 12.77 14.44
CA SER A 421 -7.49 13.86 14.62
C SER A 421 -7.03 14.32 13.24
N GLY A 422 -6.39 15.49 13.22
CA GLY A 422 -6.13 16.17 11.97
C GLY A 422 -5.18 15.40 11.07
N LYS A 423 -5.17 15.81 9.80
CA LYS A 423 -4.21 15.29 8.83
C LYS A 423 -2.77 15.54 9.25
N VAL A 424 -2.53 16.53 10.11
CA VAL A 424 -1.17 16.85 10.55
C VAL A 424 -0.48 15.63 11.16
N TYR A 425 -1.24 14.72 11.77
CA TYR A 425 -0.63 13.56 12.42
C TYR A 425 -0.11 12.53 11.43
N MET A 426 -0.33 12.73 10.13
CA MET A 426 0.15 11.79 9.11
C MET A 426 1.68 11.66 9.12
N ILE A 427 2.38 12.64 9.69
CA ILE A 427 3.84 12.57 9.82
C ILE A 427 4.27 11.35 10.62
N PHE A 428 3.49 10.99 11.64
CA PHE A 428 3.86 9.90 12.53
C PHE A 428 3.97 8.58 11.78
N PHE A 429 2.96 8.25 10.96
CA PHE A 429 2.98 6.97 10.28
C PHE A 429 4.07 6.91 9.22
N VAL A 430 4.44 8.06 8.62
CA VAL A 430 5.55 8.08 7.68
C VAL A 430 6.85 7.75 8.40
N VAL A 431 7.11 8.42 9.52
CA VAL A 431 8.34 8.14 10.26
C VAL A 431 8.36 6.69 10.73
N VAL A 432 7.23 6.19 11.23
CA VAL A 432 7.17 4.81 11.69
C VAL A 432 7.46 3.84 10.56
N SER A 433 6.84 4.05 9.40
CA SER A 433 7.05 3.11 8.30
C SER A 433 8.47 3.20 7.75
N PHE A 434 9.12 4.35 7.89
CA PHE A 434 10.49 4.47 7.41
C PHE A 434 11.45 3.76 8.33
N LEU A 435 11.32 3.95 9.63
CA LEU A 435 12.21 3.23 10.53
C LEU A 435 11.97 1.73 10.46
N PHE A 436 10.73 1.31 10.71
CA PHE A 436 10.48 -0.11 10.94
C PHE A 436 10.35 -0.92 9.65
N SER A 437 9.49 -0.50 8.71
CA SER A 437 9.28 -1.37 7.57
C SER A 437 10.46 -1.40 6.61
N PHE A 438 11.42 -0.49 6.76
CA PHE A 438 12.60 -0.47 5.90
C PHE A 438 13.87 -0.89 6.63
N TYR A 439 14.32 -0.13 7.63
CA TYR A 439 15.67 -0.31 8.15
C TYR A 439 15.82 -1.63 8.90
N MET A 440 14.89 -1.90 9.83
CA MET A 440 14.97 -3.15 10.59
C MET A 440 14.91 -4.37 9.68
N ALA A 441 13.96 -4.36 8.74
CA ALA A 441 13.86 -5.48 7.79
C ALA A 441 15.12 -5.61 6.95
N SER A 442 15.80 -4.49 6.66
CA SER A 442 17.06 -4.60 5.93
C SER A 442 18.16 -5.18 6.81
N LEU A 443 18.08 -4.96 8.12
CA LEU A 443 19.08 -5.54 9.01
C LEU A 443 18.89 -7.06 9.10
N PHE A 444 17.65 -7.49 9.32
CA PHE A 444 17.36 -8.92 9.34
C PHE A 444 17.77 -9.58 8.03
N LEU A 445 17.40 -8.99 6.90
CA LEU A 445 17.72 -9.57 5.61
C LEU A 445 19.22 -9.63 5.37
N GLY A 446 19.96 -8.60 5.82
CA GLY A 446 21.40 -8.61 5.61
C GLY A 446 22.12 -9.58 6.52
N ILE A 447 21.59 -9.81 7.72
CA ILE A 447 22.23 -10.75 8.62
C ILE A 447 22.00 -12.18 8.14
N LEU A 448 20.75 -12.51 7.79
CA LEU A 448 20.51 -13.84 7.24
C LEU A 448 21.27 -14.06 5.94
N ALA A 449 21.43 -13.01 5.11
CA ALA A 449 22.23 -13.13 3.90
C ALA A 449 23.73 -13.27 4.18
N MET A 450 24.20 -12.83 5.35
CA MET A 450 25.57 -13.16 5.75
C MET A 450 25.67 -14.60 6.25
N ALA A 451 24.74 -15.00 7.11
CA ALA A 451 24.76 -16.34 7.67
C ALA A 451 24.70 -17.40 6.59
N TYR A 452 23.96 -17.14 5.50
CA TYR A 452 23.89 -18.13 4.43
C TYR A 452 25.26 -18.40 3.83
N GLU A 453 26.03 -17.35 3.56
CA GLU A 453 27.35 -17.56 2.96
C GLU A 453 28.35 -18.09 3.98
N GLU A 454 28.20 -17.74 5.25
CA GLU A 454 29.04 -18.36 6.27
C GLU A 454 28.82 -19.87 6.28
N GLU A 455 27.57 -20.31 6.20
CA GLU A 455 27.28 -21.74 6.12
C GLU A 455 27.84 -22.32 4.83
N LYS A 456 27.54 -21.69 3.69
CA LYS A 456 27.91 -22.27 2.40
C LYS A 456 29.42 -22.45 2.27
N GLN A 457 30.21 -21.53 2.82
CA GLN A 457 31.66 -21.69 2.70
C GLN A 457 32.16 -22.94 3.41
N ARG A 458 31.42 -23.43 4.41
CA ARG A 458 31.75 -24.67 5.12
C ARG A 458 31.34 -25.94 4.36
N VAL A 459 30.96 -25.84 3.09
CA VAL A 459 30.67 -27.02 2.29
C VAL A 459 31.25 -26.86 0.89
N MET A 558 17.58 -34.70 -44.83
CA MET A 558 16.18 -35.07 -44.65
C MET A 558 15.47 -34.00 -43.81
N ALA A 559 15.59 -32.76 -44.28
CA ALA A 559 14.96 -31.60 -43.67
C ALA A 559 15.26 -31.42 -42.18
N PRO A 560 16.54 -31.29 -41.80
CA PRO A 560 16.85 -30.95 -40.40
C PRO A 560 16.97 -29.45 -40.19
N PHE A 561 17.66 -28.81 -41.14
CA PHE A 561 17.94 -27.37 -41.07
C PHE A 561 16.66 -26.53 -41.16
N THR A 562 15.71 -26.90 -42.01
CA THR A 562 14.53 -26.06 -42.17
C THR A 562 13.72 -25.99 -40.88
N ASP A 563 14.06 -25.00 -40.06
CA ASP A 563 13.48 -24.78 -38.74
C ASP A 563 12.54 -23.58 -38.64
N LEU A 564 12.81 -22.53 -39.42
CA LEU A 564 12.06 -21.28 -39.29
C LEU A 564 10.58 -21.50 -39.57
N PHE A 565 10.27 -22.40 -40.51
CA PHE A 565 8.90 -22.83 -40.73
C PHE A 565 8.25 -23.25 -39.42
N LEU A 566 8.96 -24.07 -38.63
CA LEU A 566 8.36 -24.67 -37.45
C LEU A 566 8.28 -23.68 -36.30
N ILE A 567 9.21 -22.73 -36.22
CA ILE A 567 9.07 -21.72 -35.17
C ILE A 567 7.93 -20.76 -35.50
N ILE A 568 7.69 -20.47 -36.78
CA ILE A 568 6.50 -19.71 -37.14
C ILE A 568 5.22 -20.51 -36.83
N CYS A 569 5.23 -21.82 -37.13
CA CYS A 569 4.13 -22.70 -36.74
C CYS A 569 4.18 -23.11 -35.28
N ILE A 570 4.94 -22.37 -34.47
CA ILE A 570 4.71 -22.29 -33.04
C ILE A 570 4.09 -20.96 -32.65
N ILE A 571 4.67 -19.85 -33.11
CA ILE A 571 4.18 -18.56 -32.66
C ILE A 571 2.74 -18.32 -33.09
N LEU A 572 2.36 -18.79 -34.29
CA LEU A 572 0.95 -18.69 -34.66
C LEU A 572 0.07 -19.57 -33.76
N ASN A 573 0.55 -20.73 -33.37
CA ASN A 573 -0.26 -21.56 -32.48
C ASN A 573 -0.45 -20.88 -31.14
N VAL A 574 0.61 -20.25 -30.63
CA VAL A 574 0.50 -19.44 -29.42
C VAL A 574 -0.57 -18.37 -29.58
N CYS A 575 -0.53 -17.64 -30.69
CA CYS A 575 -1.48 -16.55 -30.91
C CYS A 575 -2.92 -17.05 -31.03
N PHE A 576 -3.13 -18.20 -31.66
CA PHE A 576 -4.48 -18.76 -31.73
C PHE A 576 -5.06 -19.07 -30.36
N LEU A 577 -4.23 -19.47 -29.40
CA LEU A 577 -4.72 -19.72 -28.05
C LEU A 577 -5.23 -18.45 -27.38
N THR A 578 -4.57 -17.32 -27.61
CA THR A 578 -4.93 -16.08 -26.93
C THR A 578 -6.26 -15.50 -27.40
N LEU A 579 -6.71 -15.80 -28.61
CA LEU A 579 -7.91 -15.18 -29.14
C LEU A 579 -9.21 -15.73 -28.56
N GLU A 580 -9.17 -16.87 -27.86
CA GLU A 580 -10.38 -17.39 -27.24
C GLU A 580 -10.82 -16.51 -26.08
N HIS A 581 -12.10 -16.15 -26.08
CA HIS A 581 -12.66 -15.28 -25.06
C HIS A 581 -14.14 -15.61 -24.90
N TYR A 582 -14.90 -14.70 -24.29
CA TYR A 582 -16.34 -14.81 -24.17
C TYR A 582 -16.99 -13.44 -24.41
N PRO A 583 -18.14 -13.39 -25.11
CA PRO A 583 -18.77 -14.45 -25.90
C PRO A 583 -18.07 -14.63 -27.24
N MET A 584 -18.41 -15.68 -27.98
CA MET A 584 -17.66 -16.03 -29.18
C MET A 584 -18.56 -16.76 -30.16
N SER A 585 -18.71 -16.20 -31.36
CA SER A 585 -19.66 -16.71 -32.33
C SER A 585 -19.11 -17.98 -33.00
N LYS A 586 -20.04 -18.83 -33.44
CA LYS A 586 -19.67 -20.12 -34.01
C LYS A 586 -18.76 -19.97 -35.23
N GLN A 587 -19.01 -18.96 -36.05
CA GLN A 587 -18.22 -18.73 -37.26
C GLN A 587 -16.78 -18.31 -37.00
N THR A 588 -16.38 -18.08 -35.74
CA THR A 588 -14.97 -18.00 -35.38
C THR A 588 -14.50 -19.14 -34.48
N ASN A 589 -15.42 -19.79 -33.77
CA ASN A 589 -15.07 -20.99 -33.02
C ASN A 589 -14.62 -22.09 -33.96
N THR A 590 -15.33 -22.30 -35.07
CA THR A 590 -14.91 -23.31 -36.02
C THR A 590 -13.58 -22.95 -36.68
N LEU A 591 -13.27 -21.67 -36.77
CA LEU A 591 -11.95 -21.24 -37.22
C LEU A 591 -10.87 -21.73 -36.28
N LEU A 592 -11.01 -21.42 -34.98
CA LEU A 592 -9.96 -21.82 -34.05
C LEU A 592 -9.87 -23.34 -33.92
N ASN A 593 -10.99 -24.04 -34.16
CA ASN A 593 -10.99 -25.50 -34.11
C ASN A 593 -10.20 -26.10 -35.26
N ILE A 594 -10.39 -25.56 -36.46
CA ILE A 594 -9.59 -26.02 -37.59
C ILE A 594 -8.12 -25.63 -37.38
N GLY A 595 -7.87 -24.47 -36.78
CA GLY A 595 -6.49 -24.09 -36.55
C GLY A 595 -5.74 -25.10 -35.70
N ASN A 596 -6.39 -25.55 -34.61
CA ASN A 596 -5.74 -26.55 -33.76
C ASN A 596 -5.54 -27.85 -34.53
N LEU A 597 -6.51 -28.24 -35.35
CA LEU A 597 -6.34 -29.50 -36.07
C LEU A 597 -5.17 -29.40 -37.03
N VAL A 598 -5.03 -28.27 -37.73
CA VAL A 598 -3.92 -28.05 -38.65
C VAL A 598 -2.58 -28.16 -37.93
N PHE A 599 -2.49 -27.56 -36.74
CA PHE A 599 -1.19 -27.60 -36.08
C PHE A 599 -0.84 -28.99 -35.58
N ILE A 600 -1.82 -29.80 -35.17
CA ILE A 600 -1.46 -31.21 -34.94
C ILE A 600 -1.19 -31.94 -36.25
N GLY A 601 -1.78 -31.49 -37.36
CA GLY A 601 -1.40 -31.96 -38.70
C GLY A 601 -0.04 -31.53 -39.17
N ILE A 602 0.66 -30.73 -38.38
CA ILE A 602 2.07 -30.42 -38.63
C ILE A 602 2.98 -31.17 -37.65
N PHE A 603 2.68 -31.06 -36.35
CA PHE A 603 3.52 -31.74 -35.37
C PHE A 603 3.55 -33.25 -35.57
N THR A 604 2.44 -33.86 -36.01
CA THR A 604 2.45 -35.29 -36.25
C THR A 604 3.03 -35.66 -37.60
N ALA A 605 3.32 -34.68 -38.46
CA ALA A 605 4.19 -34.90 -39.59
C ALA A 605 5.65 -34.93 -39.15
N GLU A 606 6.05 -33.94 -38.36
CA GLU A 606 7.48 -33.81 -38.06
C GLU A 606 7.96 -34.89 -37.10
N MET A 607 7.12 -35.35 -36.16
CA MET A 607 7.53 -36.51 -35.37
C MET A 607 7.90 -37.71 -36.26
N ILE A 608 7.08 -38.01 -37.26
CA ILE A 608 7.32 -39.17 -38.10
C ILE A 608 8.22 -38.80 -39.27
N PHE A 609 8.78 -37.60 -39.22
CA PHE A 609 10.04 -37.39 -39.93
C PHE A 609 11.23 -37.75 -39.04
N LYS A 610 11.22 -37.31 -37.79
CA LYS A 610 12.41 -37.44 -36.95
C LYS A 610 12.62 -38.87 -36.44
N ILE A 611 11.56 -39.64 -36.24
CA ILE A 611 11.66 -41.08 -35.98
C ILE A 611 12.14 -41.87 -37.19
N ILE A 612 12.70 -41.20 -38.19
CA ILE A 612 13.35 -41.88 -39.31
C ILE A 612 14.87 -41.81 -39.24
N ALA A 613 15.42 -41.11 -38.25
CA ALA A 613 16.86 -40.93 -38.20
C ALA A 613 17.55 -42.25 -37.87
N MET A 614 17.48 -43.21 -38.79
CA MET A 614 17.99 -44.57 -38.59
C MET A 614 17.15 -45.35 -37.58
N HIS A 615 17.06 -44.87 -36.35
CA HIS A 615 16.19 -45.51 -35.36
C HIS A 615 15.70 -44.44 -34.39
N PRO A 616 14.73 -44.78 -33.55
CA PRO A 616 14.30 -43.87 -32.47
C PRO A 616 15.09 -43.99 -31.19
N TYR A 617 16.05 -44.93 -31.09
CA TYR A 617 16.75 -45.15 -29.83
C TYR A 617 17.68 -43.99 -29.46
N GLY A 618 17.93 -43.07 -30.39
CA GLY A 618 18.40 -41.74 -30.04
C GLY A 618 17.27 -40.77 -29.82
N TYR A 619 16.18 -40.93 -30.58
CA TYR A 619 15.03 -40.05 -30.47
C TYR A 619 14.52 -39.94 -29.05
N PHE A 620 14.20 -41.09 -28.43
CA PHE A 620 13.78 -41.13 -27.04
C PHE A 620 14.95 -41.00 -26.06
N GLN A 621 16.15 -40.67 -26.54
CA GLN A 621 17.29 -40.42 -25.67
C GLN A 621 17.47 -38.94 -25.34
N VAL A 622 17.19 -38.06 -26.29
CA VAL A 622 17.34 -36.62 -26.07
C VAL A 622 16.16 -36.08 -25.27
N GLY A 623 16.46 -35.24 -24.28
CA GLY A 623 15.48 -34.87 -23.28
C GLY A 623 14.25 -34.15 -23.81
N TRP A 624 14.42 -33.32 -24.84
CA TRP A 624 13.29 -32.54 -25.33
C TRP A 624 12.22 -33.38 -26.01
N ASN A 625 12.62 -34.43 -26.71
CA ASN A 625 11.64 -35.22 -27.46
C ASN A 625 10.75 -36.07 -26.55
N ILE A 626 11.25 -36.44 -25.37
CA ILE A 626 10.42 -37.08 -24.35
C ILE A 626 9.45 -36.08 -23.72
N PHE A 627 9.36 -34.88 -24.30
CA PHE A 627 8.28 -33.94 -24.03
C PHE A 627 7.44 -33.69 -25.28
N ASP A 628 8.10 -33.47 -26.42
CA ASP A 628 7.37 -33.24 -27.66
C ASP A 628 6.44 -34.40 -28.00
N SER A 629 6.89 -35.64 -27.75
CA SER A 629 6.00 -36.77 -27.98
C SER A 629 4.87 -36.87 -26.97
N MET A 630 5.01 -36.26 -25.80
CA MET A 630 3.86 -36.13 -24.92
C MET A 630 2.86 -35.15 -25.51
N ILE A 631 3.37 -34.08 -26.12
CA ILE A 631 2.48 -33.09 -26.70
C ILE A 631 1.70 -33.70 -27.85
N VAL A 632 2.35 -34.53 -28.66
CA VAL A 632 1.63 -35.14 -29.78
C VAL A 632 0.69 -36.26 -29.32
N PHE A 633 0.99 -36.92 -28.20
CA PHE A 633 0.03 -37.89 -27.68
C PHE A 633 -1.20 -37.19 -27.11
N HIS A 634 -1.01 -36.12 -26.33
CA HIS A 634 -2.16 -35.38 -25.85
C HIS A 634 -3.00 -34.85 -27.01
N GLY A 635 -2.34 -34.24 -28.02
CA GLY A 635 -3.00 -33.70 -29.18
C GLY A 635 -3.56 -34.72 -30.16
N LEU A 636 -3.38 -36.01 -29.93
CA LEU A 636 -4.18 -37.00 -30.65
C LEU A 636 -4.95 -37.92 -29.71
N ILE A 637 -4.96 -37.61 -28.42
CA ILE A 637 -6.09 -37.99 -27.57
C ILE A 637 -7.27 -37.07 -27.85
N GLU A 638 -7.10 -35.76 -27.62
CA GLU A 638 -8.25 -34.88 -27.62
C GLU A 638 -8.80 -34.61 -29.02
N LEU A 639 -8.68 -35.57 -29.94
CA LEU A 639 -9.28 -35.46 -31.27
C LEU A 639 -10.11 -36.67 -31.70
N CYS A 640 -10.02 -37.81 -31.02
CA CYS A 640 -10.81 -38.99 -31.38
C CYS A 640 -11.22 -39.72 -30.12
N LEU A 641 -12.53 -39.78 -29.87
CA LEU A 641 -13.09 -40.40 -28.67
C LEU A 641 -12.55 -39.74 -27.40
N ALA A 642 -12.28 -38.43 -27.48
CA ALA A 642 -12.30 -37.57 -26.30
C ALA A 642 -13.00 -36.26 -26.61
N ASN A 643 -13.79 -36.21 -27.67
CA ASN A 643 -14.57 -35.04 -28.05
C ASN A 643 -15.92 -35.01 -27.36
N VAL A 644 -16.56 -36.17 -27.22
CA VAL A 644 -17.83 -36.30 -26.53
C VAL A 644 -17.63 -37.25 -25.35
N ALA A 645 -18.32 -36.96 -24.25
CA ALA A 645 -18.16 -37.71 -23.00
C ALA A 645 -16.69 -37.73 -22.56
N GLY A 646 -16.12 -36.54 -22.43
CA GLY A 646 -14.79 -36.40 -21.86
C GLY A 646 -14.66 -35.13 -21.07
N MET A 647 -13.79 -35.15 -20.07
CA MET A 647 -13.74 -34.11 -19.06
C MET A 647 -13.00 -32.89 -19.58
N ALA A 648 -13.53 -31.71 -19.26
CA ALA A 648 -13.03 -30.48 -19.88
C ALA A 648 -11.61 -30.14 -19.44
N LEU A 649 -11.19 -30.53 -18.23
CA LEU A 649 -9.83 -30.25 -17.80
C LEU A 649 -8.77 -30.95 -18.64
N LEU A 650 -9.15 -31.91 -19.49
CA LEU A 650 -8.18 -32.49 -20.40
C LEU A 650 -7.60 -31.43 -21.33
N ARG A 651 -8.37 -30.39 -21.63
CA ARG A 651 -7.88 -29.30 -22.48
C ARG A 651 -6.96 -28.34 -21.76
N LEU A 652 -6.96 -28.33 -20.42
CA LEU A 652 -6.12 -27.39 -19.70
C LEU A 652 -4.64 -27.59 -19.99
N PHE A 653 -4.25 -28.81 -20.38
CA PHE A 653 -2.85 -29.09 -20.69
C PHE A 653 -2.40 -28.53 -22.04
N ARG A 654 -3.31 -28.02 -22.87
CA ARG A 654 -2.89 -27.49 -24.17
C ARG A 654 -1.91 -26.34 -24.01
N MET A 655 -2.00 -25.59 -22.92
CA MET A 655 -1.09 -24.48 -22.70
C MET A 655 0.36 -24.92 -22.62
N LEU A 656 0.61 -26.18 -22.27
CA LEU A 656 1.98 -26.66 -22.17
C LEU A 656 2.77 -26.47 -23.47
N ARG A 657 2.08 -26.21 -24.58
CA ARG A 657 2.75 -26.01 -25.86
C ARG A 657 3.66 -24.80 -25.90
N ILE A 658 3.34 -23.74 -25.15
CA ILE A 658 4.15 -22.53 -25.16
C ILE A 658 5.58 -22.84 -24.73
N PHE A 659 5.77 -23.81 -23.84
CA PHE A 659 7.12 -24.16 -23.43
C PHE A 659 7.95 -24.70 -24.58
N LYS A 660 7.32 -25.18 -25.66
CA LYS A 660 8.11 -25.62 -26.81
C LYS A 660 8.93 -24.47 -27.38
N LEU A 661 8.45 -23.24 -27.25
CA LEU A 661 9.22 -22.08 -27.68
C LEU A 661 10.57 -22.02 -26.99
N GLY A 662 10.64 -22.54 -25.76
CA GLY A 662 11.87 -22.50 -24.99
C GLY A 662 13.03 -23.23 -25.63
N LYS A 663 12.77 -24.17 -26.54
CA LYS A 663 13.86 -24.90 -27.17
C LYS A 663 14.86 -23.97 -27.83
N TYR A 664 14.40 -22.84 -28.34
CA TYR A 664 15.23 -21.92 -29.09
C TYR A 664 15.78 -20.76 -28.26
N TRP A 665 15.42 -20.67 -26.98
CA TRP A 665 15.56 -19.42 -26.24
C TRP A 665 16.63 -19.61 -25.16
N PRO A 666 17.85 -19.10 -25.36
CA PRO A 666 18.95 -19.42 -24.43
C PRO A 666 18.71 -19.02 -22.98
N THR A 667 18.00 -17.91 -22.73
CA THR A 667 17.82 -17.44 -21.37
C THR A 667 17.00 -18.42 -20.55
N PHE A 668 15.86 -18.85 -21.08
CA PHE A 668 15.04 -19.84 -20.39
C PHE A 668 15.85 -21.10 -20.14
N GLN A 669 16.63 -21.54 -21.14
CA GLN A 669 17.39 -22.77 -21.01
C GLN A 669 18.45 -22.67 -19.92
N ILE A 670 19.13 -21.53 -19.82
CA ILE A 670 20.20 -21.42 -18.85
C ILE A 670 19.67 -21.17 -17.44
N LEU A 671 18.50 -20.54 -17.31
CA LEU A 671 17.85 -20.49 -16.01
C LEU A 671 17.41 -21.88 -15.57
N MET A 672 16.76 -22.63 -16.46
CA MET A 672 16.31 -23.96 -16.07
C MET A 672 17.51 -24.82 -15.69
N TRP A 673 18.60 -24.72 -16.47
CA TRP A 673 19.81 -25.47 -16.14
C TRP A 673 20.34 -25.07 -14.77
N SER A 674 20.22 -23.79 -14.41
CA SER A 674 20.72 -23.36 -13.11
C SER A 674 19.86 -23.91 -11.99
N LEU A 675 18.56 -24.09 -12.26
CA LEU A 675 17.70 -24.73 -11.27
C LEU A 675 18.03 -26.22 -11.13
N SER A 676 18.26 -26.91 -12.24
CA SER A 676 18.61 -28.33 -12.20
C SER A 676 19.84 -28.57 -11.32
N ASN A 677 20.88 -27.75 -11.49
CA ASN A 677 22.09 -27.87 -10.67
C ASN A 677 21.78 -27.88 -9.17
N SER A 678 20.87 -27.04 -8.71
CA SER A 678 20.65 -26.81 -7.29
C SER A 678 19.68 -27.80 -6.64
N TRP A 679 19.05 -28.67 -7.42
CA TRP A 679 18.01 -29.58 -6.91
C TRP A 679 18.32 -30.18 -5.54
N VAL A 680 19.52 -30.75 -5.38
CA VAL A 680 19.81 -31.55 -4.19
C VAL A 680 19.70 -30.74 -2.90
N ALA A 681 19.93 -29.43 -2.96
CA ALA A 681 19.82 -28.60 -1.77
C ALA A 681 18.40 -28.13 -1.50
N LEU A 682 17.75 -27.53 -2.49
CA LEU A 682 16.43 -26.93 -2.32
C LEU A 682 15.40 -27.95 -1.83
N LYS A 683 15.59 -29.23 -2.19
CA LYS A 683 14.67 -30.28 -1.76
C LYS A 683 14.40 -30.22 -0.27
N ASP A 684 15.46 -30.04 0.53
CA ASP A 684 15.29 -30.11 1.98
C ASP A 684 14.59 -28.88 2.52
N LEU A 685 14.90 -27.70 2.00
CA LEU A 685 14.23 -26.49 2.47
C LEU A 685 12.74 -26.54 2.14
N VAL A 686 12.40 -27.03 0.95
CA VAL A 686 10.99 -27.13 0.58
C VAL A 686 10.28 -28.17 1.45
N LEU A 687 10.94 -29.29 1.73
CA LEU A 687 10.29 -30.33 2.52
C LEU A 687 10.12 -29.89 3.97
N LEU A 688 11.10 -29.14 4.50
CA LEU A 688 10.97 -28.60 5.85
C LEU A 688 9.83 -27.59 5.94
N LEU A 689 9.73 -26.69 4.96
CA LEU A 689 8.65 -25.70 5.00
C LEU A 689 7.28 -26.39 4.90
N PHE A 690 7.16 -27.40 4.04
CA PHE A 690 5.90 -28.13 3.95
C PHE A 690 5.58 -28.87 5.24
N THR A 691 6.60 -29.46 5.88
CA THR A 691 6.41 -30.10 7.17
C THR A 691 5.89 -29.12 8.22
N PHE A 692 6.45 -27.92 8.25
CA PHE A 692 6.03 -26.96 9.27
C PHE A 692 4.64 -26.42 8.99
N ILE A 693 4.28 -26.26 7.71
CA ILE A 693 2.92 -25.85 7.40
C ILE A 693 1.93 -26.92 7.83
N PHE A 694 2.23 -28.19 7.55
CA PHE A 694 1.32 -29.27 7.92
C PHE A 694 1.19 -29.40 9.44
N PHE A 695 2.30 -29.29 10.16
CA PHE A 695 2.23 -29.32 11.61
C PHE A 695 1.35 -28.20 12.14
N SER A 696 1.60 -26.97 11.70
CA SER A 696 0.84 -25.85 12.23
C SER A 696 -0.65 -25.98 11.90
N ALA A 697 -0.97 -26.48 10.70
CA ALA A 697 -2.37 -26.66 10.33
C ALA A 697 -3.06 -27.67 11.23
N ALA A 698 -2.42 -28.82 11.46
CA ALA A 698 -3.04 -29.83 12.31
C ALA A 698 -3.20 -29.35 13.75
N PHE A 699 -2.12 -28.80 14.31
CA PHE A 699 -2.16 -28.34 15.69
C PHE A 699 -3.21 -27.24 15.87
N GLY A 700 -3.34 -26.35 14.89
CA GLY A 700 -4.38 -25.34 14.99
C GLY A 700 -5.77 -25.91 14.89
N MET A 701 -5.97 -26.90 14.00
CA MET A 701 -7.31 -27.47 13.88
C MET A 701 -7.74 -28.11 15.17
N LYS A 702 -6.83 -28.86 15.82
CA LYS A 702 -7.21 -29.52 17.06
C LYS A 702 -7.33 -28.52 18.21
N LEU A 703 -6.52 -27.47 18.24
CA LEU A 703 -6.55 -26.56 19.36
C LEU A 703 -7.76 -25.63 19.32
N PHE A 704 -8.08 -25.05 18.16
CA PHE A 704 -9.15 -24.06 18.07
C PHE A 704 -10.45 -24.56 17.45
N GLY A 705 -10.44 -25.70 16.75
CA GLY A 705 -11.56 -26.01 15.87
C GLY A 705 -12.92 -25.97 16.54
N LYS A 706 -13.03 -26.62 17.70
CA LYS A 706 -14.33 -26.70 18.38
C LYS A 706 -14.92 -25.33 18.67
N ASN A 707 -14.08 -24.37 19.07
CA ASN A 707 -14.59 -23.05 19.41
C ASN A 707 -15.26 -22.35 18.23
N TYR A 708 -14.77 -22.59 17.01
CA TYR A 708 -15.36 -21.94 15.85
C TYR A 708 -16.81 -22.34 15.62
N GLU A 709 -17.27 -23.44 16.22
CA GLU A 709 -18.67 -23.84 16.14
C GLU A 709 -19.43 -23.69 17.45
N GLU A 710 -18.75 -23.80 18.59
CA GLU A 710 -19.45 -23.60 19.86
C GLU A 710 -19.93 -22.16 20.01
N PHE A 711 -19.14 -21.20 19.55
CA PHE A 711 -19.47 -19.78 19.65
C PHE A 711 -19.51 -19.09 18.29
N VAL A 712 -20.11 -19.77 17.31
CA VAL A 712 -20.17 -19.22 15.95
C VAL A 712 -20.92 -17.89 15.93
N CYS A 713 -21.84 -17.68 16.87
CA CYS A 713 -22.73 -16.54 16.80
C CYS A 713 -22.01 -15.21 16.98
N HIS A 714 -20.81 -15.20 17.58
CA HIS A 714 -20.02 -13.98 17.63
C HIS A 714 -19.39 -13.66 16.28
N ILE A 715 -18.92 -14.69 15.56
CA ILE A 715 -18.14 -14.46 14.35
C ILE A 715 -18.97 -13.89 13.21
N ASP A 716 -20.17 -14.45 12.97
CA ASP A 716 -20.91 -14.09 11.77
C ASP A 716 -22.40 -14.06 12.00
N LYS A 717 -23.04 -13.00 11.50
CA LYS A 717 -24.48 -12.86 11.49
C LYS A 717 -25.13 -14.00 10.72
N ASP A 718 -26.39 -14.30 11.06
CA ASP A 718 -27.14 -15.47 10.59
C ASP A 718 -26.53 -16.77 11.11
N CYS A 719 -25.55 -16.69 12.00
CA CYS A 719 -25.01 -17.86 12.69
C CYS A 719 -24.63 -18.99 11.73
N GLN A 720 -23.67 -18.68 10.85
CA GLN A 720 -23.05 -19.69 10.02
C GLN A 720 -21.55 -19.44 9.98
N LEU A 721 -20.81 -20.50 9.66
CA LEU A 721 -19.36 -20.41 9.57
C LEU A 721 -18.97 -19.43 8.46
N PRO A 722 -17.99 -18.54 8.72
CA PRO A 722 -17.54 -17.62 7.67
C PRO A 722 -16.69 -18.31 6.62
N ARG A 723 -16.18 -17.53 5.64
CA ARG A 723 -15.34 -18.14 4.61
C ARG A 723 -13.99 -18.59 5.17
N TRP A 724 -13.44 -17.88 6.15
CA TRP A 724 -12.15 -18.22 6.74
C TRP A 724 -12.34 -18.63 8.19
N HIS A 725 -11.97 -19.86 8.50
CA HIS A 725 -12.08 -20.38 9.87
C HIS A 725 -11.05 -21.50 10.04
N MET A 726 -11.24 -22.34 11.06
CA MET A 726 -10.32 -23.43 11.35
C MET A 726 -11.03 -24.75 11.68
N HIS A 727 -12.28 -24.91 11.26
CA HIS A 727 -13.10 -26.02 11.69
C HIS A 727 -12.71 -27.34 11.02
N ASP A 728 -11.90 -27.29 9.97
CA ASP A 728 -11.47 -28.50 9.27
C ASP A 728 -10.08 -28.28 8.72
N PHE A 729 -9.44 -29.38 8.30
CA PHE A 729 -8.03 -29.34 7.98
C PHE A 729 -7.74 -28.44 6.77
N PHE A 730 -8.62 -28.42 5.77
CA PHE A 730 -8.33 -27.67 4.56
C PHE A 730 -8.43 -26.17 4.79
N HIS A 731 -9.43 -25.74 5.55
CA HIS A 731 -9.56 -24.31 5.86
C HIS A 731 -8.44 -23.85 6.78
N SER A 732 -8.00 -24.71 7.71
CA SER A 732 -6.86 -24.35 8.55
C SER A 732 -5.58 -24.27 7.73
N PHE A 733 -5.43 -25.15 6.74
CA PHE A 733 -4.26 -25.10 5.87
C PHE A 733 -4.24 -23.79 5.11
N LEU A 734 -5.38 -23.41 4.53
CA LEU A 734 -5.46 -22.13 3.82
C LEU A 734 -5.19 -20.97 4.76
N ASN A 735 -5.68 -21.04 6.00
CA ASN A 735 -5.44 -19.97 6.97
C ASN A 735 -3.96 -19.85 7.32
N VAL A 736 -3.23 -20.96 7.35
CA VAL A 736 -1.79 -20.87 7.59
C VAL A 736 -1.08 -20.28 6.38
N PHE A 737 -1.44 -20.73 5.18
CA PHE A 737 -0.80 -20.15 3.99
C PHE A 737 -1.07 -18.66 3.91
N ARG A 738 -2.26 -18.23 4.38
CA ARG A 738 -2.59 -16.81 4.38
C ARG A 738 -1.76 -16.08 5.41
N ILE A 739 -1.52 -16.69 6.57
CA ILE A 739 -0.69 -16.03 7.57
C ILE A 739 0.72 -15.90 7.04
N LEU A 740 1.18 -16.87 6.26
CA LEU A 740 2.50 -16.74 5.65
C LEU A 740 2.52 -15.66 4.58
N CYS A 741 1.36 -15.34 4.00
CA CYS A 741 1.30 -14.22 3.06
C CYS A 741 1.22 -12.87 3.77
N GLY A 742 0.87 -12.88 5.06
CA GLY A 742 0.50 -11.68 5.79
C GLY A 742 -0.90 -11.78 6.40
N GLU A 743 -1.70 -10.72 6.27
CA GLU A 743 -3.15 -10.85 6.38
C GLU A 743 -3.62 -11.37 7.74
N TRP A 744 -2.70 -11.59 8.67
CA TRP A 744 -3.05 -12.33 9.88
C TRP A 744 -4.03 -11.58 10.78
N VAL A 745 -3.96 -10.25 10.84
CA VAL A 745 -4.72 -9.51 11.84
C VAL A 745 -6.22 -9.75 11.68
N GLU A 746 -6.69 -9.85 10.44
CA GLU A 746 -8.12 -9.90 10.18
C GLU A 746 -8.72 -11.23 10.60
N THR A 747 -7.90 -12.29 10.67
CA THR A 747 -8.33 -13.57 11.21
C THR A 747 -8.09 -13.65 12.71
N LEU A 748 -7.02 -13.01 13.19
CA LEU A 748 -6.72 -13.02 14.61
C LEU A 748 -7.81 -12.32 15.42
N TRP A 749 -8.43 -11.28 14.86
CA TRP A 749 -9.57 -10.69 15.55
C TRP A 749 -10.66 -11.72 15.82
N ASP A 750 -10.92 -12.62 14.87
CA ASP A 750 -11.93 -13.65 15.10
C ASP A 750 -11.43 -14.73 16.04
N CYS A 751 -10.13 -15.04 15.97
CA CYS A 751 -9.58 -16.00 16.92
C CYS A 751 -9.78 -15.49 18.34
N MET A 752 -9.39 -14.24 18.60
CA MET A 752 -9.56 -13.70 19.94
C MET A 752 -11.03 -13.57 20.30
N GLU A 753 -11.89 -13.24 19.33
CA GLU A 753 -13.32 -13.16 19.60
C GLU A 753 -13.95 -14.50 19.93
N VAL A 754 -13.30 -15.61 19.61
CA VAL A 754 -13.97 -16.91 19.72
C VAL A 754 -13.31 -17.81 20.75
N ALA A 755 -11.99 -17.68 20.93
CA ALA A 755 -11.21 -18.59 21.75
C ALA A 755 -10.47 -17.90 22.90
N GLY A 756 -10.51 -16.58 22.99
CA GLY A 756 -9.77 -15.86 24.01
C GLY A 756 -8.32 -15.61 23.64
N GLN A 757 -7.77 -14.51 24.16
CA GLN A 757 -6.55 -13.93 23.62
C GLN A 757 -5.30 -14.72 24.03
N SER A 758 -5.26 -15.20 25.28
CA SER A 758 -4.08 -15.86 25.81
C SER A 758 -3.72 -17.11 25.02
N TRP A 759 -4.71 -17.76 24.40
CA TRP A 759 -4.39 -18.90 23.52
C TRP A 759 -4.04 -18.43 22.11
N CYS A 760 -4.82 -17.50 21.55
CA CYS A 760 -4.65 -17.16 20.14
C CYS A 760 -3.33 -16.45 19.88
N ILE A 761 -2.88 -15.60 20.79
CA ILE A 761 -1.71 -14.76 20.51
C ILE A 761 -0.43 -15.59 20.37
N PRO A 762 -0.09 -16.48 21.32
CA PRO A 762 1.14 -17.26 21.14
C PRO A 762 1.17 -18.10 19.87
N PHE A 763 0.03 -18.68 19.47
CA PHE A 763 -0.03 -19.46 18.25
C PHE A 763 0.29 -18.61 17.03
N TYR A 764 -0.39 -17.48 16.89
CA TYR A 764 -0.16 -16.61 15.75
C TYR A 764 1.28 -16.10 15.73
N LEU A 765 1.80 -15.67 16.88
CA LEU A 765 3.15 -15.13 16.91
C LEU A 765 4.19 -16.19 16.55
N MET A 766 3.98 -17.43 17.00
CA MET A 766 4.86 -18.53 16.60
C MET A 766 4.83 -18.71 15.09
N VAL A 767 3.62 -18.82 14.52
CA VAL A 767 3.53 -19.06 13.08
C VAL A 767 4.18 -17.92 12.32
N ILE A 768 3.93 -16.68 12.73
CA ILE A 768 4.46 -15.53 12.01
C ILE A 768 5.98 -15.56 12.02
N LEU A 769 6.57 -15.79 13.19
CA LEU A 769 8.02 -15.69 13.30
C LEU A 769 8.71 -16.83 12.55
N ILE A 770 8.36 -18.08 12.88
CA ILE A 770 9.09 -19.18 12.25
C ILE A 770 8.77 -19.27 10.75
N GLY A 771 7.54 -18.95 10.36
CA GLY A 771 7.21 -18.83 8.95
C GLY A 771 8.07 -17.84 8.22
N ASN A 772 8.12 -16.59 8.70
CA ASN A 772 8.94 -15.59 8.04
C ASN A 772 10.39 -16.02 7.94
N LEU A 773 10.90 -16.67 8.99
CA LEU A 773 12.31 -17.10 8.97
C LEU A 773 12.53 -18.14 7.87
N LEU A 774 11.68 -19.15 7.79
CA LEU A 774 11.87 -20.18 6.77
C LEU A 774 11.67 -19.61 5.37
N VAL A 775 10.61 -18.84 5.17
CA VAL A 775 10.32 -18.26 3.85
C VAL A 775 11.50 -17.42 3.38
N LEU A 776 12.10 -16.62 4.26
CA LEU A 776 13.16 -15.73 3.82
C LEU A 776 14.47 -16.49 3.61
N TYR A 777 14.74 -17.50 4.43
CA TYR A 777 15.95 -18.30 4.19
C TYR A 777 15.85 -19.06 2.86
N LEU A 778 14.63 -19.48 2.49
CA LEU A 778 14.45 -20.09 1.18
C LEU A 778 14.61 -19.06 0.07
N PHE A 779 14.11 -17.84 0.27
CA PHE A 779 14.30 -16.79 -0.73
C PHE A 779 15.79 -16.54 -0.97
N LEU A 780 16.58 -16.46 0.10
CA LEU A 780 18.01 -16.27 -0.07
C LEU A 780 18.67 -17.46 -0.71
N ALA A 781 18.14 -18.67 -0.49
CA ALA A 781 18.71 -19.84 -1.15
C ALA A 781 18.44 -19.80 -2.65
N LEU A 782 17.23 -19.40 -3.06
CA LEU A 782 16.94 -19.22 -4.47
C LEU A 782 17.85 -18.16 -5.10
N VAL A 783 18.01 -17.02 -4.43
CA VAL A 783 18.85 -15.97 -4.98
C VAL A 783 20.29 -16.47 -5.15
N SER A 784 20.80 -17.21 -4.16
CA SER A 784 22.13 -17.76 -4.26
C SER A 784 22.22 -18.76 -5.42
N SER A 785 21.17 -19.55 -5.62
CA SER A 785 21.21 -20.53 -6.69
C SER A 785 21.28 -19.84 -8.05
N PHE A 786 20.40 -18.87 -8.28
CA PHE A 786 20.37 -18.21 -9.57
C PHE A 786 21.66 -17.43 -9.84
N SER A 787 22.22 -16.79 -8.80
CA SER A 787 23.36 -15.91 -9.05
C SER A 787 24.57 -16.67 -9.59
N SER A 788 24.64 -17.98 -9.40
CA SER A 788 25.78 -18.77 -9.87
C SER A 788 25.76 -18.89 -11.38
N GLN A 976 32.91 38.65 -34.85
CA GLN A 976 31.98 37.58 -34.46
C GLN A 976 32.31 37.11 -33.05
N ASN A 977 33.07 37.93 -32.31
CA ASN A 977 33.38 37.64 -30.91
C ASN A 977 32.12 37.44 -30.08
N ILE A 978 30.96 37.85 -30.60
CA ILE A 978 29.69 37.64 -29.90
C ILE A 978 29.60 36.18 -29.47
N ARG A 979 30.25 35.28 -30.20
CA ARG A 979 30.21 33.87 -29.86
C ARG A 979 30.89 33.62 -28.52
N LYS A 980 32.13 34.11 -28.37
CA LYS A 980 32.82 33.96 -27.10
C LYS A 980 32.09 34.67 -25.98
N THR A 981 31.38 35.75 -26.31
CA THR A 981 30.56 36.42 -25.30
C THR A 981 29.49 35.48 -24.78
N CYS A 982 28.70 34.91 -25.69
CA CYS A 982 27.60 34.05 -25.25
C CYS A 982 28.12 32.76 -24.61
N CYS A 983 29.23 32.23 -25.12
CA CYS A 983 29.87 31.05 -24.55
C CYS A 983 30.49 31.32 -23.20
N LYS A 984 30.56 32.58 -22.77
CA LYS A 984 30.85 32.86 -21.37
C LYS A 984 29.58 33.11 -20.57
N ILE A 985 28.68 33.95 -21.08
CA ILE A 985 27.45 34.27 -20.37
C ILE A 985 26.66 33.02 -20.00
N VAL A 986 26.77 31.95 -20.81
CA VAL A 986 26.01 30.75 -20.51
C VAL A 986 26.53 29.99 -19.29
N GLU A 987 27.80 30.19 -18.91
CA GLU A 987 28.44 29.29 -17.97
C GLU A 987 28.83 29.90 -16.62
N ASN A 988 28.76 31.22 -16.45
CA ASN A 988 28.98 31.79 -15.12
C ASN A 988 27.97 31.22 -14.13
N ASN A 989 28.44 30.91 -12.92
CA ASN A 989 27.63 30.15 -11.97
C ASN A 989 26.36 30.88 -11.56
N TRP A 990 26.38 32.22 -11.57
CA TRP A 990 25.18 32.96 -11.21
C TRP A 990 24.08 32.70 -12.23
N PHE A 991 24.44 32.56 -13.51
CA PHE A 991 23.44 32.24 -14.52
C PHE A 991 22.77 30.91 -14.23
N LYS A 992 23.56 29.90 -13.87
CA LYS A 992 23.00 28.60 -13.51
C LYS A 992 22.02 28.72 -12.35
N CYS A 993 22.43 29.39 -11.27
CA CYS A 993 21.60 29.43 -10.07
C CYS A 993 20.31 30.21 -10.30
N PHE A 994 20.38 31.27 -11.11
CA PHE A 994 19.19 32.04 -11.44
C PHE A 994 18.14 31.16 -12.11
N ILE A 995 18.53 30.50 -13.20
CA ILE A 995 17.58 29.65 -13.91
C ILE A 995 17.17 28.45 -13.06
N GLY A 996 18.03 27.96 -12.17
CA GLY A 996 17.60 26.94 -11.22
C GLY A 996 16.48 27.43 -10.31
N LEU A 997 16.61 28.65 -9.80
CA LEU A 997 15.56 29.23 -8.98
C LEU A 997 14.28 29.36 -9.79
N VAL A 998 14.39 29.88 -11.01
CA VAL A 998 13.21 30.02 -11.85
C VAL A 998 12.59 28.65 -12.13
N THR A 999 13.42 27.61 -12.25
CA THR A 999 12.90 26.27 -12.47
C THR A 999 12.10 25.77 -11.27
N LEU A 1000 12.59 26.04 -10.05
CA LEU A 1000 11.85 25.58 -8.89
C LEU A 1000 10.59 26.39 -8.65
N LEU A 1001 10.62 27.68 -8.96
CA LEU A 1001 9.40 28.50 -8.90
C LEU A 1001 8.38 28.01 -9.92
N SER A 1002 8.83 27.81 -11.16
CA SER A 1002 7.98 27.33 -12.24
C SER A 1002 7.47 25.91 -11.99
N THR A 1003 8.11 25.16 -11.10
CA THR A 1003 7.60 23.86 -10.72
C THR A 1003 6.57 23.95 -9.59
N GLY A 1004 6.91 24.61 -8.49
CA GLY A 1004 6.02 24.66 -7.34
C GLY A 1004 4.68 25.31 -7.61
N THR A 1005 4.61 26.21 -8.59
CA THR A 1005 3.37 26.93 -8.87
C THR A 1005 2.24 26.05 -9.40
N LEU A 1006 2.52 24.81 -9.81
CA LEU A 1006 1.44 23.92 -10.21
C LEU A 1006 0.62 23.38 -9.05
N ALA A 1007 1.17 23.37 -7.83
CA ALA A 1007 0.44 22.83 -6.69
C ALA A 1007 -0.76 23.68 -6.31
N PHE A 1008 -0.86 24.91 -6.80
CA PHE A 1008 -1.95 25.80 -6.40
C PHE A 1008 -3.23 25.58 -7.19
N GLU A 1009 -3.23 24.71 -8.20
CA GLU A 1009 -4.37 24.60 -9.11
C GLU A 1009 -5.39 23.56 -8.63
N ASP A 1010 -5.76 23.62 -7.35
CA ASP A 1010 -6.73 22.71 -6.78
C ASP A 1010 -8.14 23.25 -7.00
N ILE A 1011 -9.14 22.59 -6.37
CA ILE A 1011 -10.53 22.97 -6.56
C ILE A 1011 -10.83 24.39 -6.08
N TYR A 1012 -10.01 24.93 -5.19
CA TYR A 1012 -10.23 26.28 -4.67
C TYR A 1012 -9.69 27.36 -5.59
N MET A 1013 -9.26 27.01 -6.80
CA MET A 1013 -8.64 27.98 -7.69
C MET A 1013 -9.52 29.20 -7.90
N ASP A 1014 -10.82 28.99 -8.10
CA ASP A 1014 -11.73 30.12 -8.33
C ASP A 1014 -12.04 30.89 -7.06
N GLN A 1015 -11.81 30.28 -5.88
CA GLN A 1015 -11.98 31.01 -4.63
C GLN A 1015 -10.79 31.92 -4.33
N ARG A 1016 -9.58 31.50 -4.71
CA ARG A 1016 -8.39 32.33 -4.58
C ARG A 1016 -8.31 33.36 -5.70
N LYS A 1017 -9.38 34.15 -5.86
CA LYS A 1017 -9.58 34.94 -7.06
C LYS A 1017 -8.35 35.75 -7.45
N THR A 1018 -7.65 36.33 -6.47
CA THR A 1018 -6.49 37.17 -6.77
C THR A 1018 -5.32 36.37 -7.33
N ILE A 1019 -5.00 35.24 -6.71
CA ILE A 1019 -3.77 34.51 -7.07
C ILE A 1019 -3.77 34.09 -8.54
N LYS A 1020 -4.93 33.67 -9.04
CA LYS A 1020 -5.05 33.26 -10.44
C LYS A 1020 -4.48 34.28 -11.42
N ILE A 1021 -4.70 35.58 -11.19
CA ILE A 1021 -4.23 36.57 -12.17
C ILE A 1021 -2.71 36.66 -12.13
N LEU A 1022 -2.14 36.52 -10.94
CA LEU A 1022 -0.68 36.55 -10.81
C LEU A 1022 -0.07 35.37 -11.53
N LEU A 1023 -0.59 34.17 -11.28
CA LEU A 1023 -0.08 33.00 -12.00
C LEU A 1023 -0.30 33.13 -13.51
N GLU A 1024 -1.39 33.80 -13.91
CA GLU A 1024 -1.67 33.98 -15.33
C GLU A 1024 -0.58 34.79 -16.02
N TYR A 1025 0.00 35.76 -15.32
CA TYR A 1025 1.15 36.48 -15.90
C TYR A 1025 2.49 35.77 -15.65
N ALA A 1026 2.62 35.09 -14.52
CA ALA A 1026 3.86 34.39 -14.21
C ALA A 1026 4.18 33.34 -15.28
N ASP A 1027 3.16 32.67 -15.81
CA ASP A 1027 3.42 31.68 -16.85
C ASP A 1027 4.11 32.30 -18.07
N MET A 1028 3.73 33.53 -18.41
CA MET A 1028 4.32 34.19 -19.57
C MET A 1028 5.71 34.72 -19.25
N ILE A 1029 5.95 35.14 -18.01
CA ILE A 1029 7.31 35.50 -17.62
C ILE A 1029 8.23 34.29 -17.76
N PHE A 1030 7.79 33.15 -17.22
CA PHE A 1030 8.63 31.96 -17.24
C PHE A 1030 8.93 31.51 -18.67
N THR A 1031 7.93 31.54 -19.56
CA THR A 1031 8.21 31.15 -20.94
C THR A 1031 9.14 32.13 -21.62
N TYR A 1032 9.10 33.41 -21.22
CA TYR A 1032 10.01 34.38 -21.81
C TYR A 1032 11.45 34.08 -21.40
N ILE A 1033 11.67 33.83 -20.11
CA ILE A 1033 13.01 33.50 -19.64
C ILE A 1033 13.54 32.26 -20.35
N PHE A 1034 12.72 31.21 -20.46
CA PHE A 1034 13.21 30.01 -21.13
C PHE A 1034 13.47 30.24 -22.63
N ILE A 1035 12.74 31.14 -23.27
CA ILE A 1035 13.03 31.41 -24.68
C ILE A 1035 14.37 32.13 -24.81
N LEU A 1036 14.64 33.10 -23.95
CA LEU A 1036 15.95 33.75 -23.98
C LEU A 1036 17.08 32.86 -23.48
N GLU A 1037 16.77 31.76 -22.80
CA GLU A 1037 17.79 30.74 -22.56
C GLU A 1037 18.09 29.95 -23.83
N MET A 1038 17.05 29.47 -24.51
CA MET A 1038 17.25 28.64 -25.69
C MET A 1038 17.98 29.42 -26.79
N LEU A 1039 17.46 30.60 -27.16
CA LEU A 1039 18.07 31.37 -28.24
C LEU A 1039 19.39 31.99 -27.84
N LEU A 1040 19.89 31.75 -26.63
CA LEU A 1040 21.25 32.09 -26.27
C LEU A 1040 22.15 30.87 -26.41
N LYS A 1041 21.71 29.72 -25.91
CA LYS A 1041 22.50 28.50 -26.09
C LYS A 1041 22.76 28.25 -27.57
N TRP A 1042 21.75 28.45 -28.43
CA TRP A 1042 22.02 28.24 -29.85
C TRP A 1042 23.02 29.25 -30.40
N MET A 1043 23.12 30.43 -29.79
CA MET A 1043 24.18 31.35 -30.19
C MET A 1043 25.54 30.81 -29.76
N ALA A 1044 25.58 30.11 -28.63
CA ALA A 1044 26.86 29.77 -27.98
C ALA A 1044 27.41 28.45 -28.52
N TYR A 1045 26.73 27.34 -28.18
CA TYR A 1045 27.27 26.02 -28.50
C TYR A 1045 27.40 25.75 -30.00
N GLY A 1046 26.80 26.57 -30.85
CA GLY A 1046 26.56 26.16 -32.22
C GLY A 1046 25.26 25.38 -32.33
N PHE A 1047 24.56 25.57 -33.44
CA PHE A 1047 23.23 24.98 -33.58
C PHE A 1047 23.27 23.46 -33.45
N LYS A 1048 24.11 22.80 -34.25
CA LYS A 1048 24.04 21.34 -34.35
C LYS A 1048 24.41 20.68 -33.03
N ALA A 1049 25.48 21.15 -32.39
CA ALA A 1049 25.91 20.57 -31.11
C ALA A 1049 24.85 20.66 -30.03
N TYR A 1050 23.83 21.51 -30.19
CA TYR A 1050 22.77 21.57 -29.20
C TYR A 1050 21.93 20.29 -29.20
N PHE A 1051 21.52 19.83 -30.37
CA PHE A 1051 20.69 18.63 -30.45
C PHE A 1051 21.47 17.34 -30.28
N SER A 1052 22.80 17.37 -30.40
CA SER A 1052 23.58 16.17 -30.15
C SER A 1052 23.44 15.69 -28.72
N ASN A 1053 23.36 16.62 -27.77
CA ASN A 1053 23.44 16.30 -26.34
C ASN A 1053 22.04 16.00 -25.81
N GLY A 1054 21.90 14.81 -25.21
CA GLY A 1054 20.58 14.31 -24.85
C GLY A 1054 19.79 15.17 -23.87
N TRP A 1055 20.47 15.88 -22.98
CA TRP A 1055 19.75 16.64 -21.95
C TRP A 1055 19.08 17.88 -22.55
N TYR A 1056 19.78 18.57 -23.45
CA TYR A 1056 19.21 19.75 -24.08
C TYR A 1056 18.01 19.39 -24.95
N ARG A 1057 17.94 18.15 -25.44
CA ARG A 1057 16.75 17.70 -26.17
C ARG A 1057 15.52 17.69 -25.27
N LEU A 1058 15.70 17.25 -24.02
CA LEU A 1058 14.60 17.24 -23.07
C LEU A 1058 14.19 18.66 -22.73
N ASP A 1059 15.18 19.55 -22.61
CA ASP A 1059 14.87 20.95 -22.39
C ASP A 1059 14.06 21.51 -23.56
N PHE A 1060 14.45 21.17 -24.79
CA PHE A 1060 13.74 21.65 -25.97
C PHE A 1060 12.29 21.19 -25.95
N VAL A 1061 12.07 19.92 -25.58
CA VAL A 1061 10.71 19.41 -25.47
C VAL A 1061 9.91 20.22 -24.45
N VAL A 1062 10.56 20.65 -23.37
CA VAL A 1062 9.83 21.43 -22.38
C VAL A 1062 9.52 22.83 -22.90
N VAL A 1063 10.41 23.41 -23.69
CA VAL A 1063 10.09 24.71 -24.31
C VAL A 1063 8.90 24.57 -25.25
N ILE A 1064 8.79 23.43 -25.93
CA ILE A 1064 7.61 23.22 -26.77
C ILE A 1064 6.36 23.10 -25.90
N VAL A 1065 6.45 22.40 -24.77
CA VAL A 1065 5.30 22.29 -23.89
C VAL A 1065 4.84 23.68 -23.45
N PHE A 1066 5.78 24.55 -23.09
CA PHE A 1066 5.41 25.91 -22.72
C PHE A 1066 4.77 26.68 -23.87
N CYS A 1067 5.23 26.45 -25.11
CA CYS A 1067 4.64 27.19 -26.21
C CYS A 1067 3.22 26.71 -26.54
N LEU A 1068 3.05 25.39 -26.66
CA LEU A 1068 1.70 24.85 -26.90
C LEU A 1068 0.72 25.24 -25.80
N SER A 1069 1.16 25.22 -24.53
CA SER A 1069 0.21 25.50 -23.45
C SER A 1069 -0.36 26.91 -23.55
N LEU A 1070 0.46 27.88 -23.98
CA LEU A 1070 0.00 29.27 -24.02
C LEU A 1070 -0.84 29.61 -25.24
N ILE A 1071 -0.70 28.89 -26.35
CA ILE A 1071 -1.64 29.07 -27.46
C ILE A 1071 -2.97 28.40 -27.15
N GLY A 1072 -2.93 27.21 -26.54
CA GLY A 1072 -4.14 26.44 -26.34
C GLY A 1072 -5.21 27.20 -25.57
N LYS A 1073 -4.82 27.85 -24.48
CA LYS A 1073 -5.77 28.59 -23.65
C LYS A 1073 -6.39 29.78 -24.35
N THR A 1074 -5.94 30.11 -25.57
CA THR A 1074 -6.51 31.23 -26.31
C THR A 1074 -7.73 30.83 -27.14
N ARG A 1075 -7.89 29.55 -27.43
CA ARG A 1075 -8.99 29.03 -28.23
C ARG A 1075 -9.63 27.86 -27.50
N GLU A 1076 -10.97 27.84 -27.48
CA GLU A 1076 -11.66 26.77 -26.78
C GLU A 1076 -11.49 25.42 -27.48
N GLU A 1077 -11.52 25.40 -28.82
CA GLU A 1077 -11.34 24.13 -29.52
C GLU A 1077 -9.95 23.51 -29.30
N LEU A 1078 -8.99 24.28 -28.83
CA LEU A 1078 -7.67 23.72 -28.54
C LEU A 1078 -7.39 23.68 -27.04
N LYS A 1079 -8.40 23.93 -26.21
CA LYS A 1079 -8.18 23.96 -24.76
C LYS A 1079 -7.53 22.70 -24.21
N PRO A 1080 -7.85 21.48 -24.67
CA PRO A 1080 -7.15 20.29 -24.15
C PRO A 1080 -5.63 20.40 -24.10
N LEU A 1081 -5.01 21.20 -24.98
CA LEU A 1081 -3.56 21.38 -24.93
C LEU A 1081 -3.07 21.88 -23.57
N ILE A 1082 -3.90 22.60 -22.81
CA ILE A 1082 -3.44 23.13 -21.53
C ILE A 1082 -3.07 22.03 -20.54
N SER A 1083 -3.50 20.79 -20.78
CA SER A 1083 -3.03 19.69 -19.94
C SER A 1083 -1.54 19.40 -20.11
N MET A 1084 -0.94 19.81 -21.23
CA MET A 1084 0.46 19.50 -21.48
C MET A 1084 1.39 20.08 -20.42
N LYS A 1085 1.03 21.21 -19.81
CA LYS A 1085 1.95 21.86 -18.89
C LYS A 1085 2.37 20.96 -17.73
N PHE A 1086 1.63 19.90 -17.43
CA PHE A 1086 2.04 19.03 -16.35
C PHE A 1086 3.34 18.28 -16.64
N LEU A 1087 3.93 18.44 -17.82
CA LEU A 1087 5.28 17.93 -18.05
C LEU A 1087 6.38 18.87 -17.59
N ARG A 1088 6.05 20.11 -17.21
CA ARG A 1088 7.05 21.07 -16.74
C ARG A 1088 8.00 20.51 -15.68
N PRO A 1089 7.54 19.80 -14.65
CA PRO A 1089 8.48 19.35 -13.60
C PRO A 1089 9.68 18.59 -14.13
N LEU A 1090 9.57 18.06 -15.35
CA LEU A 1090 10.68 17.35 -15.97
C LEU A 1090 11.89 18.25 -16.17
N ARG A 1091 11.70 19.58 -16.18
CA ARG A 1091 12.84 20.48 -16.30
C ARG A 1091 13.79 20.36 -15.13
N VAL A 1092 13.27 20.05 -13.94
CA VAL A 1092 14.13 19.86 -12.77
C VAL A 1092 15.14 18.75 -13.02
N LEU A 1093 14.72 17.70 -13.73
CA LEU A 1093 15.54 16.49 -13.82
C LEU A 1093 16.84 16.75 -14.56
N SER A 1094 16.84 17.65 -15.54
CA SER A 1094 18.04 17.98 -16.29
C SER A 1094 18.79 19.18 -15.75
N GLN A 1095 18.23 19.89 -14.76
CA GLN A 1095 18.87 21.10 -14.28
C GLN A 1095 19.95 20.81 -13.24
N PHE A 1096 19.68 19.91 -12.29
CA PHE A 1096 20.49 19.78 -11.09
C PHE A 1096 21.38 18.54 -11.16
N GLU A 1097 22.67 18.73 -10.89
CA GLU A 1097 23.64 17.65 -10.94
C GLU A 1097 23.19 16.42 -10.15
N ARG A 1098 22.51 16.61 -9.02
CA ARG A 1098 22.16 15.47 -8.17
C ARG A 1098 21.18 14.52 -8.84
N MET A 1099 20.30 15.02 -9.70
CA MET A 1099 19.33 14.14 -10.32
C MET A 1099 19.97 13.25 -11.39
N LYS A 1100 20.89 13.82 -12.19
CA LYS A 1100 21.46 13.09 -13.31
C LYS A 1100 22.23 11.85 -12.86
N VAL A 1101 23.00 11.95 -11.78
CA VAL A 1101 23.73 10.79 -11.30
C VAL A 1101 22.76 9.68 -10.90
N VAL A 1102 21.62 10.04 -10.34
CA VAL A 1102 20.66 9.02 -9.93
C VAL A 1102 20.00 8.38 -11.14
N VAL A 1103 19.64 9.18 -12.15
CA VAL A 1103 19.03 8.61 -13.34
C VAL A 1103 20.01 7.70 -14.06
N ARG A 1104 21.29 8.07 -14.08
CA ARG A 1104 22.28 7.19 -14.68
C ARG A 1104 22.46 5.92 -13.85
N ALA A 1105 22.42 6.02 -12.53
CA ALA A 1105 22.58 4.80 -11.73
C ALA A 1105 21.40 3.86 -11.93
N LEU A 1106 20.19 4.40 -12.09
CA LEU A 1106 19.04 3.53 -12.36
C LEU A 1106 19.15 2.89 -13.75
N ILE A 1107 19.60 3.64 -14.74
CA ILE A 1107 19.77 3.05 -16.07
C ILE A 1107 20.88 2.00 -16.06
N LYS A 1108 22.02 2.35 -15.46
CA LYS A 1108 23.15 1.44 -15.38
C LYS A 1108 22.81 0.15 -14.66
N THR A 1109 21.91 0.20 -13.67
CA THR A 1109 21.62 -0.97 -12.85
C THR A 1109 20.44 -1.80 -13.36
N THR A 1110 19.39 -1.16 -13.89
CA THR A 1110 18.09 -1.80 -13.99
C THR A 1110 17.66 -2.13 -15.41
N LEU A 1111 18.11 -1.38 -16.41
CA LEU A 1111 17.74 -1.68 -17.79
C LEU A 1111 18.18 -3.06 -18.25
N PRO A 1112 19.37 -3.55 -17.90
CA PRO A 1112 19.74 -4.92 -18.30
C PRO A 1112 18.80 -6.03 -17.83
N THR A 1113 17.86 -5.75 -16.93
CA THR A 1113 16.90 -6.78 -16.53
C THR A 1113 15.87 -7.09 -17.60
N LEU A 1114 15.80 -6.31 -18.68
CA LEU A 1114 14.77 -6.51 -19.69
C LEU A 1114 14.84 -7.91 -20.28
N ASN A 1115 16.04 -8.45 -20.48
CA ASN A 1115 16.21 -9.77 -21.07
C ASN A 1115 15.45 -10.86 -20.32
N VAL A 1116 15.54 -10.87 -18.99
CA VAL A 1116 14.84 -11.90 -18.21
C VAL A 1116 13.37 -11.57 -17.99
N PHE A 1117 12.96 -10.32 -18.16
CA PHE A 1117 11.56 -9.95 -17.93
C PHE A 1117 10.61 -10.65 -18.90
N LEU A 1118 11.06 -10.88 -20.14
CA LEU A 1118 10.22 -11.57 -21.11
C LEU A 1118 9.81 -12.95 -20.65
N VAL A 1119 10.67 -13.65 -19.91
CA VAL A 1119 10.32 -14.97 -19.38
C VAL A 1119 9.18 -14.86 -18.37
N CYS A 1120 9.21 -13.81 -17.55
CA CYS A 1120 8.15 -13.62 -16.57
C CYS A 1120 6.84 -13.26 -17.25
N LEU A 1121 6.90 -12.44 -18.29
CA LEU A 1121 5.71 -12.16 -19.08
C LEU A 1121 5.17 -13.43 -19.74
N MET A 1122 6.06 -14.33 -20.17
CA MET A 1122 5.61 -15.60 -20.74
C MET A 1122 4.87 -16.43 -19.71
N ILE A 1123 5.42 -16.54 -18.49
CA ILE A 1123 4.75 -17.31 -17.44
C ILE A 1123 3.40 -16.69 -17.10
N TRP A 1124 3.33 -15.35 -17.06
CA TRP A 1124 2.07 -14.69 -16.75
C TRP A 1124 1.05 -14.91 -17.87
N LEU A 1125 1.49 -14.91 -19.12
CA LEU A 1125 0.59 -15.22 -20.22
C LEU A 1125 0.05 -16.64 -20.10
N ILE A 1126 0.93 -17.59 -19.75
CA ILE A 1126 0.49 -18.97 -19.52
C ILE A 1126 -0.61 -19.00 -18.48
N PHE A 1127 -0.39 -18.36 -17.33
CA PHE A 1127 -1.43 -18.36 -16.29
C PHE A 1127 -2.68 -17.62 -16.72
N SER A 1128 -2.55 -16.59 -17.55
CA SER A 1128 -3.72 -15.83 -17.96
C SER A 1128 -4.61 -16.66 -18.87
N ILE A 1129 -4.01 -17.35 -19.83
CA ILE A 1129 -4.78 -18.26 -20.68
C ILE A 1129 -5.38 -19.38 -19.83
N MET A 1130 -4.57 -19.95 -18.93
CA MET A 1130 -5.05 -21.00 -18.04
C MET A 1130 -6.21 -20.54 -17.17
N GLY A 1131 -6.37 -19.24 -16.97
CA GLY A 1131 -7.53 -18.69 -16.30
C GLY A 1131 -8.73 -18.43 -17.20
N VAL A 1132 -8.46 -17.81 -18.35
CA VAL A 1132 -9.53 -17.52 -19.31
C VAL A 1132 -10.24 -18.80 -19.72
N ASP A 1133 -9.49 -19.89 -19.87
CA ASP A 1133 -10.12 -21.16 -20.22
C ASP A 1133 -11.09 -21.61 -19.12
N LEU A 1134 -10.74 -21.35 -17.86
CA LEU A 1134 -11.36 -22.02 -16.74
C LEU A 1134 -12.46 -21.21 -16.06
N PHE A 1135 -12.49 -19.89 -16.23
CA PHE A 1135 -13.46 -19.05 -15.52
C PHE A 1135 -14.22 -18.06 -16.39
N ALA A 1136 -13.87 -17.90 -17.66
CA ALA A 1136 -14.46 -16.83 -18.47
C ALA A 1136 -15.96 -16.99 -18.61
N GLY A 1137 -16.68 -15.88 -18.44
CA GLY A 1137 -18.12 -15.84 -18.56
C GLY A 1137 -18.94 -16.38 -17.42
N ARG A 1138 -18.32 -16.95 -16.38
CA ARG A 1138 -19.05 -17.60 -15.31
C ARG A 1138 -19.23 -16.73 -14.07
N PHE A 1139 -18.67 -15.52 -14.05
CA PHE A 1139 -18.78 -14.65 -12.88
C PHE A 1139 -20.07 -13.84 -12.83
N TYR A 1140 -20.94 -13.95 -13.83
CA TYR A 1140 -22.21 -13.24 -13.80
C TYR A 1140 -23.03 -13.68 -12.58
N GLU A 1141 -23.78 -12.72 -12.02
CA GLU A 1141 -24.66 -13.02 -10.90
C GLU A 1141 -25.87 -12.11 -10.92
N CYS A 1142 -26.92 -12.54 -10.22
CA CYS A 1142 -28.20 -11.84 -10.15
C CYS A 1142 -28.31 -11.18 -8.78
N ILE A 1143 -28.55 -9.87 -8.76
CA ILE A 1143 -28.44 -9.09 -7.54
C ILE A 1143 -29.72 -8.27 -7.33
N ASP A 1144 -29.94 -7.89 -6.08
CA ASP A 1144 -30.86 -6.80 -5.76
C ASP A 1144 -30.24 -5.49 -6.25
N PRO A 1145 -30.91 -4.74 -7.13
CA PRO A 1145 -30.24 -3.57 -7.73
C PRO A 1145 -30.03 -2.42 -6.77
N THR A 1146 -30.66 -2.43 -5.60
CA THR A 1146 -30.46 -1.38 -4.61
C THR A 1146 -29.41 -1.75 -3.58
N SER A 1147 -29.44 -2.99 -3.08
CA SER A 1147 -28.60 -3.40 -1.96
C SER A 1147 -27.33 -4.12 -2.38
N GLY A 1148 -27.26 -4.62 -3.61
CA GLY A 1148 -26.07 -5.24 -4.13
C GLY A 1148 -25.75 -6.61 -3.59
N GLU A 1149 -26.51 -7.10 -2.60
CA GLU A 1149 -26.39 -8.47 -2.15
C GLU A 1149 -27.06 -9.40 -3.15
N ARG A 1150 -26.65 -10.67 -3.12
CA ARG A 1150 -27.21 -11.62 -4.06
C ARG A 1150 -28.51 -12.21 -3.52
N PHE A 1151 -29.34 -12.68 -4.44
CA PHE A 1151 -30.38 -13.61 -4.06
C PHE A 1151 -29.76 -14.98 -3.80
N PRO A 1152 -30.37 -15.79 -2.94
CA PRO A 1152 -29.88 -17.16 -2.77
C PRO A 1152 -30.23 -18.04 -3.95
N SER A 1153 -29.44 -19.12 -4.10
CA SER A 1153 -29.62 -20.03 -5.22
C SER A 1153 -30.99 -20.67 -5.24
N SER A 1154 -31.70 -20.68 -4.10
CA SER A 1154 -33.01 -21.31 -4.06
C SER A 1154 -34.05 -20.44 -4.75
N GLU A 1155 -33.91 -19.12 -4.70
CA GLU A 1155 -34.91 -18.23 -5.27
C GLU A 1155 -34.75 -18.10 -6.78
N VAL A 1156 -33.53 -17.88 -7.26
CA VAL A 1156 -33.28 -17.52 -8.65
C VAL A 1156 -32.15 -18.40 -9.19
N MET A 1157 -32.46 -19.67 -9.46
CA MET A 1157 -31.40 -20.63 -9.74
C MET A 1157 -30.65 -20.27 -11.02
N ASN A 1158 -31.37 -20.01 -12.11
CA ASN A 1158 -30.74 -19.62 -13.36
C ASN A 1158 -31.21 -18.23 -13.81
N LYS A 1159 -30.63 -17.77 -14.92
CA LYS A 1159 -30.87 -16.42 -15.42
C LYS A 1159 -32.31 -16.20 -15.83
N SER A 1160 -32.97 -17.24 -16.35
CA SER A 1160 -34.32 -17.06 -16.87
C SER A 1160 -35.24 -16.47 -15.79
N ARG A 1161 -35.10 -16.93 -14.55
CA ARG A 1161 -35.81 -16.31 -13.43
C ARG A 1161 -35.25 -14.94 -13.06
N CYS A 1162 -33.99 -14.67 -13.38
CA CYS A 1162 -33.44 -13.35 -13.11
C CYS A 1162 -34.00 -12.30 -14.07
N GLU A 1163 -34.62 -12.75 -15.16
CA GLU A 1163 -35.28 -11.87 -16.12
C GLU A 1163 -36.69 -12.40 -16.42
N SER A 1164 -37.52 -12.42 -15.36
CA SER A 1164 -38.87 -12.94 -15.45
C SER A 1164 -39.78 -11.96 -16.20
N LEU A 1165 -41.01 -12.41 -16.48
CA LEU A 1165 -41.92 -11.62 -17.31
C LEU A 1165 -42.72 -10.50 -16.65
N LEU A 1166 -42.06 -9.67 -15.85
CA LEU A 1166 -42.51 -8.42 -15.25
C LEU A 1166 -43.45 -8.52 -14.05
N PHE A 1167 -43.97 -9.68 -13.64
CA PHE A 1167 -44.80 -9.66 -12.45
C PHE A 1167 -43.97 -9.36 -11.20
N ASN A 1168 -42.76 -9.91 -11.14
CA ASN A 1168 -41.84 -9.68 -10.02
C ASN A 1168 -40.45 -9.63 -10.64
N GLU A 1169 -39.94 -8.42 -10.89
CA GLU A 1169 -38.64 -8.26 -11.53
C GLU A 1169 -37.78 -7.26 -10.76
N SER A 1170 -37.77 -7.35 -9.44
CA SER A 1170 -36.93 -6.49 -8.61
C SER A 1170 -35.48 -6.94 -8.72
N MET A 1171 -35.05 -7.27 -9.94
CA MET A 1171 -33.89 -8.11 -10.15
C MET A 1171 -33.02 -7.50 -11.24
N LEU A 1172 -31.70 -7.68 -11.11
CA LEU A 1172 -30.78 -7.26 -12.15
C LEU A 1172 -29.69 -8.31 -12.34
N TRP A 1173 -29.43 -8.67 -13.59
CA TRP A 1173 -28.35 -9.56 -13.98
C TRP A 1173 -27.18 -8.72 -14.46
N GLU A 1174 -26.00 -8.91 -13.87
CA GLU A 1174 -24.84 -8.14 -14.31
C GLU A 1174 -23.54 -8.88 -14.01
N ASN A 1175 -22.49 -8.45 -14.71
CA ASN A 1175 -21.15 -9.00 -14.58
C ASN A 1175 -20.49 -8.53 -13.28
N ALA A 1176 -19.24 -8.92 -13.10
CA ALA A 1176 -18.42 -8.55 -11.95
C ALA A 1176 -17.23 -7.72 -12.40
N LYS A 1177 -16.84 -6.77 -11.56
CA LYS A 1177 -15.83 -5.79 -11.95
C LYS A 1177 -14.54 -6.46 -12.40
N MET A 1178 -14.12 -7.51 -11.69
CA MET A 1178 -12.93 -8.27 -12.04
C MET A 1178 -13.32 -9.68 -12.48
N ASN A 1179 -12.89 -10.04 -13.69
CA ASN A 1179 -13.31 -11.28 -14.33
C ASN A 1179 -12.20 -11.70 -15.30
N PHE A 1180 -12.31 -12.95 -15.77
CA PHE A 1180 -11.32 -13.52 -16.68
C PHE A 1180 -11.86 -13.67 -18.09
N ASP A 1181 -12.76 -12.78 -18.50
CA ASP A 1181 -13.47 -12.96 -19.76
C ASP A 1181 -12.54 -12.90 -20.96
N ASN A 1182 -11.38 -12.27 -20.84
CA ASN A 1182 -10.38 -12.31 -21.90
C ASN A 1182 -9.01 -11.99 -21.31
N VAL A 1183 -7.98 -12.28 -22.09
CA VAL A 1183 -6.60 -12.23 -21.60
C VAL A 1183 -6.24 -10.85 -21.05
N GLY A 1184 -6.82 -9.78 -21.60
CA GLY A 1184 -6.52 -8.46 -21.09
C GLY A 1184 -7.11 -8.18 -19.73
N ASN A 1185 -8.29 -8.72 -19.44
CA ASN A 1185 -8.78 -8.70 -18.07
C ASN A 1185 -8.01 -9.68 -17.20
N GLY A 1186 -7.56 -10.78 -17.78
CA GLY A 1186 -6.75 -11.74 -17.05
C GLY A 1186 -5.50 -11.12 -16.46
N PHE A 1187 -4.71 -10.43 -17.29
CA PHE A 1187 -3.50 -9.81 -16.79
C PHE A 1187 -3.78 -8.82 -15.66
N LEU A 1188 -4.91 -8.11 -15.73
CA LEU A 1188 -5.22 -7.14 -14.69
C LEU A 1188 -5.64 -7.84 -13.39
N SER A 1189 -6.44 -8.90 -13.50
CA SER A 1189 -6.81 -9.65 -12.31
C SER A 1189 -5.58 -10.29 -11.69
N LEU A 1190 -4.66 -10.76 -12.52
CA LEU A 1190 -3.43 -11.37 -12.02
C LEU A 1190 -2.57 -10.35 -11.29
N LEU A 1191 -2.42 -9.15 -11.87
CA LEU A 1191 -1.69 -8.09 -11.17
C LEU A 1191 -2.36 -7.74 -9.84
N GLN A 1192 -3.69 -7.80 -9.79
CA GLN A 1192 -4.38 -7.50 -8.54
C GLN A 1192 -4.17 -8.59 -7.50
N VAL A 1193 -4.11 -9.85 -7.94
CA VAL A 1193 -3.71 -10.94 -7.05
C VAL A 1193 -2.28 -10.75 -6.56
N ALA A 1194 -1.37 -10.37 -7.45
CA ALA A 1194 0.06 -10.38 -7.12
C ALA A 1194 0.41 -9.40 -6.02
N THR A 1195 -0.35 -8.31 -5.89
CA THR A 1195 -0.13 -7.34 -4.82
C THR A 1195 -1.02 -7.60 -3.61
N PHE A 1196 -1.74 -8.72 -3.59
CA PHE A 1196 -2.57 -9.11 -2.46
C PHE A 1196 -3.60 -8.04 -2.10
N ASN A 1197 -4.00 -7.22 -3.07
CA ASN A 1197 -5.05 -6.23 -2.90
C ASN A 1197 -6.31 -6.72 -3.61
N GLY A 1198 -7.39 -6.87 -2.87
CA GLY A 1198 -8.66 -7.28 -3.46
C GLY A 1198 -8.70 -8.69 -3.98
N TRP A 1199 -7.60 -9.44 -3.86
CA TRP A 1199 -7.57 -10.84 -4.24
C TRP A 1199 -8.68 -11.68 -3.62
N ILE A 1200 -9.10 -11.35 -2.39
CA ILE A 1200 -10.15 -12.17 -1.76
C ILE A 1200 -11.49 -12.07 -2.50
N THR A 1201 -11.76 -10.93 -3.15
CA THR A 1201 -13.01 -10.84 -3.90
C THR A 1201 -12.96 -11.67 -5.18
N ILE A 1202 -11.77 -11.77 -5.77
CA ILE A 1202 -11.61 -12.61 -6.95
C ILE A 1202 -11.74 -14.07 -6.57
N MET A 1203 -11.04 -14.49 -5.51
CA MET A 1203 -11.14 -15.87 -5.06
C MET A 1203 -12.57 -16.25 -4.67
N ASN A 1204 -13.31 -15.33 -4.05
CA ASN A 1204 -14.72 -15.62 -3.73
C ASN A 1204 -15.54 -15.79 -5.00
N SER A 1205 -15.27 -14.97 -6.01
CA SER A 1205 -15.96 -15.14 -7.29
C SER A 1205 -15.63 -16.49 -7.87
N ALA A 1206 -14.35 -16.85 -7.90
CA ALA A 1206 -13.93 -18.10 -8.50
C ALA A 1206 -14.62 -19.26 -7.82
N ILE A 1207 -14.45 -19.38 -6.49
CA ILE A 1207 -14.95 -20.55 -5.80
C ILE A 1207 -16.46 -20.62 -5.78
N ASP A 1208 -17.15 -19.52 -6.11
CA ASP A 1208 -18.62 -19.58 -6.17
C ASP A 1208 -19.15 -19.98 -7.54
N SER A 1209 -18.32 -20.04 -8.57
CA SER A 1209 -18.79 -20.05 -9.95
C SER A 1209 -19.18 -21.45 -10.42
N VAL A 1210 -20.33 -21.54 -11.10
CA VAL A 1210 -20.87 -22.81 -11.57
C VAL A 1210 -20.66 -22.92 -13.08
N ALA A 1211 -21.54 -22.27 -13.85
CA ALA A 1211 -21.58 -22.44 -15.30
C ALA A 1211 -22.23 -21.21 -15.91
N VAL A 1212 -22.09 -21.10 -17.23
CA VAL A 1212 -22.18 -19.81 -17.92
C VAL A 1212 -23.42 -19.02 -17.50
N ASN A 1213 -24.58 -19.68 -17.43
CA ASN A 1213 -25.85 -19.02 -17.14
C ASN A 1213 -26.47 -19.49 -15.83
N ILE A 1214 -25.69 -20.03 -14.92
CA ILE A 1214 -26.20 -20.58 -13.66
C ILE A 1214 -25.86 -19.58 -12.56
N GLN A 1215 -26.82 -19.36 -11.66
CA GLN A 1215 -26.57 -18.46 -10.55
C GLN A 1215 -25.45 -19.04 -9.68
N PRO A 1216 -24.41 -18.26 -9.38
CA PRO A 1216 -23.31 -18.81 -8.57
C PRO A 1216 -23.76 -19.12 -7.15
N HIS A 1217 -23.20 -20.19 -6.60
CA HIS A 1217 -23.65 -20.75 -5.33
C HIS A 1217 -22.46 -20.84 -4.39
N PHE A 1218 -22.72 -20.63 -3.11
CA PHE A 1218 -21.67 -20.40 -2.13
C PHE A 1218 -20.72 -21.59 -2.02
N GLU A 1219 -19.45 -21.36 -2.38
CA GLU A 1219 -18.36 -22.28 -2.07
C GLU A 1219 -18.59 -23.68 -2.62
N VAL A 1220 -18.86 -23.75 -3.92
CA VAL A 1220 -19.17 -25.03 -4.54
C VAL A 1220 -17.89 -25.81 -4.86
N ASN A 1221 -16.97 -25.19 -5.60
CA ASN A 1221 -15.71 -25.85 -5.95
C ASN A 1221 -14.55 -25.21 -5.20
N ILE A 1222 -14.56 -25.35 -3.87
CA ILE A 1222 -13.54 -24.83 -2.97
C ILE A 1222 -12.11 -25.21 -3.36
N TYR A 1223 -11.95 -26.30 -4.11
CA TYR A 1223 -10.62 -26.75 -4.51
C TYR A 1223 -9.91 -25.84 -5.51
N MET A 1224 -10.62 -24.92 -6.16
CA MET A 1224 -9.94 -23.97 -7.04
C MET A 1224 -8.87 -23.13 -6.34
N TYR A 1225 -8.83 -23.09 -5.01
CA TYR A 1225 -7.74 -22.40 -4.33
C TYR A 1225 -6.37 -22.92 -4.78
N CYS A 1226 -6.30 -24.12 -5.37
CA CYS A 1226 -5.04 -24.60 -5.90
C CYS A 1226 -4.52 -23.71 -7.01
N TYR A 1227 -5.43 -23.14 -7.81
CA TYR A 1227 -5.01 -22.28 -8.92
C TYR A 1227 -4.22 -21.09 -8.39
N PHE A 1228 -4.76 -20.40 -7.39
CA PHE A 1228 -4.09 -19.22 -6.87
C PHE A 1228 -2.87 -19.58 -6.03
N ILE A 1229 -2.91 -20.69 -5.30
CA ILE A 1229 -1.70 -21.16 -4.61
C ILE A 1229 -0.57 -21.37 -5.61
N ASN A 1230 -0.86 -22.06 -6.72
CA ASN A 1230 0.17 -22.31 -7.73
C ASN A 1230 0.65 -21.02 -8.37
N PHE A 1231 -0.28 -20.09 -8.65
CA PHE A 1231 0.14 -18.80 -9.18
C PHE A 1231 1.07 -18.08 -8.21
N ILE A 1232 0.74 -18.11 -6.93
CA ILE A 1232 1.53 -17.37 -5.95
C ILE A 1232 2.91 -17.99 -5.80
N ILE A 1233 3.01 -19.31 -5.95
CA ILE A 1233 4.33 -19.94 -5.87
C ILE A 1233 5.15 -19.65 -7.13
N PHE A 1234 4.62 -20.04 -8.29
CA PHE A 1234 5.45 -20.06 -9.49
C PHE A 1234 5.51 -18.75 -10.28
N GLY A 1235 4.49 -17.90 -10.23
CA GLY A 1235 4.48 -16.71 -11.06
C GLY A 1235 5.00 -15.46 -10.37
N VAL A 1236 5.06 -15.46 -9.05
CA VAL A 1236 5.44 -14.27 -8.29
C VAL A 1236 6.74 -14.48 -7.53
N PHE A 1237 6.77 -15.51 -6.69
CA PHE A 1237 7.88 -15.67 -5.75
C PHE A 1237 9.19 -15.96 -6.48
N LEU A 1238 9.17 -16.93 -7.40
CA LEU A 1238 10.40 -17.27 -8.13
C LEU A 1238 10.85 -16.16 -9.07
N PRO A 1239 10.00 -15.63 -9.95
CA PRO A 1239 10.44 -14.51 -10.81
C PRO A 1239 11.00 -13.31 -10.06
N LEU A 1240 10.40 -12.95 -8.92
CA LEU A 1240 10.90 -11.81 -8.16
C LEU A 1240 12.38 -11.96 -7.82
N SER A 1241 12.77 -13.15 -7.35
CA SER A 1241 14.19 -13.39 -7.07
C SER A 1241 14.99 -13.51 -8.36
N MET A 1242 14.33 -13.92 -9.45
CA MET A 1242 15.03 -13.98 -10.73
C MET A 1242 15.40 -12.58 -11.23
N LEU A 1243 14.66 -11.57 -10.79
CA LEU A 1243 14.98 -10.19 -11.12
C LEU A 1243 16.03 -9.63 -10.16
N ILE A 1244 15.79 -9.82 -8.85
CA ILE A 1244 16.68 -9.25 -7.84
C ILE A 1244 18.11 -9.75 -8.01
N THR A 1245 18.30 -11.02 -8.43
CA THR A 1245 19.67 -11.50 -8.57
C THR A 1245 20.41 -10.80 -9.71
N VAL A 1246 19.70 -10.41 -10.77
CA VAL A 1246 20.35 -9.72 -11.87
C VAL A 1246 20.66 -8.28 -11.47
N ILE A 1247 19.71 -7.64 -10.77
CA ILE A 1247 19.97 -6.29 -10.30
C ILE A 1247 21.24 -6.27 -9.44
N ILE A 1248 21.37 -7.26 -8.54
CA ILE A 1248 22.55 -7.30 -7.69
C ILE A 1248 23.81 -7.56 -8.51
N ASP A 1249 23.73 -8.43 -9.53
CA ASP A 1249 24.93 -8.73 -10.29
C ASP A 1249 25.47 -7.50 -11.01
N ASN A 1250 24.57 -6.65 -11.54
CA ASN A 1250 25.06 -5.41 -12.15
C ASN A 1250 25.51 -4.39 -11.11
N PHE A 1251 24.84 -4.35 -9.96
CA PHE A 1251 25.31 -3.43 -8.92
C PHE A 1251 26.74 -3.77 -8.50
N ASN A 1252 27.06 -5.06 -8.42
CA ASN A 1252 28.44 -5.43 -8.13
C ASN A 1252 29.36 -5.11 -9.30
N LYS A 1253 28.86 -5.33 -10.52
CA LYS A 1253 29.71 -5.05 -11.68
C LYS A 1253 30.18 -3.61 -11.65
N HIS A 1254 29.25 -2.68 -11.50
CA HIS A 1254 29.60 -1.26 -11.52
C HIS A 1254 30.37 -0.86 -10.26
N LYS A 1255 30.05 -1.44 -9.10
CA LYS A 1255 30.87 -1.17 -7.92
C LYS A 1255 32.32 -1.56 -8.14
N ILE A 1256 32.58 -2.55 -9.00
CA ILE A 1256 33.95 -2.89 -9.35
C ILE A 1256 34.50 -2.09 -10.52
N LYS A 1257 33.67 -1.68 -11.49
CA LYS A 1257 34.18 -1.03 -12.68
C LYS A 1257 34.82 0.33 -12.37
N LEU A 1258 34.46 0.97 -11.26
CA LEU A 1258 35.14 2.20 -10.86
C LEU A 1258 35.49 2.26 -9.38
N GLY A 1259 35.03 1.33 -8.56
CA GLY A 1259 35.11 1.52 -7.13
C GLY A 1259 34.09 2.56 -6.70
N GLY A 1260 34.54 3.53 -5.93
CA GLY A 1260 33.66 4.61 -5.50
C GLY A 1260 32.76 4.19 -4.37
N SER A 1261 32.49 5.10 -3.44
CA SER A 1261 31.62 4.77 -2.32
C SER A 1261 30.25 4.32 -2.80
N ASN A 1262 29.65 5.07 -3.71
CA ASN A 1262 28.48 4.60 -4.44
C ASN A 1262 28.46 5.24 -5.82
N ILE A 1263 27.73 4.60 -6.74
CA ILE A 1263 27.36 5.24 -7.99
C ILE A 1263 26.18 6.20 -7.85
N PHE A 1264 25.62 6.34 -6.65
CA PHE A 1264 24.43 7.16 -6.44
C PHE A 1264 24.75 8.55 -5.89
N ILE A 1265 26.02 8.93 -5.82
CA ILE A 1265 26.43 10.18 -5.20
C ILE A 1265 27.42 10.94 -6.08
N THR A 1266 27.35 12.26 -6.01
CA THR A 1266 28.20 13.16 -6.78
C THR A 1266 29.61 13.23 -6.19
N VAL A 1267 30.56 13.61 -7.05
CA VAL A 1267 31.98 13.58 -6.70
C VAL A 1267 32.29 14.51 -5.53
N LYS A 1268 31.49 15.55 -5.33
CA LYS A 1268 31.71 16.40 -4.16
C LYS A 1268 31.33 15.68 -2.88
N GLN A 1269 30.24 14.93 -2.90
CA GLN A 1269 29.77 14.25 -1.70
C GLN A 1269 30.74 13.17 -1.22
N ARG A 1270 31.60 12.65 -2.09
CA ARG A 1270 32.57 11.66 -1.65
C ARG A 1270 33.55 12.18 -0.61
N LYS A 1271 33.91 13.48 -0.62
CA LYS A 1271 34.73 13.97 0.48
C LYS A 1271 33.94 14.02 1.78
N GLN A 1272 32.67 14.42 1.71
CA GLN A 1272 31.83 14.38 2.91
C GLN A 1272 31.77 12.97 3.45
N TYR A 1273 31.53 11.98 2.58
CA TYR A 1273 31.48 10.59 3.01
C TYR A 1273 32.74 10.19 3.76
N ARG A 1274 33.91 10.59 3.26
CA ARG A 1274 35.17 10.21 3.89
C ARG A 1274 35.52 11.02 5.13
N ARG A 1275 34.91 12.20 5.32
CA ARG A 1275 35.02 12.86 6.62
C ARG A 1275 34.08 12.23 7.64
N LEU A 1276 32.87 11.87 7.20
CA LEU A 1276 31.89 11.29 8.11
C LEU A 1276 32.30 9.90 8.57
N LYS A 1277 32.84 9.07 7.66
CA LYS A 1277 33.23 7.72 8.04
C LYS A 1277 34.30 7.70 9.12
N LYS A 1278 35.07 8.78 9.26
CA LYS A 1278 36.17 8.79 10.23
C LYS A 1278 35.64 8.65 11.65
N ASN A 1293 40.30 21.33 37.11
CA ASN A 1293 40.13 22.69 37.65
C ASN A 1293 41.14 22.93 38.74
N LYS A 1294 41.40 24.21 39.04
CA LYS A 1294 42.44 24.58 39.99
C LYS A 1294 41.97 25.36 41.20
N LEU A 1295 40.74 25.88 41.21
CA LEU A 1295 40.27 26.73 42.31
C LEU A 1295 39.34 25.99 43.27
N GLN A 1296 39.63 24.72 43.53
CA GLN A 1296 38.89 23.90 44.48
C GLN A 1296 37.44 23.70 44.10
N GLY A 1297 37.05 24.07 42.88
CA GLY A 1297 35.81 23.56 42.32
C GLY A 1297 35.92 22.11 41.91
N PHE A 1298 36.18 21.23 42.88
CA PHE A 1298 36.58 19.86 42.58
C PHE A 1298 35.46 19.07 41.91
N ILE A 1299 34.28 19.66 41.72
CA ILE A 1299 33.15 19.01 41.09
C ILE A 1299 33.58 18.47 39.73
N PHE A 1300 34.64 19.06 39.17
CA PHE A 1300 35.25 18.48 37.98
C PHE A 1300 35.65 17.03 38.21
N ASP A 1301 36.22 16.74 39.37
CA ASP A 1301 36.63 15.38 39.71
C ASP A 1301 35.48 14.45 40.05
N VAL A 1302 34.24 14.95 40.02
CA VAL A 1302 33.07 14.18 40.42
C VAL A 1302 32.15 13.93 39.22
N VAL A 1303 31.83 14.99 38.47
CA VAL A 1303 30.94 14.88 37.33
C VAL A 1303 31.50 13.96 36.24
N THR A 1304 32.82 13.78 36.22
CA THR A 1304 33.45 12.88 35.26
C THR A 1304 33.29 11.41 35.60
N SER A 1305 32.91 11.09 36.83
CA SER A 1305 32.97 9.71 37.30
C SER A 1305 31.91 8.81 36.65
N GLN A 1306 32.34 7.59 36.34
CA GLN A 1306 31.42 6.52 35.98
C GLN A 1306 30.25 6.46 36.95
N ALA A 1307 30.52 6.68 38.25
CA ALA A 1307 29.47 6.55 39.26
C ALA A 1307 28.36 7.57 39.03
N PHE A 1308 28.70 8.77 38.57
CA PHE A 1308 27.69 9.76 38.22
C PHE A 1308 27.03 9.42 36.88
N ASN A 1309 27.79 8.90 35.92
CA ASN A 1309 27.23 8.66 34.59
C ASN A 1309 26.19 7.54 34.63
N VAL A 1310 26.52 6.44 35.31
CA VAL A 1310 25.58 5.33 35.44
C VAL A 1310 24.31 5.80 36.16
N ILE A 1311 24.45 6.70 37.13
CA ILE A 1311 23.30 7.23 37.83
C ILE A 1311 22.41 8.01 36.86
N VAL A 1312 23.02 8.79 35.98
CA VAL A 1312 22.24 9.53 34.99
C VAL A 1312 21.44 8.56 34.11
N MET A 1313 22.07 7.45 33.73
CA MET A 1313 21.37 6.49 32.89
C MET A 1313 20.26 5.78 33.65
N VAL A 1314 20.47 5.50 34.93
CA VAL A 1314 19.44 4.82 35.70
C VAL A 1314 18.24 5.73 35.89
N LEU A 1315 18.47 7.03 36.05
CA LEU A 1315 17.37 7.98 36.10
C LEU A 1315 16.58 7.97 34.79
N ILE A 1316 17.28 8.05 33.64
CA ILE A 1316 16.56 8.06 32.37
C ILE A 1316 15.69 6.81 32.22
N CYS A 1317 16.26 5.65 32.57
CA CYS A 1317 15.50 4.40 32.44
C CYS A 1317 14.31 4.38 33.37
N PHE A 1318 14.50 4.81 34.62
CA PHE A 1318 13.38 4.77 35.55
C PHE A 1318 12.28 5.69 35.06
N GLN A 1319 12.62 6.84 34.47
CA GLN A 1319 11.57 7.75 34.04
C GLN A 1319 10.76 7.14 32.90
N ALA A 1320 11.41 6.35 32.03
CA ALA A 1320 10.62 5.72 30.97
C ALA A 1320 9.74 4.59 31.52
N ILE A 1321 10.28 3.78 32.43
CA ILE A 1321 9.46 2.72 32.99
C ILE A 1321 8.33 3.29 33.83
N ALA A 1322 8.60 4.37 34.59
CA ALA A 1322 7.58 5.11 35.31
C ALA A 1322 6.63 5.85 34.39
N MET A 1323 6.86 5.84 33.08
CA MET A 1323 5.86 6.33 32.15
C MET A 1323 5.01 5.21 31.58
N MET A 1324 5.57 4.00 31.46
CA MET A 1324 4.76 2.89 30.96
C MET A 1324 3.52 2.60 31.80
N ILE A 1325 3.51 2.97 33.09
CA ILE A 1325 2.38 2.63 33.95
C ILE A 1325 1.08 3.37 33.60
N ASP A 1326 1.12 4.39 32.75
CA ASP A 1326 -0.06 5.22 32.57
C ASP A 1326 -1.09 4.53 31.69
N THR A 1327 -2.36 4.83 31.94
CA THR A 1327 -3.47 4.28 31.18
C THR A 1327 -4.59 5.30 31.11
N ASP A 1328 -5.49 5.10 30.13
CA ASP A 1328 -6.58 6.05 29.92
C ASP A 1328 -7.54 6.10 31.10
N VAL A 1329 -8.16 4.96 31.42
CA VAL A 1329 -8.96 4.88 32.64
C VAL A 1329 -8.01 4.84 33.83
N GLN A 1330 -8.12 5.84 34.71
CA GLN A 1330 -7.10 6.04 35.73
C GLN A 1330 -7.65 6.90 36.85
N SER A 1331 -7.46 6.43 38.09
CA SER A 1331 -7.91 7.16 39.27
C SER A 1331 -7.04 8.39 39.53
N LEU A 1332 -7.66 9.39 40.15
CA LEU A 1332 -6.98 10.67 40.38
C LEU A 1332 -5.80 10.51 41.33
N GLN A 1333 -5.95 9.64 42.35
CA GLN A 1333 -4.83 9.36 43.24
C GLN A 1333 -3.61 8.82 42.49
N MET A 1334 -3.84 8.20 41.33
CA MET A 1334 -2.73 7.74 40.50
C MET A 1334 -2.24 8.83 39.55
N SER A 1335 -3.17 9.61 39.01
CA SER A 1335 -2.76 10.64 38.06
C SER A 1335 -1.89 11.71 38.73
N ILE A 1336 -2.25 12.10 39.95
CA ILE A 1336 -1.42 13.07 40.67
C ILE A 1336 -0.09 12.44 41.10
N ALA A 1337 -0.08 11.14 41.40
CA ALA A 1337 1.17 10.47 41.76
C ALA A 1337 2.03 10.16 40.55
N LEU A 1338 1.53 10.39 39.34
CA LEU A 1338 2.39 10.42 38.16
C LEU A 1338 2.86 11.84 37.86
N TYR A 1339 1.99 12.82 38.12
CA TYR A 1339 2.36 14.21 37.89
C TYR A 1339 3.53 14.63 38.78
N TRP A 1340 3.41 14.41 40.10
CA TRP A 1340 4.53 14.72 40.99
C TRP A 1340 5.78 13.86 40.72
N ILE A 1341 5.64 12.74 40.02
CA ILE A 1341 6.84 12.00 39.61
C ILE A 1341 7.54 12.74 38.49
N ASN A 1342 6.79 13.14 37.47
CA ASN A 1342 7.44 13.85 36.37
C ASN A 1342 8.02 15.18 36.85
N SER A 1343 7.39 15.78 37.87
CA SER A 1343 7.95 17.00 38.47
C SER A 1343 9.25 16.72 39.21
N ILE A 1344 9.31 15.65 40.00
CA ILE A 1344 10.56 15.26 40.63
C ILE A 1344 11.66 15.04 39.59
N PHE A 1345 11.31 14.43 38.46
CA PHE A 1345 12.31 14.19 37.43
C PHE A 1345 12.80 15.50 36.80
N VAL A 1346 11.91 16.48 36.63
CA VAL A 1346 12.39 17.77 36.14
C VAL A 1346 13.25 18.47 37.19
N MET A 1347 12.98 18.22 38.47
CA MET A 1347 13.83 18.79 39.51
C MET A 1347 15.23 18.20 39.45
N LEU A 1348 15.30 16.87 39.35
CA LEU A 1348 16.60 16.20 39.27
C LEU A 1348 17.40 16.66 38.06
N TYR A 1349 16.73 16.75 36.90
CA TYR A 1349 17.43 17.21 35.70
C TYR A 1349 17.95 18.63 35.86
N THR A 1350 17.14 19.53 36.45
CA THR A 1350 17.60 20.90 36.66
C THR A 1350 18.77 20.95 37.62
N MET A 1351 18.74 20.13 38.67
CA MET A 1351 19.85 20.12 39.62
C MET A 1351 21.13 19.65 38.96
N GLU A 1352 21.05 18.60 38.14
CA GLU A 1352 22.27 18.13 37.48
C GLU A 1352 22.77 19.11 36.44
N CYS A 1353 21.87 19.85 35.79
CA CYS A 1353 22.32 20.90 34.88
C CYS A 1353 23.03 22.03 35.64
N ILE A 1354 22.50 22.40 36.80
CA ILE A 1354 23.15 23.44 37.59
C ILE A 1354 24.52 22.98 38.05
N LEU A 1355 24.62 21.72 38.49
CA LEU A 1355 25.93 21.22 38.91
C LEU A 1355 26.90 21.19 37.74
N LYS A 1356 26.44 20.73 36.58
CA LYS A 1356 27.28 20.69 35.38
C LYS A 1356 27.82 22.07 35.03
N LEU A 1357 27.04 23.12 35.24
CA LEU A 1357 27.56 24.45 34.94
C LEU A 1357 28.80 24.82 35.75
N ILE A 1358 29.16 24.05 36.79
CA ILE A 1358 30.40 24.32 37.52
C ILE A 1358 31.60 23.58 36.94
N ALA A 1359 31.38 22.52 36.17
CA ALA A 1359 32.48 21.77 35.57
C ALA A 1359 32.06 21.14 34.25
N PHE A 1363 33.69 23.67 31.66
CA PHE A 1363 32.30 24.12 31.67
C PHE A 1363 32.01 25.06 30.50
N TYR A 1364 31.35 24.51 29.48
CA TYR A 1364 31.05 25.23 28.25
C TYR A 1364 29.67 24.84 27.76
N PHE A 1365 29.11 25.70 26.89
CA PHE A 1365 28.02 25.34 26.01
C PHE A 1365 28.52 24.85 24.65
N THR A 1366 29.70 24.25 24.61
CA THR A 1366 30.34 23.89 23.35
C THR A 1366 29.90 22.52 22.83
N ILE A 1367 29.63 21.57 23.72
CA ILE A 1367 29.26 20.22 23.32
C ILE A 1367 27.81 20.18 22.84
N ALA A 1368 27.60 19.60 21.66
CA ALA A 1368 26.28 19.66 21.03
C ALA A 1368 25.25 18.91 21.88
N TRP A 1369 25.60 17.72 22.35
CA TRP A 1369 24.71 16.99 23.25
C TRP A 1369 24.41 17.80 24.50
N ASN A 1370 25.36 18.62 24.96
CA ASN A 1370 25.15 19.45 26.13
C ASN A 1370 24.33 20.69 25.82
N ILE A 1371 24.19 21.02 24.53
CA ILE A 1371 23.18 21.98 24.11
C ILE A 1371 21.80 21.34 24.09
N PHE A 1372 21.72 20.13 23.53
CA PHE A 1372 20.45 19.41 23.49
C PHE A 1372 19.87 19.23 24.88
N ASP A 1373 20.70 18.82 25.84
CA ASP A 1373 20.22 18.63 27.21
C ASP A 1373 19.75 19.95 27.85
N PHE A 1374 20.43 21.05 27.54
CA PHE A 1374 20.03 22.32 28.16
C PHE A 1374 18.74 22.85 27.54
N MET A 1375 18.58 22.64 26.22
CA MET A 1375 17.29 22.90 25.60
C MET A 1375 16.19 22.07 26.23
N VAL A 1376 16.47 20.78 26.46
CA VAL A 1376 15.47 19.91 27.06
C VAL A 1376 15.07 20.42 28.44
N VAL A 1377 16.03 20.88 29.23
CA VAL A 1377 15.72 21.35 30.57
C VAL A 1377 14.87 22.62 30.50
N ILE A 1378 15.27 23.57 29.66
CA ILE A 1378 14.50 24.81 29.53
C ILE A 1378 13.08 24.51 29.07
N PHE A 1379 12.94 23.74 27.99
CA PHE A 1379 11.61 23.39 27.50
C PHE A 1379 10.80 22.61 28.54
N SER A 1380 11.46 21.79 29.36
CA SER A 1380 10.74 21.02 30.35
C SER A 1380 10.17 21.94 31.42
N ILE A 1381 10.98 22.86 31.94
CA ILE A 1381 10.50 23.73 33.00
C ILE A 1381 9.47 24.71 32.45
N THR A 1382 9.67 25.21 31.22
CA THR A 1382 8.74 26.12 30.57
C THR A 1382 7.51 25.37 30.05
N GLY A 1383 6.95 24.52 30.91
CA GLY A 1383 5.91 23.59 30.51
C GLY A 1383 5.39 22.92 31.77
N LEU A 1384 6.33 22.42 32.59
CA LEU A 1384 5.96 21.96 33.92
C LEU A 1384 5.38 23.11 34.72
N CYS A 1385 6.10 24.23 34.75
CA CYS A 1385 5.61 25.44 35.40
C CYS A 1385 4.97 26.40 34.41
N LEU A 1386 5.14 26.16 33.11
CA LEU A 1386 4.50 26.94 32.07
C LEU A 1386 4.89 28.42 32.23
N PRO A 1387 3.95 29.38 32.28
CA PRO A 1387 4.39 30.74 32.61
C PRO A 1387 4.36 31.02 34.11
N MET A 1388 5.45 30.63 34.75
CA MET A 1388 5.65 30.85 36.19
C MET A 1388 4.65 30.09 37.07
N THR A 1389 4.11 28.99 36.57
CA THR A 1389 3.23 28.05 37.26
C THR A 1389 1.85 28.62 37.59
N VAL A 1390 1.50 29.80 37.08
CA VAL A 1390 0.19 30.38 37.36
C VAL A 1390 -0.33 31.14 36.13
N GLY A 1391 0.46 31.21 35.06
CA GLY A 1391 0.28 32.23 34.06
C GLY A 1391 -0.84 32.05 33.06
N SER A 1392 -1.05 30.85 32.55
CA SER A 1392 -2.08 30.66 31.53
C SER A 1392 -2.46 29.18 31.45
N TYR A 1393 -3.09 28.79 30.35
CA TYR A 1393 -3.57 27.42 30.17
C TYR A 1393 -3.17 26.88 28.80
N LEU A 1394 -3.92 25.89 28.32
CA LEU A 1394 -3.78 25.29 26.99
C LEU A 1394 -2.36 24.85 26.64
N VAL A 1395 -1.46 24.79 27.60
CA VAL A 1395 -0.29 23.93 27.48
C VAL A 1395 -0.72 22.52 27.83
N PRO A 1396 -0.71 21.57 26.89
CA PRO A 1396 -1.47 20.33 27.09
C PRO A 1396 -0.74 19.38 28.03
N PRO A 1397 -1.47 18.71 28.92
CA PRO A 1397 -0.83 17.71 29.78
C PRO A 1397 -0.29 16.52 28.99
N SER A 1398 0.86 16.01 29.44
CA SER A 1398 1.66 15.00 28.76
C SER A 1398 2.46 15.54 27.57
N LEU A 1399 2.62 16.86 27.46
CA LEU A 1399 3.70 17.39 26.64
C LEU A 1399 5.05 17.20 27.35
N VAL A 1400 5.08 17.49 28.65
CA VAL A 1400 6.32 17.43 29.41
C VAL A 1400 6.87 16.00 29.45
N GLN A 1401 5.98 15.01 29.52
CA GLN A 1401 6.44 13.63 29.47
C GLN A 1401 7.20 13.33 28.19
N LEU A 1402 6.73 13.83 27.05
CA LEU A 1402 7.44 13.60 25.79
C LEU A 1402 8.75 14.40 25.75
N ILE A 1403 8.74 15.59 26.33
CA ILE A 1403 9.97 16.38 26.42
C ILE A 1403 11.04 15.58 27.17
N LEU A 1404 10.70 15.13 28.37
CA LEU A 1404 11.65 14.34 29.16
C LEU A 1404 12.03 13.06 28.44
N LEU A 1405 11.07 12.42 27.76
CA LEU A 1405 11.36 11.17 27.05
C LEU A 1405 12.41 11.37 25.98
N SER A 1406 12.45 12.54 25.36
CA SER A 1406 13.34 12.73 24.23
C SER A 1406 14.81 12.43 24.57
N ARG A 1407 15.19 12.57 25.84
CA ARG A 1407 16.58 12.34 26.23
C ARG A 1407 17.03 10.88 26.07
N ILE A 1408 16.09 9.93 25.96
CA ILE A 1408 16.47 8.53 25.85
C ILE A 1408 17.33 8.25 24.63
N ILE A 1409 17.38 9.17 23.66
CA ILE A 1409 18.28 9.00 22.52
C ILE A 1409 19.72 8.82 22.93
N HIS A 1410 20.10 9.30 24.13
CA HIS A 1410 21.46 9.11 24.62
C HIS A 1410 21.90 7.65 24.61
N MET A 1411 20.96 6.71 24.76
CA MET A 1411 21.31 5.30 24.80
C MET A 1411 21.68 4.69 23.46
N LEU A 1412 22.03 5.52 22.48
CA LEU A 1412 22.66 5.05 21.25
C LEU A 1412 24.07 5.58 21.05
N ARG A 1413 24.56 6.43 21.95
CA ARG A 1413 25.88 7.02 21.77
C ARG A 1413 26.98 6.01 22.07
N LEU A 1414 28.12 6.21 21.43
CA LEU A 1414 29.16 5.19 21.39
C LEU A 1414 29.58 4.76 22.80
N GLY A 1415 30.04 5.70 23.61
CA GLY A 1415 30.64 5.37 24.89
C GLY A 1415 29.69 5.17 26.04
N LYS A 1416 28.38 5.23 25.80
CA LYS A 1416 27.41 5.48 26.87
C LYS A 1416 26.19 4.57 26.74
N GLY A 1417 26.36 3.38 26.17
CA GLY A 1417 25.27 2.45 26.00
C GLY A 1417 25.71 1.14 25.39
N PRO A 1418 24.75 0.28 25.07
CA PRO A 1418 25.09 -1.03 24.49
C PRO A 1418 25.72 -0.88 23.11
N LYS A 1419 26.91 -1.47 22.96
CA LYS A 1419 27.73 -1.25 21.78
C LYS A 1419 27.05 -1.75 20.51
N VAL A 1420 26.22 -2.79 20.63
CA VAL A 1420 25.54 -3.34 19.47
C VAL A 1420 24.51 -2.37 18.89
N PHE A 1421 23.94 -1.48 19.72
CA PHE A 1421 22.99 -0.51 19.16
C PHE A 1421 23.71 0.49 18.27
N HIS A 1422 24.93 0.87 18.62
CA HIS A 1422 25.73 1.73 17.76
C HIS A 1422 26.13 0.99 16.50
N ASN A 1423 26.63 -0.24 16.66
CA ASN A 1423 27.08 -1.00 15.49
C ASN A 1423 25.94 -1.33 14.55
N LEU A 1424 24.70 -1.40 15.05
CA LEU A 1424 23.54 -1.60 14.20
C LEU A 1424 22.99 -0.30 13.61
N MET A 1425 23.26 0.85 14.23
CA MET A 1425 22.86 2.12 13.63
C MET A 1425 23.88 2.67 12.64
N LEU A 1426 25.10 2.15 12.62
CA LEU A 1426 26.12 2.74 11.75
C LEU A 1426 25.77 2.76 10.26
N PRO A 1427 25.14 1.74 9.68
CA PRO A 1427 24.78 1.82 8.25
C PRO A 1427 23.92 3.00 7.86
N LEU A 1428 23.01 3.46 8.72
CA LEU A 1428 22.20 4.62 8.35
C LEU A 1428 23.06 5.86 8.24
N MET A 1429 24.03 6.00 9.14
CA MET A 1429 24.97 7.11 9.06
C MET A 1429 25.75 7.03 7.77
N LEU A 1430 26.38 5.87 7.51
CA LEU A 1430 27.23 5.76 6.35
C LEU A 1430 26.45 5.73 5.02
N SER A 1431 25.12 5.71 5.04
CA SER A 1431 24.34 5.71 3.80
C SER A 1431 23.35 6.87 3.67
N LEU A 1432 23.36 7.84 4.57
CA LEU A 1432 22.42 8.97 4.44
C LEU A 1432 22.43 9.70 3.09
N PRO A 1433 23.57 9.96 2.44
CA PRO A 1433 23.52 10.75 1.19
C PRO A 1433 22.82 10.07 0.01
N ALA A 1434 23.11 8.79 -0.24
CA ALA A 1434 22.44 8.11 -1.34
C ALA A 1434 20.94 8.04 -1.10
N LEU A 1435 20.54 7.85 0.16
CA LEU A 1435 19.13 7.82 0.49
C LEU A 1435 18.49 9.18 0.27
N LEU A 1436 19.23 10.25 0.57
CA LEU A 1436 18.72 11.61 0.33
C LEU A 1436 18.46 11.84 -1.16
N ASN A 1437 19.42 11.45 -1.98
CA ASN A 1437 19.25 11.58 -3.44
C ASN A 1437 18.05 10.79 -3.94
N ILE A 1438 17.92 9.53 -3.48
CA ILE A 1438 16.83 8.70 -3.96
C ILE A 1438 15.49 9.23 -3.49
N ILE A 1439 15.42 9.70 -2.24
CA ILE A 1439 14.18 10.25 -1.72
C ILE A 1439 13.77 11.50 -2.51
N LEU A 1440 14.74 12.33 -2.90
CA LEU A 1440 14.40 13.50 -3.71
C LEU A 1440 13.86 13.09 -5.08
N LEU A 1441 14.36 12.00 -5.64
CA LEU A 1441 13.83 11.58 -6.94
C LEU A 1441 12.44 10.98 -6.80
N ILE A 1442 12.21 10.21 -5.73
CA ILE A 1442 10.87 9.71 -5.44
C ILE A 1442 9.90 10.86 -5.25
N PHE A 1443 10.35 11.94 -4.60
CA PHE A 1443 9.47 13.08 -4.38
C PHE A 1443 9.13 13.78 -5.69
N LEU A 1444 10.10 13.90 -6.60
CA LEU A 1444 9.78 14.52 -7.89
C LEU A 1444 8.79 13.68 -8.69
N VAL A 1445 8.96 12.35 -8.67
CA VAL A 1445 8.01 11.49 -9.38
C VAL A 1445 6.62 11.55 -8.74
N MET A 1446 6.55 11.56 -7.41
CA MET A 1446 5.27 11.69 -6.74
C MET A 1446 4.63 13.03 -7.03
N PHE A 1447 5.43 14.08 -7.21
CA PHE A 1447 4.87 15.39 -7.56
C PHE A 1447 4.23 15.35 -8.93
N ILE A 1448 4.93 14.79 -9.92
CA ILE A 1448 4.36 14.72 -11.27
C ILE A 1448 3.05 13.94 -11.25
N TYR A 1449 3.05 12.78 -10.58
CA TYR A 1449 1.84 11.97 -10.58
C TYR A 1449 0.73 12.60 -9.76
N ALA A 1450 1.07 13.34 -8.70
CA ALA A 1450 0.06 14.03 -7.92
C ALA A 1450 -0.64 15.08 -8.77
N VAL A 1451 0.14 15.92 -9.44
CA VAL A 1451 -0.46 16.97 -10.26
C VAL A 1451 -1.35 16.36 -11.34
N PHE A 1452 -0.88 15.31 -12.02
CA PHE A 1452 -1.67 14.75 -13.11
C PHE A 1452 -2.95 14.10 -12.58
N GLY A 1453 -2.90 13.47 -11.40
CA GLY A 1453 -4.11 12.89 -10.86
C GLY A 1453 -5.05 13.94 -10.30
N MET A 1454 -4.50 15.01 -9.73
CA MET A 1454 -5.30 16.12 -9.24
C MET A 1454 -6.04 16.80 -10.37
N TYR A 1455 -5.45 16.82 -11.56
CA TYR A 1455 -6.19 17.34 -12.72
C TYR A 1455 -7.22 16.35 -13.25
N ASN A 1456 -6.99 15.04 -13.14
CA ASN A 1456 -7.93 14.12 -13.79
C ASN A 1456 -9.07 13.65 -12.89
N PHE A 1457 -8.81 13.31 -11.62
CA PHE A 1457 -9.73 12.49 -10.84
C PHE A 1457 -10.43 13.25 -9.72
N ALA A 1458 -10.26 14.55 -9.62
CA ALA A 1458 -11.22 15.36 -8.88
C ALA A 1458 -12.63 15.17 -9.43
N TYR A 1459 -13.62 15.57 -8.63
CA TYR A 1459 -15.03 15.47 -9.00
C TYR A 1459 -15.56 14.04 -9.13
N VAL A 1460 -14.71 13.03 -9.00
CA VAL A 1460 -15.20 11.66 -8.95
C VAL A 1460 -16.08 11.49 -7.72
N LYS A 1461 -17.21 10.79 -7.90
CA LYS A 1461 -18.12 10.57 -6.79
C LYS A 1461 -17.42 9.79 -5.70
N LYS A 1462 -17.58 10.25 -4.46
CA LYS A 1462 -16.95 9.60 -3.32
C LYS A 1462 -17.55 8.22 -3.07
N GLU A 1463 -16.69 7.22 -3.01
CA GLU A 1463 -17.12 5.82 -2.99
C GLU A 1463 -15.91 4.95 -2.67
N ALA A 1464 -16.19 3.78 -2.07
CA ALA A 1464 -15.18 2.72 -1.87
C ALA A 1464 -13.92 3.38 -1.29
N GLY A 1465 -12.75 3.20 -1.89
CA GLY A 1465 -11.52 3.77 -1.37
C GLY A 1465 -11.31 5.24 -1.60
N ILE A 1466 -12.31 5.95 -2.13
CA ILE A 1466 -12.30 7.41 -2.21
C ILE A 1466 -13.24 7.94 -1.13
N ASN A 1467 -12.70 8.75 -0.23
CA ASN A 1467 -13.46 9.17 0.95
C ASN A 1467 -13.02 10.58 1.34
N ASP A 1468 -13.40 10.99 2.55
CA ASP A 1468 -13.17 12.33 3.08
C ASP A 1468 -11.72 12.60 3.47
N VAL A 1469 -10.75 11.72 3.22
CA VAL A 1469 -9.36 11.98 3.63
C VAL A 1469 -8.41 11.63 2.49
N SER A 1470 -8.65 10.51 1.81
CA SER A 1470 -7.89 10.13 0.63
C SER A 1470 -8.74 10.42 -0.61
N ASN A 1471 -8.38 11.49 -1.30
CA ASN A 1471 -9.03 11.92 -2.53
C ASN A 1471 -8.11 12.89 -3.24
N PHE A 1472 -8.42 13.19 -4.49
CA PHE A 1472 -7.57 14.05 -5.31
C PHE A 1472 -8.02 15.51 -5.32
N GLU A 1473 -8.73 15.96 -4.28
CA GLU A 1473 -9.21 17.34 -4.27
C GLU A 1473 -8.06 18.34 -4.19
N THR A 1474 -6.99 18.00 -3.47
CA THR A 1474 -5.88 18.92 -3.24
C THR A 1474 -4.57 18.13 -3.28
N PHE A 1475 -3.47 18.88 -3.35
CA PHE A 1475 -2.14 18.27 -3.40
C PHE A 1475 -1.84 17.42 -2.17
N GLY A 1476 -2.27 17.86 -0.99
CA GLY A 1476 -2.03 17.07 0.22
C GLY A 1476 -2.69 15.70 0.17
N ASN A 1477 -3.96 15.67 -0.21
CA ASN A 1477 -4.67 14.40 -0.28
C ASN A 1477 -4.14 13.55 -1.44
N SER A 1478 -3.77 14.18 -2.55
CA SER A 1478 -3.21 13.42 -3.66
C SER A 1478 -1.88 12.78 -3.24
N MET A 1479 -1.09 13.48 -2.42
CA MET A 1479 0.15 12.89 -1.94
C MET A 1479 -0.12 11.75 -0.98
N LEU A 1480 -1.19 11.84 -0.18
CA LEU A 1480 -1.48 10.74 0.74
C LEU A 1480 -2.02 9.53 -0.01
N CYS A 1481 -2.76 9.77 -1.09
CA CYS A 1481 -3.20 8.69 -1.96
C CYS A 1481 -1.99 8.00 -2.59
N LEU A 1482 -1.10 8.78 -3.21
CA LEU A 1482 0.05 8.17 -3.88
C LEU A 1482 0.99 7.49 -2.89
N PHE A 1483 1.01 7.96 -1.64
CA PHE A 1483 1.77 7.26 -0.59
C PHE A 1483 1.18 5.88 -0.32
N GLN A 1484 -0.12 5.81 -0.05
CA GLN A 1484 -0.68 4.52 0.29
C GLN A 1484 -0.74 3.60 -0.93
N VAL A 1485 -0.76 4.16 -2.14
CA VAL A 1485 -0.54 3.35 -3.33
C VAL A 1485 0.87 2.78 -3.34
N ALA A 1486 1.87 3.61 -3.03
CA ALA A 1486 3.25 3.13 -3.09
C ALA A 1486 3.48 2.02 -2.08
N ILE A 1487 2.79 2.07 -0.94
CA ILE A 1487 2.88 0.97 0.02
C ILE A 1487 1.86 -0.14 -0.26
N PHE A 1488 1.07 -0.02 -1.33
CA PHE A 1488 0.03 -1.00 -1.65
C PHE A 1488 -1.02 -1.11 -0.57
N ALA A 1489 -1.34 0.01 0.07
CA ALA A 1489 -2.38 0.03 1.09
C ALA A 1489 -3.76 0.30 0.49
N GLY A 1490 -4.11 -0.46 -0.55
CA GLY A 1490 -5.44 -0.45 -1.11
C GLY A 1490 -5.66 0.46 -2.32
N TRP A 1491 -4.87 0.26 -3.37
CA TRP A 1491 -5.11 0.95 -4.64
C TRP A 1491 -6.33 0.40 -5.37
N ASP A 1492 -6.72 -0.84 -5.07
CA ASP A 1492 -7.93 -1.39 -5.68
C ASP A 1492 -9.16 -0.61 -5.26
N GLY A 1493 -9.18 -0.08 -4.04
CA GLY A 1493 -10.34 0.65 -3.57
C GLY A 1493 -10.52 1.99 -4.26
N MET A 1494 -9.44 2.53 -4.83
CA MET A 1494 -9.55 3.73 -5.66
C MET A 1494 -9.91 3.36 -7.09
N LEU A 1495 -9.28 2.33 -7.64
CA LEU A 1495 -9.62 1.93 -9.01
C LEU A 1495 -11.09 1.54 -9.11
N ASP A 1496 -11.63 0.90 -8.08
CA ASP A 1496 -13.05 0.53 -8.07
C ASP A 1496 -13.97 1.74 -7.96
N ALA A 1497 -13.45 2.89 -7.56
CA ALA A 1497 -14.22 4.12 -7.58
C ALA A 1497 -14.10 4.82 -8.92
N ILE A 1498 -12.92 4.77 -9.52
CA ILE A 1498 -12.75 5.32 -10.86
C ILE A 1498 -13.64 4.60 -11.85
N PHE A 1499 -13.85 3.29 -11.66
CA PHE A 1499 -14.72 2.52 -12.53
C PHE A 1499 -16.21 2.77 -12.29
N ASN A 1500 -16.59 3.98 -11.86
CA ASN A 1500 -18.00 4.28 -11.66
C ASN A 1500 -18.79 4.30 -12.98
N SER A 1501 -18.13 4.66 -14.08
CA SER A 1501 -18.78 4.66 -15.39
C SER A 1501 -19.02 3.26 -15.93
N LYS A 1502 -18.50 2.22 -15.28
CA LYS A 1502 -18.64 0.86 -15.82
C LYS A 1502 -20.08 0.37 -15.84
N TRP A 1503 -20.97 0.99 -15.07
CA TRP A 1503 -22.40 0.71 -15.21
C TRP A 1503 -23.26 1.96 -14.98
N SER A 1504 -22.73 3.14 -15.31
CA SER A 1504 -23.50 4.39 -15.28
C SER A 1504 -23.95 4.75 -13.86
N ASP A 1505 -23.06 4.57 -12.90
CA ASP A 1505 -23.29 5.07 -11.54
C ASP A 1505 -22.90 6.54 -11.37
N CYS A 1506 -23.19 7.38 -12.38
CA CYS A 1506 -22.64 8.72 -12.41
C CYS A 1506 -23.56 9.62 -13.23
N ASP A 1507 -23.26 10.92 -13.20
CA ASP A 1507 -24.14 11.96 -13.75
C ASP A 1507 -23.30 12.86 -14.64
N PRO A 1508 -23.34 12.68 -15.96
CA PRO A 1508 -22.37 13.36 -16.83
C PRO A 1508 -22.45 14.88 -16.79
N ASP A 1509 -23.57 15.46 -16.37
CA ASP A 1509 -23.79 16.90 -16.51
C ASP A 1509 -23.97 17.62 -15.18
N LYS A 1510 -23.81 16.93 -14.06
CA LYS A 1510 -24.01 17.54 -12.74
C LYS A 1510 -23.25 18.85 -12.61
N ILE A 1511 -23.97 19.90 -12.19
CA ILE A 1511 -23.33 21.15 -11.78
C ILE A 1511 -22.57 20.93 -10.48
N ASN A 1512 -21.31 21.36 -10.45
CA ASN A 1512 -20.56 21.43 -9.21
C ASN A 1512 -20.50 22.88 -8.74
N PRO A 1513 -21.00 23.21 -7.55
CA PRO A 1513 -21.01 24.62 -7.13
C PRO A 1513 -19.63 25.25 -7.17
N GLY A 1514 -19.61 26.54 -7.46
CA GLY A 1514 -18.38 27.31 -7.33
C GLY A 1514 -17.28 26.95 -8.30
N THR A 1515 -17.60 26.29 -9.41
CA THR A 1515 -16.58 25.66 -10.24
C THR A 1515 -17.09 25.62 -11.67
N GLN A 1516 -16.16 25.79 -12.62
CA GLN A 1516 -16.50 25.82 -14.04
C GLN A 1516 -16.64 24.43 -14.64
N VAL A 1517 -16.45 23.37 -13.86
CA VAL A 1517 -16.36 22.01 -14.37
C VAL A 1517 -17.68 21.30 -14.12
N ARG A 1518 -18.30 20.79 -15.18
CA ARG A 1518 -19.55 20.06 -15.09
C ARG A 1518 -19.27 18.57 -15.27
N GLY A 1519 -19.98 17.74 -14.51
CA GLY A 1519 -19.89 16.30 -14.65
C GLY A 1519 -19.24 15.65 -13.44
N ASP A 1520 -19.11 14.31 -13.54
CA ASP A 1520 -18.97 13.49 -12.35
C ASP A 1520 -18.20 12.20 -12.62
N CYS A 1521 -17.57 12.03 -13.77
CA CYS A 1521 -17.23 10.72 -14.30
C CYS A 1521 -15.72 10.49 -14.27
N GLY A 1522 -15.32 9.27 -13.89
CA GLY A 1522 -13.98 8.78 -14.11
C GLY A 1522 -13.78 8.35 -15.55
N ASN A 1523 -12.60 7.77 -15.81
CA ASN A 1523 -12.30 7.17 -17.11
C ASN A 1523 -11.40 5.94 -16.91
N PRO A 1524 -11.97 4.74 -16.92
CA PRO A 1524 -11.16 3.52 -16.70
C PRO A 1524 -9.89 3.45 -17.52
N SER A 1525 -9.96 3.83 -18.80
CA SER A 1525 -8.82 3.64 -19.68
C SER A 1525 -7.61 4.44 -19.21
N VAL A 1526 -7.85 5.65 -18.70
CA VAL A 1526 -6.75 6.45 -18.15
C VAL A 1526 -6.37 5.96 -16.76
N GLY A 1527 -7.36 5.54 -15.97
CA GLY A 1527 -7.07 5.04 -14.63
C GLY A 1527 -6.09 3.88 -14.63
N ILE A 1528 -6.37 2.87 -15.45
CA ILE A 1528 -5.54 1.68 -15.50
C ILE A 1528 -4.09 2.04 -15.84
N PHE A 1529 -3.91 2.88 -16.86
CA PHE A 1529 -2.57 3.27 -17.28
C PHE A 1529 -1.85 4.00 -16.16
N TYR A 1530 -2.56 4.92 -15.50
CA TYR A 1530 -1.96 5.72 -14.44
C TYR A 1530 -1.45 4.83 -13.31
N PHE A 1531 -2.34 3.99 -12.78
CA PHE A 1531 -1.97 3.17 -11.63
C PHE A 1531 -0.88 2.16 -11.98
N VAL A 1532 -0.95 1.52 -13.16
CA VAL A 1532 0.05 0.51 -13.50
C VAL A 1532 1.43 1.15 -13.66
N SER A 1533 1.51 2.29 -14.35
CA SER A 1533 2.82 2.91 -14.54
C SER A 1533 3.40 3.39 -13.22
N TYR A 1534 2.55 3.93 -12.33
CA TYR A 1534 3.08 4.40 -11.06
C TYR A 1534 3.58 3.24 -10.21
N ILE A 1535 2.87 2.11 -10.23
CA ILE A 1535 3.29 0.97 -9.42
C ILE A 1535 4.62 0.42 -9.92
N LEU A 1536 4.78 0.36 -11.24
CA LEU A 1536 6.05 -0.15 -11.78
C LEU A 1536 7.21 0.75 -11.38
N ILE A 1537 7.07 2.06 -11.62
CA ILE A 1537 8.20 2.96 -11.37
C ILE A 1537 8.57 2.95 -9.88
N SER A 1538 7.55 2.98 -9.00
CA SER A 1538 7.84 3.00 -7.58
C SER A 1538 8.54 1.73 -7.14
N TRP A 1539 8.09 0.56 -7.62
CA TRP A 1539 8.73 -0.68 -7.20
C TRP A 1539 10.19 -0.71 -7.65
N LEU A 1540 10.46 -0.28 -8.89
CA LEU A 1540 11.85 -0.29 -9.37
C LEU A 1540 12.74 0.65 -8.56
N ILE A 1541 12.21 1.77 -8.08
CA ILE A 1541 13.07 2.65 -7.27
C ILE A 1541 13.29 2.05 -5.88
N ILE A 1542 12.22 1.55 -5.26
CA ILE A 1542 12.34 1.04 -3.89
C ILE A 1542 13.30 -0.15 -3.82
N VAL A 1543 13.29 -1.00 -4.85
CA VAL A 1543 14.21 -2.15 -4.85
C VAL A 1543 15.66 -1.68 -4.76
N ASN A 1544 16.03 -0.70 -5.58
CA ASN A 1544 17.38 -0.13 -5.49
C ASN A 1544 17.64 0.51 -4.12
N MET A 1545 16.61 1.11 -3.53
CA MET A 1545 16.82 1.72 -2.22
C MET A 1545 17.12 0.66 -1.16
N TYR A 1546 16.52 -0.52 -1.29
CA TYR A 1546 16.87 -1.65 -0.43
C TYR A 1546 18.31 -2.11 -0.67
N ILE A 1547 18.70 -2.23 -1.94
CA ILE A 1547 20.05 -2.71 -2.27
C ILE A 1547 21.09 -1.82 -1.63
N VAL A 1548 20.89 -0.51 -1.71
CA VAL A 1548 21.85 0.46 -1.17
C VAL A 1548 22.16 0.18 0.29
N VAL A 1549 21.15 -0.20 1.07
CA VAL A 1549 21.36 -0.44 2.49
C VAL A 1549 21.94 -1.83 2.74
N VAL A 1550 21.38 -2.85 2.07
CA VAL A 1550 21.81 -4.21 2.34
C VAL A 1550 23.30 -4.39 2.01
N MET A 1551 23.76 -3.83 0.89
CA MET A 1551 25.18 -3.98 0.58
C MET A 1551 26.08 -3.19 1.53
N GLU A 1552 25.59 -2.13 2.16
CA GLU A 1552 26.44 -1.45 3.14
C GLU A 1552 26.53 -2.26 4.42
N PHE A 1553 25.41 -2.83 4.86
CA PHE A 1553 25.47 -3.71 6.03
C PHE A 1553 26.43 -4.87 5.76
N LEU A 1554 26.31 -5.51 4.59
CA LEU A 1554 27.21 -6.61 4.24
C LEU A 1554 28.65 -6.16 4.11
N ASN A 1555 28.90 -4.88 3.85
CA ASN A 1555 30.27 -4.41 3.75
C ASN A 1555 30.87 -4.18 5.13
N ILE A 1556 30.12 -3.53 6.01
CA ILE A 1556 30.58 -3.36 7.39
C ILE A 1556 30.80 -4.70 8.06
N ALA A 1557 29.83 -5.61 7.96
CA ALA A 1557 29.95 -6.93 8.57
C ALA A 1557 31.14 -7.74 8.05
N SER A 1558 31.82 -7.29 7.00
CA SER A 1558 33.00 -8.01 6.55
C SER A 1558 34.09 -8.03 7.60
N LYS A 1559 34.28 -6.93 8.32
CA LYS A 1559 35.31 -6.88 9.34
C LYS A 1559 34.88 -7.70 10.56
N VAL B 25 -16.39 19.11 -2.75
CA VAL B 25 -16.59 19.37 -4.17
C VAL B 25 -17.34 20.68 -4.35
N CYS B 26 -18.28 20.94 -3.45
CA CYS B 26 -18.85 22.28 -3.31
C CYS B 26 -17.81 23.27 -2.82
N VAL B 27 -17.93 24.51 -3.30
CA VAL B 27 -17.12 25.62 -2.82
C VAL B 27 -17.99 26.87 -2.74
N GLU B 28 -17.82 27.64 -1.69
CA GLU B 28 -18.64 28.82 -1.42
C GLU B 28 -17.88 30.07 -1.85
N VAL B 29 -18.51 30.91 -2.65
CA VAL B 29 -17.85 32.08 -3.22
C VAL B 29 -18.80 33.27 -3.22
N PRO B 30 -18.33 34.46 -2.84
CA PRO B 30 -19.19 35.66 -2.94
C PRO B 30 -19.55 35.98 -4.39
N SER B 31 -20.56 36.82 -4.54
CA SER B 31 -21.00 37.30 -5.84
C SER B 31 -20.37 38.65 -6.16
N GLU B 32 -20.58 39.09 -7.40
CA GLU B 32 -19.74 40.14 -7.99
C GLU B 32 -20.09 41.53 -7.49
N THR B 33 -21.33 41.76 -7.06
CA THR B 33 -21.80 43.05 -6.56
C THR B 33 -21.65 44.18 -7.58
N GLU B 34 -21.28 43.86 -8.83
CA GLU B 34 -21.12 44.86 -9.87
C GLU B 34 -21.76 44.33 -11.15
N ALA B 35 -22.48 45.21 -11.85
CA ALA B 35 -23.28 44.79 -12.99
C ALA B 35 -23.33 45.91 -14.00
N VAL B 36 -23.48 45.54 -15.27
CA VAL B 36 -23.31 46.44 -16.40
C VAL B 36 -24.65 46.58 -17.10
N GLN B 37 -25.08 47.83 -17.30
CA GLN B 37 -26.30 48.07 -18.07
C GLN B 37 -26.21 47.39 -19.43
N GLY B 38 -27.32 46.79 -19.84
CA GLY B 38 -27.38 46.14 -21.13
C GLY B 38 -26.82 44.73 -21.17
N ASN B 39 -26.75 44.06 -20.02
CA ASN B 39 -26.33 42.67 -19.94
C ASN B 39 -27.20 41.96 -18.93
N PRO B 40 -27.22 40.63 -18.95
CA PRO B 40 -27.64 39.88 -17.78
C PRO B 40 -26.56 39.86 -16.71
N MET B 41 -26.97 39.50 -15.50
CA MET B 41 -26.04 39.29 -14.40
C MET B 41 -26.49 38.06 -13.62
N LYS B 42 -25.53 37.26 -13.16
CA LYS B 42 -25.80 36.08 -12.35
C LYS B 42 -25.53 36.39 -10.87
N LEU B 43 -26.57 36.24 -10.04
CA LEU B 43 -26.45 36.39 -8.59
C LEU B 43 -26.23 35.01 -7.98
N ARG B 44 -24.98 34.57 -7.97
CA ARG B 44 -24.65 33.28 -7.39
C ARG B 44 -24.88 33.28 -5.89
N CYS B 45 -25.21 32.11 -5.36
CA CYS B 45 -25.46 31.94 -3.93
C CYS B 45 -25.36 30.45 -3.60
N ILE B 46 -24.49 30.10 -2.66
CA ILE B 46 -24.10 28.72 -2.41
C ILE B 46 -24.15 28.46 -0.90
N SER B 47 -24.65 27.29 -0.53
CA SER B 47 -24.83 26.93 0.89
C SER B 47 -24.59 25.43 1.03
N CYS B 48 -23.36 25.06 1.37
CA CYS B 48 -22.96 23.66 1.38
C CYS B 48 -23.65 22.91 2.52
N MET B 49 -23.82 21.61 2.33
CA MET B 49 -24.25 20.70 3.37
C MET B 49 -23.03 20.03 3.99
N LYS B 50 -22.98 20.01 5.32
CA LYS B 50 -21.79 19.52 6.02
C LYS B 50 -21.50 18.07 5.67
N ARG B 51 -22.52 17.24 5.57
CA ARG B 51 -22.40 15.88 5.04
C ARG B 51 -23.06 15.82 3.67
N GLU B 52 -22.29 15.40 2.66
CA GLU B 52 -22.84 15.28 1.32
C GLU B 52 -23.80 14.10 1.20
N GLU B 53 -23.86 13.22 2.20
CA GLU B 53 -24.51 11.93 2.05
C GLU B 53 -26.01 12.02 2.29
N VAL B 54 -26.46 12.93 3.15
CA VAL B 54 -27.86 13.01 3.56
C VAL B 54 -28.69 13.80 2.56
N GLU B 55 -30.01 13.81 2.78
CA GLU B 55 -30.98 14.40 1.87
C GLU B 55 -31.94 15.28 2.67
N ALA B 56 -32.33 16.41 2.10
CA ALA B 56 -33.08 17.42 2.84
C ALA B 56 -34.08 18.13 1.93
N THR B 57 -35.26 18.40 2.47
CA THR B 57 -36.32 19.18 1.81
C THR B 57 -36.01 20.67 1.91
N THR B 58 -35.26 21.17 0.93
CA THR B 58 -34.86 22.58 0.92
C THR B 58 -36.02 23.50 0.55
N VAL B 59 -35.98 24.72 1.10
CA VAL B 59 -36.81 25.84 0.68
C VAL B 59 -35.92 27.07 0.47
N VAL B 60 -36.16 27.82 -0.62
CA VAL B 60 -35.34 28.98 -0.97
C VAL B 60 -36.22 30.19 -1.30
N GLU B 61 -35.94 31.34 -0.66
CA GLU B 61 -36.66 32.59 -0.91
C GLU B 61 -35.70 33.75 -1.16
N TRP B 62 -35.95 34.56 -2.21
CA TRP B 62 -35.13 35.71 -2.57
C TRP B 62 -35.90 37.01 -2.27
N PHE B 63 -35.31 37.94 -1.51
CA PHE B 63 -36.06 39.15 -1.15
C PHE B 63 -35.88 40.44 -2.03
N TYR B 64 -36.88 41.34 -1.90
CA TYR B 64 -37.36 42.36 -2.86
C TYR B 64 -36.37 43.37 -3.49
N ARG B 65 -35.34 43.87 -2.79
CA ARG B 65 -34.36 44.82 -3.37
C ARG B 65 -34.86 46.22 -3.81
N PRO B 66 -35.12 47.13 -2.85
CA PRO B 66 -35.69 48.45 -3.13
C PRO B 66 -35.44 49.37 -1.94
N GLU B 67 -35.54 50.69 -2.12
CA GLU B 67 -35.00 51.68 -1.18
C GLU B 67 -36.00 51.97 -0.07
N GLY B 68 -37.05 51.14 0.05
CA GLY B 68 -38.05 51.24 1.09
C GLY B 68 -38.08 49.95 1.90
N GLY B 69 -39.13 49.14 1.76
CA GLY B 69 -39.19 47.86 2.45
C GLY B 69 -38.72 46.73 1.55
N LYS B 70 -37.49 46.27 1.78
CA LYS B 70 -36.85 45.25 0.96
C LYS B 70 -37.50 43.86 1.00
N ASP B 71 -38.13 43.50 2.11
CA ASP B 71 -38.60 42.13 2.32
C ASP B 71 -39.72 41.56 1.42
N PHE B 72 -40.41 42.44 0.70
CA PHE B 72 -41.57 42.11 -0.15
C PHE B 72 -41.86 40.85 -1.01
N LEU B 73 -41.01 40.53 -2.01
CA LEU B 73 -41.06 39.27 -2.77
C LEU B 73 -40.09 39.25 -3.95
N ILE B 74 -39.61 38.08 -4.32
CA ILE B 74 -38.85 37.93 -5.58
C ILE B 74 -39.12 36.60 -6.23
N TYR B 75 -38.60 35.47 -5.71
CA TYR B 75 -38.83 34.21 -6.42
C TYR B 75 -38.65 33.07 -5.43
N GLU B 76 -39.74 32.54 -4.87
CA GLU B 76 -39.64 31.52 -3.83
C GLU B 76 -39.64 30.10 -4.40
N TYR B 77 -39.10 29.16 -3.60
CA TYR B 77 -39.13 27.74 -3.94
C TYR B 77 -39.78 26.92 -2.82
N ARG B 78 -40.80 26.15 -3.16
CA ARG B 78 -41.47 25.25 -2.23
C ARG B 78 -41.24 23.80 -2.63
N ASN B 79 -42.02 23.25 -3.54
CA ASN B 79 -41.90 21.89 -4.04
C ASN B 79 -41.68 21.90 -5.54
N GLY B 80 -42.06 22.99 -6.18
CA GLY B 80 -41.82 23.20 -7.59
C GLY B 80 -41.78 24.70 -7.67
N HIS B 81 -41.20 25.21 -8.76
CA HIS B 81 -41.10 26.65 -8.90
C HIS B 81 -42.49 27.27 -8.98
N GLN B 82 -42.62 28.47 -8.45
CA GLN B 82 -43.89 29.19 -8.42
C GLN B 82 -43.65 30.58 -9.01
N GLU B 83 -44.72 31.38 -9.12
CA GLU B 83 -44.60 32.70 -9.72
C GLU B 83 -44.76 33.80 -8.68
N VAL B 84 -44.01 34.90 -8.90
CA VAL B 84 -43.94 36.04 -7.98
C VAL B 84 -45.28 36.69 -7.88
N GLU B 85 -46.20 36.47 -8.83
CA GLU B 85 -47.53 37.13 -8.85
C GLU B 85 -47.52 38.61 -8.44
N SER B 86 -46.49 39.36 -8.85
CA SER B 86 -46.31 40.81 -8.56
C SER B 86 -45.50 41.39 -9.75
N PRO B 87 -44.89 42.60 -9.61
CA PRO B 87 -44.13 43.05 -10.79
C PRO B 87 -42.60 42.87 -10.73
N PHE B 88 -42.13 41.66 -10.45
CA PHE B 88 -40.69 41.38 -10.42
C PHE B 88 -40.49 39.98 -11.02
N GLN B 89 -41.10 39.79 -12.19
CA GLN B 89 -41.14 38.53 -12.91
C GLN B 89 -41.02 38.80 -14.36
N GLY B 90 -40.69 37.77 -15.09
CA GLY B 90 -40.53 37.86 -16.52
C GLY B 90 -39.08 38.05 -16.87
N ARG B 91 -38.42 39.04 -16.25
CA ARG B 91 -36.97 39.17 -16.41
C ARG B 91 -36.30 38.45 -15.25
N LEU B 92 -36.40 37.13 -15.28
CA LEU B 92 -35.79 36.29 -14.26
C LEU B 92 -35.63 34.90 -14.85
N GLN B 93 -34.66 34.16 -14.33
CA GLN B 93 -34.43 32.80 -14.79
C GLN B 93 -33.80 31.98 -13.68
N TRP B 94 -34.23 30.72 -13.57
CA TRP B 94 -33.70 29.86 -12.52
C TRP B 94 -32.40 29.29 -13.03
N ASN B 95 -31.30 29.49 -12.33
CA ASN B 95 -30.09 28.94 -12.81
C ASN B 95 -29.51 27.92 -11.88
N GLY B 96 -30.27 27.51 -10.79
CA GLY B 96 -29.81 26.63 -9.73
C GLY B 96 -29.49 25.21 -10.17
N SER B 97 -28.80 24.50 -9.28
CA SER B 97 -28.43 23.11 -9.49
C SER B 97 -29.63 22.18 -9.30
N LYS B 98 -29.50 20.96 -9.83
CA LYS B 98 -30.57 19.97 -9.74
C LYS B 98 -30.91 19.56 -8.31
N ASP B 99 -29.90 19.43 -7.44
CA ASP B 99 -30.15 18.98 -6.07
C ASP B 99 -30.33 20.14 -5.08
N LEU B 100 -30.39 21.37 -5.58
CA LEU B 100 -30.63 22.56 -4.77
C LEU B 100 -29.48 22.88 -3.82
N GLN B 101 -28.27 22.38 -4.11
CA GLN B 101 -27.13 22.77 -3.30
C GLN B 101 -26.77 24.22 -3.59
N ASP B 102 -26.95 24.63 -4.84
CA ASP B 102 -26.70 25.97 -5.35
C ASP B 102 -28.02 26.51 -5.88
N VAL B 103 -28.33 27.77 -5.56
CA VAL B 103 -29.59 28.38 -5.96
C VAL B 103 -29.38 29.69 -6.73
N SER B 104 -28.39 29.72 -7.61
CA SER B 104 -28.06 30.93 -8.35
C SER B 104 -29.21 31.43 -9.22
N ILE B 105 -29.31 32.75 -9.36
CA ILE B 105 -30.37 33.41 -10.12
C ILE B 105 -29.74 34.39 -11.10
N THR B 106 -30.28 34.43 -12.31
CA THR B 106 -29.83 35.36 -13.35
C THR B 106 -30.94 36.40 -13.60
N VAL B 107 -30.57 37.68 -13.54
CA VAL B 107 -31.47 38.78 -13.91
C VAL B 107 -31.12 39.23 -15.33
N LEU B 108 -32.14 39.64 -16.09
CA LEU B 108 -32.01 39.93 -17.50
C LEU B 108 -32.07 41.43 -17.78
N ASN B 109 -31.17 41.88 -18.66
CA ASN B 109 -31.02 43.29 -19.03
C ASN B 109 -31.17 44.23 -17.85
N VAL B 110 -30.20 44.21 -16.93
CA VAL B 110 -30.28 45.05 -15.74
C VAL B 110 -30.35 46.51 -16.18
N THR B 111 -31.21 47.28 -15.53
CA THR B 111 -31.41 48.68 -15.88
C THR B 111 -31.06 49.54 -14.67
N LEU B 112 -30.86 50.84 -14.93
CA LEU B 112 -30.42 51.73 -13.87
C LEU B 112 -31.33 51.72 -12.64
N ASN B 113 -32.64 51.52 -12.83
CA ASN B 113 -33.53 51.46 -11.67
C ASN B 113 -33.17 50.30 -10.74
N ASP B 114 -32.78 49.16 -11.30
CA ASP B 114 -32.42 48.01 -10.48
C ASP B 114 -31.24 48.38 -9.59
N SER B 115 -31.33 48.08 -8.29
CA SER B 115 -30.29 48.50 -7.36
C SER B 115 -30.48 47.85 -6.00
N GLY B 116 -29.47 48.03 -5.15
CA GLY B 116 -29.48 47.72 -3.73
C GLY B 116 -29.37 46.25 -3.34
N LEU B 117 -30.05 45.87 -2.26
CA LEU B 117 -29.84 44.58 -1.62
C LEU B 117 -30.55 43.46 -2.37
N TYR B 118 -29.94 42.28 -2.35
CA TYR B 118 -30.65 41.04 -2.56
C TYR B 118 -30.35 40.11 -1.39
N THR B 119 -31.37 39.37 -0.96
CA THR B 119 -31.26 38.47 0.20
C THR B 119 -31.85 37.11 -0.15
N CYS B 120 -31.14 36.04 0.21
CA CYS B 120 -31.59 34.68 -0.05
C CYS B 120 -31.65 33.92 1.27
N ASN B 121 -32.85 33.62 1.74
CA ASN B 121 -33.02 32.93 3.02
C ASN B 121 -33.39 31.46 2.76
N VAL B 122 -32.38 30.69 2.39
CA VAL B 122 -32.49 29.24 2.31
C VAL B 122 -32.76 28.66 3.70
N SER B 123 -33.48 27.54 3.74
CA SER B 123 -33.61 26.73 4.94
C SER B 123 -33.73 25.27 4.54
N ARG B 124 -33.29 24.38 5.43
CA ARG B 124 -33.31 22.95 5.17
C ARG B 124 -33.92 22.19 6.34
N GLU B 125 -34.30 20.95 6.07
CA GLU B 125 -34.79 20.05 7.10
C GLU B 125 -34.25 18.65 6.83
N PHE B 126 -33.76 17.99 7.86
CA PHE B 126 -33.18 16.64 7.78
C PHE B 126 -34.12 15.63 8.44
N GLU B 127 -33.94 14.36 8.09
CA GLU B 127 -34.80 13.29 8.62
C GLU B 127 -33.96 12.04 8.91
N PHE B 128 -33.57 11.88 10.18
CA PHE B 128 -32.81 10.71 10.60
C PHE B 128 -33.69 9.67 11.26
N GLU B 129 -35.01 9.88 11.20
CA GLU B 129 -36.02 9.00 11.77
C GLU B 129 -35.92 8.92 13.30
N ALA B 130 -35.40 9.98 13.91
CA ALA B 130 -35.27 10.07 15.36
C ALA B 130 -35.61 11.48 15.81
N HIS B 131 -34.77 12.43 15.41
CA HIS B 131 -34.95 13.86 15.68
C HIS B 131 -34.91 14.54 14.33
N ARG B 132 -35.83 15.48 14.11
CA ARG B 132 -35.90 16.19 12.84
C ARG B 132 -35.37 17.61 12.98
N PRO B 133 -34.08 17.85 12.70
CA PRO B 133 -33.50 19.17 12.92
C PRO B 133 -33.76 20.11 11.75
N PHE B 134 -33.82 21.40 12.07
CA PHE B 134 -34.10 22.44 11.09
C PHE B 134 -33.03 23.51 11.20
N VAL B 135 -32.45 23.91 10.07
CA VAL B 135 -31.42 24.93 10.02
C VAL B 135 -31.73 25.96 8.94
N LYS B 136 -31.36 27.21 9.24
CA LYS B 136 -31.71 28.39 8.45
C LYS B 136 -30.48 29.26 8.31
N THR B 137 -30.20 29.73 7.09
CA THR B 137 -28.97 30.46 6.80
C THR B 137 -29.28 31.56 5.81
N THR B 138 -29.30 32.81 6.28
CA THR B 138 -29.46 33.96 5.40
C THR B 138 -28.20 34.21 4.57
N ARG B 139 -28.35 35.02 3.53
CA ARG B 139 -27.24 35.42 2.66
C ARG B 139 -27.70 36.63 1.86
N LEU B 140 -26.90 37.70 1.85
CA LEU B 140 -27.35 38.97 1.32
C LEU B 140 -26.23 39.71 0.61
N ILE B 141 -26.58 40.41 -0.46
CA ILE B 141 -25.61 41.04 -1.35
C ILE B 141 -26.17 42.38 -1.80
N PRO B 142 -25.38 43.45 -1.86
CA PRO B 142 -25.79 44.62 -2.64
C PRO B 142 -25.47 44.46 -4.11
N LEU B 143 -26.19 45.23 -4.94
CA LEU B 143 -25.81 45.46 -6.32
C LEU B 143 -26.14 46.87 -6.75
N ARG B 144 -25.29 47.40 -7.64
CA ARG B 144 -25.52 48.68 -8.30
C ARG B 144 -25.15 48.53 -9.76
N VAL B 145 -26.07 48.91 -10.65
CA VAL B 145 -25.85 48.81 -12.10
C VAL B 145 -25.24 50.13 -12.58
N THR B 146 -23.93 50.21 -12.54
CA THR B 146 -23.26 51.45 -12.92
C THR B 146 -23.46 51.70 -14.41
N GLU B 147 -23.29 52.96 -14.82
CA GLU B 147 -23.60 53.35 -16.19
C GLU B 147 -22.74 52.56 -17.18
N GLU B 148 -21.45 52.39 -16.86
CA GLU B 148 -20.64 51.37 -17.50
C GLU B 148 -19.56 50.93 -16.52
N ALA B 149 -19.19 49.65 -16.61
CA ALA B 149 -18.09 49.15 -15.80
C ALA B 149 -16.76 49.70 -16.28
N GLY B 150 -16.00 50.29 -15.37
CA GLY B 150 -14.60 50.53 -15.61
C GLY B 150 -13.81 49.23 -15.64
N GLU B 151 -12.55 49.35 -16.03
CA GLU B 151 -11.64 48.23 -15.99
C GLU B 151 -11.36 47.82 -14.54
N ASP B 152 -11.11 46.53 -14.34
CA ASP B 152 -10.70 46.06 -13.04
C ASP B 152 -9.32 46.62 -12.68
N PHE B 153 -9.14 46.95 -11.41
CA PHE B 153 -7.92 47.60 -10.95
C PHE B 153 -6.75 46.63 -10.89
N THR B 154 -6.98 45.46 -10.27
CA THR B 154 -5.92 44.46 -10.15
C THR B 154 -5.42 44.03 -11.52
N SER B 155 -6.33 43.75 -12.45
CA SER B 155 -5.94 43.35 -13.80
C SER B 155 -5.53 44.54 -14.68
N VAL B 156 -4.95 45.58 -14.06
CA VAL B 156 -4.14 46.54 -14.80
C VAL B 156 -2.87 46.82 -14.01
N VAL B 157 -2.99 46.90 -12.69
CA VAL B 157 -1.79 47.07 -11.86
C VAL B 157 -0.84 45.89 -12.05
N SER B 158 -1.40 44.68 -12.19
CA SER B 158 -0.54 43.51 -12.40
C SER B 158 0.08 43.51 -13.78
N GLU B 159 -0.57 44.13 -14.76
CA GLU B 159 0.00 44.17 -16.11
C GLU B 159 1.09 45.22 -16.21
N ILE B 160 0.95 46.31 -15.45
CA ILE B 160 2.05 47.25 -15.30
C ILE B 160 3.24 46.56 -14.63
N MET B 161 3.00 45.87 -13.52
CA MET B 161 4.10 45.21 -12.82
C MET B 161 4.80 44.19 -13.73
N MET B 162 4.02 43.45 -14.52
CA MET B 162 4.60 42.49 -15.45
C MET B 162 5.44 43.17 -16.54
N TYR B 163 4.92 44.23 -17.14
CA TYR B 163 5.67 44.87 -18.22
C TYR B 163 6.93 45.54 -17.69
N ILE B 164 6.87 46.13 -16.50
CA ILE B 164 8.06 46.69 -15.87
C ILE B 164 9.11 45.62 -15.65
N LEU B 165 8.70 44.49 -15.06
CA LEU B 165 9.64 43.40 -14.81
C LEU B 165 10.26 42.89 -16.11
N LEU B 166 9.46 42.77 -17.17
CA LEU B 166 9.98 42.33 -18.46
C LEU B 166 10.80 43.39 -19.19
N VAL B 167 10.75 44.66 -18.77
CA VAL B 167 11.69 45.64 -19.27
C VAL B 167 13.04 45.52 -18.56
N PHE B 168 12.99 45.49 -17.23
CA PHE B 168 14.21 45.32 -16.45
C PHE B 168 14.98 44.07 -16.88
N LEU B 169 14.29 42.92 -16.91
CA LEU B 169 14.89 41.65 -17.32
C LEU B 169 15.41 41.64 -18.76
N THR B 170 15.18 42.68 -19.55
CA THR B 170 15.73 42.72 -20.90
C THR B 170 16.64 43.92 -21.13
N LEU B 171 16.84 44.75 -20.11
CA LEU B 171 18.03 45.60 -20.10
C LEU B 171 19.21 44.96 -19.37
N TRP B 172 18.93 44.09 -18.39
CA TRP B 172 20.00 43.43 -17.65
C TRP B 172 20.88 42.59 -18.58
N LEU B 173 20.26 41.70 -19.37
CA LEU B 173 21.00 40.90 -20.33
C LEU B 173 21.84 41.76 -21.27
N LEU B 174 21.27 42.87 -21.74
CA LEU B 174 22.01 43.75 -22.65
C LEU B 174 23.22 44.37 -21.96
N ILE B 175 23.07 44.74 -20.69
CA ILE B 175 24.23 45.26 -19.95
C ILE B 175 25.32 44.20 -19.87
N GLU B 176 24.93 42.94 -19.64
CA GLU B 176 25.94 41.89 -19.62
C GLU B 176 26.61 41.70 -20.98
N MET B 177 25.81 41.70 -22.06
CA MET B 177 26.42 41.58 -23.39
C MET B 177 26.86 42.94 -23.92
N ILE B 178 27.13 43.86 -23.00
CA ILE B 178 28.08 44.95 -23.22
C ILE B 178 29.36 44.72 -22.44
N TYR B 179 29.25 44.53 -21.12
CA TYR B 179 30.42 44.40 -20.27
C TYR B 179 31.30 43.22 -20.69
N CYS B 180 30.71 42.02 -20.78
CA CYS B 180 31.49 40.85 -21.18
C CYS B 180 32.06 41.02 -22.58
N TYR B 181 31.30 41.58 -23.51
CA TYR B 181 31.82 41.76 -24.86
C TYR B 181 33.05 42.65 -24.84
N ARG B 182 32.96 43.79 -24.13
CA ARG B 182 34.12 44.68 -24.05
C ARG B 182 35.31 43.98 -23.43
N LYS B 183 35.06 43.11 -22.44
CA LYS B 183 36.17 42.39 -21.82
C LYS B 183 36.77 41.39 -22.81
N VAL B 184 35.92 40.69 -23.56
CA VAL B 184 36.37 39.69 -24.53
C VAL B 184 37.16 40.34 -25.65
N SER B 185 36.91 41.61 -25.96
CA SER B 185 37.60 42.24 -27.09
C SER B 185 39.09 41.96 -27.06
N LYS B 186 39.72 42.09 -25.90
CA LYS B 186 41.17 42.00 -25.80
C LYS B 186 41.64 40.55 -25.70
C48 PEV C . 25.46 -13.95 -3.99
C47 PEV C . 25.25 -12.61 -3.12
C46 PEV C . 24.02 -12.83 -2.11
C45 PEV C . 23.73 -11.45 -1.35
C44 PEV C . 22.21 -11.47 -0.81
C43 PEV C . 21.76 -9.96 -0.51
C42 PEV C . 20.17 -9.84 -0.73
C41 PEV C . 19.81 -8.34 -1.16
C40 PEV C . 18.31 -8.01 -0.69
C39 PEV C . 17.49 -7.37 -1.90
C38 PEV C . 16.28 -6.52 -1.32
C37 PEV C . 14.95 -7.38 -1.57
C36 PEV C . 13.63 -6.51 -1.35
C35 PEV C . 12.42 -7.31 -0.63
C34 PEV C . 12.87 -8.74 -0.07
C33 PEV C . 11.65 -9.54 0.59
C32 PEV C . 11.09 -10.53 -0.54
C31 PEV C . 10.28 -11.74 0.13
O31 PEV C . 10.87 -12.44 0.96
O2 PEV C . 8.88 -12.07 -0.19
C2 PEV C . 8.22 -11.41 -1.17
C1 PEV C . 7.21 -10.47 -0.49
O3P PEV C . 7.24 -9.15 -1.12
P PEV C . 6.90 -7.79 -0.12
O1P PEV C . 7.78 -7.85 1.19
O2P PEV C . 5.36 -7.81 0.28
O4P PEV C . 7.24 -6.32 -0.98
C4 PEV C . 7.34 -5.08 -0.20
C5 PEV C . 5.96 -4.26 -0.32
N6 PEV C . 6.27 -2.84 -0.76
C3 PEV C . 7.56 -12.43 -2.11
O3 PEV C . 6.16 -12.10 -2.36
C11 PEV C . 5.25 -13.11 -1.81
O11 PEV C . 4.59 -13.83 -2.58
C12 PEV C . 5.10 -13.26 -0.21
C13 PEV C . 4.30 -14.61 0.14
C14 PEV C . 5.06 -15.86 -0.52
C15 PEV C . 4.37 -17.23 -0.03
C16 PEV C . 5.52 -18.27 0.40
C17 PEV C . 5.11 -19.75 -0.08
C18 PEV C . 6.18 -20.28 -1.16
C19 PEV C . 7.01 -21.51 -0.56
C20 PEV C . 6.97 -22.77 -1.58
C21 PEV C . 8.46 -23.15 -2.00
C22 PEV C . 8.49 -23.73 -3.50
C23 PEV C . 9.46 -22.83 -4.39
C24 PEV C . 9.80 -23.59 -5.76
C25 PEV C . 11.26 -24.25 -5.65
C26 PEV C . 11.66 -24.92 -7.06
C1 POV D . 5.55 -9.15 -6.28
C2 POV D . 5.18 -8.61 -7.74
C3 POV D . 6.43 -8.88 -8.74
C210 POV D . 12.26 -4.01 -17.09
C310 POV D . -2.00 -4.89 -17.04
O11 POV D . 5.21 -8.09 -5.29
C211 POV D . 11.98 -3.00 -18.34
C311 POV D . -2.80 -4.80 -18.46
C212 POV D . 12.78 -1.60 -18.09
C312 POV D . -4.39 -4.46 -18.27
C213 POV D . 13.30 -0.93 -19.48
C313 POV D . -5.12 -4.21 -19.70
C214 POV D . 12.09 -0.19 -20.29
C314 POV D . -6.75 -4.20 -19.59
C215 POV D . 12.41 1.38 -20.59
C315 POV D . -7.45 -4.11 -21.04
C216 POV D . 12.93 1.63 -22.12
C316 POV D . -9.02 -4.49 -20.99
C217 POV D . 11.94 2.59 -22.96
C218 POV D . 10.39 2.18 -22.79
C21 POV D . 4.95 -6.42 -8.96
O21 POV D . 4.89 -7.17 -7.65
C22 POV D . 6.30 -5.61 -9.39
O22 POV D . 3.96 -6.43 -9.73
C23 POV D . 6.48 -5.44 -11.01
C24 POV D . 7.98 -4.91 -11.39
C25 POV D . 8.45 -5.33 -12.91
C26 POV D . 9.53 -4.26 -13.53
C27 POV D . 8.98 -3.56 -14.91
C28 POV D . 10.17 -2.98 -15.90
C29 POV D . 11.42 -3.99 -15.97
C31 POV D . 6.51 -9.71 -11.14
O31 POV D . 5.97 -8.71 -10.16
C32 POV D . 6.84 -9.22 -12.68
O32 POV D . 6.69 -10.89 -10.80
C33 POV D . 5.51 -9.24 -13.64
C34 POV D . 5.10 -7.74 -14.14
C35 POV D . 3.92 -7.75 -15.28
C36 POV D . 2.84 -6.53 -15.06
C37 POV D . 1.84 -6.38 -16.35
C38 POV D . 0.37 -5.75 -15.96
C39 POV D . -0.40 -5.18 -17.29
C210 POV E . 1.29 0.60 -19.05
C211 POV E . 2.88 0.20 -18.97
C212 POV E . 3.86 1.50 -19.12
C213 POV E . 5.27 1.32 -18.30
C214 POV E . 5.97 2.75 -17.92
C215 POV E . 6.44 3.58 -19.25
C216 POV E . 6.23 5.20 -19.08
C21 POV E . -9.93 -0.13 -22.19
C22 POV E . -8.42 -0.61 -22.53
C23 POV E . -7.32 0.10 -21.58
C24 POV E . -5.81 -0.09 -22.15
C25 POV E . -4.71 0.65 -21.20
C26 POV E . -3.65 -0.39 -20.51
C27 POV E . -2.10 -0.14 -20.99
C28 POV E . -1.02 -0.60 -19.85
C29 POV E . 0.52 -0.20 -20.26
C1 PLM F . 22.86 25.66 -6.83
O1 PLM F . 24.00 25.30 -7.22
O2 PLM F . 22.37 26.82 -6.81
C2 PLM F . 21.96 24.50 -6.28
C3 PLM F . 22.65 23.51 -5.34
C4 PLM F . 21.69 22.70 -4.46
C5 PLM F . 20.87 21.65 -5.23
C6 PLM F . 19.61 21.17 -4.51
C7 PLM F . 18.76 20.21 -5.34
C8 PLM F . 17.27 20.18 -4.95
C9 PLM F . 16.45 19.19 -5.79
CA PLM F . 14.95 19.20 -5.47
CB PLM F . 14.17 18.08 -6.16
CC PLM F . 12.69 17.99 -5.74
CD PLM F . 11.85 19.20 -6.17
CE PLM F . 10.35 19.02 -5.92
CF PLM F . 9.50 20.17 -6.49
CG PLM F . 9.57 21.46 -5.64
C48 PEV G . 16.26 7.35 15.39
C47 PEV G . 14.82 7.92 15.81
C46 PEV G . 14.90 8.57 17.28
C45 PEV G . 13.88 7.82 18.26
C44 PEV G . 13.74 8.67 19.61
C43 PEV G . 12.39 9.54 19.54
C42 PEV G . 12.13 10.25 20.97
C41 PEV G . 11.58 11.73 20.71
C40 PEV G . 10.17 11.95 21.45
C39 PEV G . 9.72 13.48 21.21
C38 PEV G . 8.36 13.51 20.37
C37 PEV G . 8.13 14.98 19.77
C36 PEV G . 6.57 15.23 19.54
C35 PEV G . 6.18 16.72 20.01
C34 PEV G . 4.81 17.14 19.28
C33 PEV G . 3.74 17.66 20.36
C32 PEV G . 2.35 16.88 20.19
C31 PEV G . 1.20 17.74 20.89
O31 PEV G . 0.71 17.35 21.97
O2 PEV G . 0.68 18.94 20.22
C2 PEV G . -0.45 19.51 20.69
C1 PEV G . -1.64 18.52 20.79
O3P PEV G . -2.54 19.00 21.85
P PEV G . -4.24 18.69 21.68
O1P PEV G . -4.69 19.02 20.20
O2P PEV G . -5.05 19.60 22.70
O4P PEV G . -4.55 17.02 22.03
C4 PEV G . -5.28 16.69 23.25
C5 PEV G . -6.77 17.26 23.15
N6 PEV G . -7.76 16.13 23.44
C3 PEV G . -0.83 20.66 19.74
O3 PEV G . -1.58 20.13 18.59
C11 PEV G . -0.83 19.84 17.36
O11 PEV G . -0.99 18.76 16.78
C12 PEV G . 0.20 20.92 16.74
C13 PEV G . 1.07 20.22 15.59
C14 PEV G . 1.96 19.04 16.24
C15 PEV G . 1.49 17.59 15.72
C16 PEV G . 2.77 16.82 15.15
C17 PEV G . 2.53 15.23 15.16
C18 PEV G . 3.79 14.53 14.47
C19 PEV G . 4.89 14.18 15.60
C20 PEV G . 6.09 13.35 14.93
C21 PEV G . 6.52 12.14 15.89
C22 PEV G . 7.99 11.65 15.50
C23 PEV G . 9.02 12.03 16.68
C24 PEV G . 10.34 11.13 16.54
C25 PEV G . 11.26 11.74 15.38
C26 PEV G . 12.61 10.86 15.24
C1 PLM H . -7.69 -6.14 28.35
O1 PLM H . -7.91 -5.54 29.45
O2 PLM H . -8.04 -5.81 27.19
C2 PLM H . -6.87 -7.47 28.49
C3 PLM H . -5.64 -7.59 27.59
C4 PLM H . -4.46 -6.71 28.04
C5 PLM H . -3.49 -6.35 26.90
C6 PLM H . -2.95 -7.55 26.11
C7 PLM H . -1.90 -7.17 25.06
C8 PLM H . -1.25 -8.37 24.37
C9 PLM H . -0.11 -7.96 23.42
CA PLM H . 1.24 -7.74 24.12
CB PLM H . 2.11 -9.00 24.20
CC PLM H . 3.62 -8.69 24.29
CD PLM H . 4.51 -9.94 24.18
CE PLM H . 5.95 -9.61 23.74
CF PLM H . 6.83 -10.86 23.54
CG PLM H . 8.20 -10.55 22.94
C7 PLM I . -4.91 -11.74 28.88
C8 PLM I . -3.69 -11.21 28.10
C9 PLM I . -2.71 -12.30 27.71
CA PLM I . -1.57 -11.82 26.79
CB PLM I . -0.74 -12.97 26.20
CC PLM I . 0.70 -12.56 25.89
CD PLM I . 1.62 -13.75 25.57
CE PLM I . 3.05 -13.32 25.21
CF PLM I . 3.95 -14.47 24.76
CG PLM I . 5.34 -13.99 24.34
P POV J . -8.70 -24.79 24.82
C1 POV J . -7.36 -27.25 24.69
C2 POV J . -6.23 -27.83 25.67
C3 POV J . -4.89 -28.18 24.83
C310 POV J . 6.65 -25.92 19.13
O11 POV J . -7.24 -25.76 24.66
C311 POV J . 6.90 -25.99 17.52
O12 POV J . -9.08 -24.66 26.35
C312 POV J . 8.49 -26.04 17.14
O13 POV J . -9.89 -25.50 24.06
C313 POV J . 8.75 -25.84 15.54
O14 POV J . -8.43 -23.21 24.13
C314 POV J . 10.19 -26.42 15.07
C315 POV J . 10.54 -26.03 13.54
C316 POV J . 10.30 -27.27 12.52
C31 POV J . -2.42 -28.35 25.31
O31 POV J . -3.71 -27.63 25.59
C32 POV J . -1.18 -27.58 24.55
O32 POV J . -2.28 -29.54 25.66
C33 POV J . 0.14 -28.52 24.39
C34 POV J . 1.52 -27.74 24.79
C35 POV J . 2.76 -28.09 23.78
C36 POV J . 3.65 -26.77 23.39
C37 POV J . 4.72 -27.08 22.18
C38 POV J . 4.63 -25.98 20.96
C39 POV J . 5.21 -26.58 19.55
C1 PLM K . 23.78 -29.42 16.90
O1 PLM K . 24.44 -28.35 16.93
O2 PLM K . 23.72 -30.29 15.98
C2 PLM K . 22.91 -29.69 18.18
C3 PLM K . 21.46 -30.08 17.92
C4 PLM K . 20.65 -29.02 17.15
C5 PLM K . 19.16 -29.37 17.00
C6 PLM K . 18.32 -29.04 18.24
C7 PLM K . 16.85 -29.46 18.14
C8 PLM K . 16.02 -29.08 19.36
C9 PLM K . 14.54 -29.48 19.29
CA PLM K . 13.78 -29.24 20.60
CB PLM K . 12.32 -29.68 20.57
CC PLM K . 11.40 -28.73 19.76
CD PLM K . 9.91 -29.09 19.84
CE PLM K . 9.32 -29.03 21.26
CF PLM K . 7.80 -29.17 21.31
CG PLM K . 7.27 -29.46 22.72
C1 PLM L . -9.51 -29.23 -9.89
C2 PLM L . -9.33 -27.71 -10.22
C3 PLM L . -8.07 -27.05 -9.64
C4 PLM L . -7.23 -26.25 -10.65
C5 PLM L . -5.72 -26.36 -10.41
C6 PLM L . -4.84 -26.03 -11.63
C7 PLM L . -3.34 -26.07 -11.31
C8 PLM L . -2.46 -25.26 -12.27
C9 PLM L . -1.01 -25.17 -11.81
CA PLM L . 0.01 -25.82 -12.76
CB PLM L . 1.42 -25.22 -12.66
CC PLM L . 1.91 -24.57 -13.97
CD PLM L . 3.43 -24.29 -13.97
CE PLM L . 3.80 -22.87 -14.41
CF PLM L . 5.14 -22.78 -15.17
CG PLM L . 6.33 -22.42 -14.27
C1 PLM M . 19.91 -33.26 -22.50
O1 PLM M . 18.91 -33.89 -22.06
O2 PLM M . 20.96 -33.71 -23.04
C2 PLM M . 19.86 -31.69 -22.38
C3 PLM M . 18.49 -31.05 -22.57
C4 PLM M . 17.92 -30.37 -21.31
C5 PLM M . 17.17 -31.32 -20.37
C6 PLM M . 15.82 -30.78 -19.89
C7 PLM M . 14.68 -30.98 -20.92
C8 PLM M . 13.75 -29.76 -21.10
C9 PLM M . 12.27 -29.99 -20.71
CA PLM M . 11.71 -28.98 -19.70
CB PLM M . 10.27 -28.54 -20.03
CC PLM M . 9.55 -27.86 -18.85
CD PLM M . 8.11 -28.31 -18.68
C1 NAG N . -15.71 19.37 20.90
C2 NAG N . -15.35 18.33 21.98
C3 NAG N . -16.45 18.33 23.01
C4 NAG N . -16.62 19.74 23.56
C5 NAG N . -16.92 20.66 22.40
C6 NAG N . -17.17 22.08 22.87
C7 NAG N . -14.30 16.14 22.07
C8 NAG N . -14.36 14.71 21.65
N2 NAG N . -15.18 16.97 21.51
O3 NAG N . -16.13 17.42 24.06
O4 NAG N . -17.68 19.77 24.51
O5 NAG N . -15.81 20.64 21.52
O6 NAG N . -15.99 22.58 23.51
O7 NAG N . -13.50 16.52 22.91
C48 PEV O . -0.09 -11.92 16.89
C47 PEV O . 1.17 -11.18 17.55
C46 PEV O . 0.83 -9.62 17.70
C45 PEV O . 0.40 -9.29 19.21
C44 PEV O . 1.59 -8.92 20.23
C43 PEV O . 2.93 -8.41 19.51
C42 PEV O . 4.11 -8.44 20.59
C41 PEV O . 5.45 -7.85 19.92
C40 PEV O . 6.31 -9.08 19.36
C39 PEV O . 7.87 -8.83 19.61
C38 PEV O . 8.62 -9.12 18.23
C37 PEV O . 10.18 -8.73 18.32
C36 PEV O . 10.94 -9.10 16.95
C35 PEV O . 10.07 -8.67 15.67
C34 PEV O . 10.74 -9.22 14.33
C33 PEV O . 9.62 -9.27 13.19
C32 PEV O . 10.20 -10.01 11.90
C31 PEV O . 10.33 -8.95 10.69
O31 PEV O . 9.33 -8.29 10.35
O2 PEV O . 11.61 -8.76 10.01
C2 PEV O . 11.70 -9.26 8.77
C1 PEV O . 10.86 -8.42 7.80
O3P PEV O . 9.86 -9.26 7.12
P PEV O . 8.24 -8.68 6.96
O1P PEV O . 8.24 -7.09 6.94
O2P PEV O . 7.37 -9.18 8.19
O4P PEV O . 7.56 -9.30 5.50
C4 PEV O . 6.52 -10.33 5.59
C5 PEV O . 6.70 -11.37 4.38
N6 PEV O . 5.65 -12.48 4.52
C3 PEV O . 11.23 -10.73 8.74
O3 PEV O . 11.72 -11.43 9.94
C11 PEV O . 12.92 -12.26 9.76
O11 PEV O . 13.40 -12.45 8.62
C12 PEV O . 13.62 -12.91 11.04
C13 PEV O . 12.45 -13.42 12.02
C14 PEV O . 13.05 -14.41 13.13
C15 PEV O . 12.77 -13.81 14.60
C16 PEV O . 12.60 -14.97 15.70
C17 PEV O . 13.61 -16.20 15.49
C18 PEV O . 12.93 -17.59 15.96
C19 PEV O . 12.06 -17.42 17.31
C20 PEV O . 11.09 -18.67 17.49
C21 PEV O . 10.46 -18.60 18.96
C22 PEV O . 8.93 -19.07 18.93
C23 PEV O . 8.02 -17.94 19.61
C24 PEV O . 6.80 -18.63 20.38
C25 PEV O . 5.89 -17.49 21.05
C26 PEV O . 6.34 -17.27 22.57
C1 NAG P . -33.62 -23.02 -15.90
C2 NAG P . -35.05 -22.78 -15.44
C3 NAG P . -35.90 -23.99 -15.84
C4 NAG P . -35.73 -24.29 -17.33
C5 NAG P . -34.24 -24.36 -17.69
C6 NAG P . -33.99 -24.53 -19.17
C7 NAG P . -35.99 -21.80 -13.37
C8 NAG P . -36.99 -21.08 -14.23
N2 NAG P . -35.10 -22.59 -13.99
O3 NAG P . -37.28 -23.77 -15.55
O4 NAG P . -36.34 -25.54 -17.64
O5 NAG P . -33.60 -23.14 -17.30
O6 NAG P . -32.64 -24.24 -19.50
O7 NAG P . -35.99 -21.66 -12.15
C1 CLR Q . 8.75 3.14 3.79
C2 CLR Q . 8.88 1.63 3.67
C3 CLR Q . 7.84 1.07 2.71
C4 CLR Q . 8.04 1.67 1.33
C5 CLR Q . 8.06 3.19 1.43
C6 CLR Q . 7.27 3.88 0.59
C7 CLR Q . 7.22 5.39 0.59
C8 CLR Q . 8.47 5.96 1.23
C9 CLR Q . 8.70 5.32 2.59
C10 CLR Q . 8.97 3.82 2.44
C11 CLR Q . 9.81 6.01 3.40
C12 CLR Q . 9.68 7.52 3.44
C13 CLR Q . 9.60 8.03 2.01
C14 CLR Q . 8.35 7.47 1.41
C15 CLR Q . 8.13 8.31 0.15
C16 CLR Q . 8.66 9.69 0.53
C17 CLR Q . 9.45 9.53 1.82
C18 CLR Q . 10.82 7.55 1.24
C19 CLR Q . 10.40 3.57 1.97
C20 CLR Q . 10.77 10.29 1.79
C21 CLR Q . 11.57 10.05 3.08
C22 CLR Q . 10.54 11.78 1.56
C23 CLR Q . 9.62 12.36 2.62
C24 CLR Q . 9.00 13.67 2.14
C25 CLR Q . 9.95 14.84 2.31
C26 CLR Q . 11.16 14.71 1.39
C27 CLR Q . 9.23 16.16 2.06
O1 CLR Q . 7.96 -0.35 2.63
C1 NAG R . -33.66 36.63 6.06
C2 NAG R . -34.27 38.04 5.98
C3 NAG R . -35.60 38.08 6.73
C4 NAG R . -35.60 37.05 7.85
C5 NAG R . -34.19 36.91 8.42
C6 NAG R . -34.15 35.99 9.62
C7 NAG R . -32.04 39.05 6.32
C8 NAG R . -31.28 40.19 6.98
N2 NAG R . -33.36 39.04 6.51
O3 NAG R . -36.66 37.80 5.83
O4 NAG R . -36.54 37.37 8.86
O5 NAG R . -33.32 36.33 7.44
O6 NAG R . -34.35 36.71 10.82
O7 NAG R . -31.46 38.20 5.64
C1 NAG S . -27.36 29.83 -16.37
C2 NAG S . -26.70 30.74 -17.41
C3 NAG S . -27.64 30.95 -18.59
C4 NAG S . -27.86 29.63 -19.26
C5 NAG S . -28.27 28.59 -18.23
C6 NAG S . -28.26 27.20 -18.82
C7 NAG S . -25.04 32.39 -16.77
C8 NAG S . -24.79 33.78 -16.28
N2 NAG S . -26.32 32.04 -16.91
O3 NAG S . -27.06 31.88 -19.51
O4 NAG S . -28.91 29.76 -20.23
O5 NAG S . -27.36 28.60 -17.10
O6 NAG S . -28.83 26.31 -17.86
O7 NAG S . -24.11 31.64 -17.00
C1 NAG T . -33.93 44.60 -22.71
C2 NAG T . -33.27 45.19 -23.96
C3 NAG T . -33.75 44.44 -25.19
C4 NAG T . -35.19 43.97 -24.96
C5 NAG T . -35.91 44.95 -24.05
C6 NAG T . -37.39 44.61 -23.88
C7 NAG T . -32.82 47.46 -24.83
C8 NAG T . -31.66 46.86 -25.56
N2 NAG T . -33.55 46.62 -24.07
O3 NAG T . -32.91 43.32 -25.44
O4 NAG T . -35.87 43.89 -26.21
O5 NAG T . -35.35 44.91 -22.72
O6 NAG T . -38.04 44.55 -25.15
O7 NAG T . -33.09 48.65 -24.90
#